data_6LB8
#
_entry.id   6LB8
#
_cell.length_a   79.339
_cell.length_b   133.296
_cell.length_c   178.023
_cell.angle_alpha   90.000
_cell.angle_beta   90.000
_cell.angle_gamma   90.000
#
_symmetry.space_group_name_H-M   'P 21 21 21'
#
loop_
_entity.id
_entity.type
_entity.pdbx_description
1 polymer 'Endolysin,Calcium uptake protein 1, mitochondrial'
2 polymer 'Calcium uptake protein 2, mitochondrial'
#
loop_
_entity_poly.entity_id
_entity_poly.type
_entity_poly.pdbx_seq_one_letter_code
_entity_poly.pdbx_strand_id
1 'polypeptide(L)'
;MGHHHHHHMNIFEMLRIDEGLRLKIYKDTEGYYTIGIGHLLTKSPSLNAAKSELDKAIGRNTNGVITKDEAEKLFNQDVD
AAVRGILRNAKLKPVYDSLDAVRRAALINMVFQMGETGVAGFTNSLRMLQQKRWDEAAVNLAKSRWYNQTPNRAKRVITT
FRTGTWDAYHMEEKKKKRSGFRDRKVMEYENRIRAYSTPDKIFRYFATLKVISEPGEAEVFMTPEDFVRSITPNEKQPEH
LGLDQYIIKRFDGKKISQEREKFADEGSIFYTLGECGLISFSDYIFLTTVLSTPQRNFEIAFKMFDLNGDGEVDMEEFEQ
VQSIIRSQTSMGMRHRDRPTTGNTLKSGLCSALTTYFFGADLKGKLTIKNFLEFQRKLQHDVLKLEFERHDPVDGRITER
QFGGMLLAYSGVQSKKLTAMQRQLKKHFKEGKGLTFQEVENFFTFLKNINDVDTALSFYHMAGASLDKVTMQQVARTVAK
VELSDHVCDVVFALFDCDGNGELSNKEFVSIMKQRLMRGGSGSGSGS
;
A,C
2 'polypeptide(L)'
;GSGSGSGSLRKQRFMQFSSLEHEGEYYMTPRDFLFSVMFEQMERKTSVKKLTKKDIEDTLSGIQTAGCGSTFFRDLGDKG
LISYTEYLFLLTILTKPHSGFHVAFKMLDTDGNEMIEKREFFKLQKIISKQDDLMTVKTNETGYQEAIVKEPEINTTLQM
RFFGKRGQRKLHYKEFRRFMENLQTEIQEMEFLQFSKGLSFMRKEDFAEWLLFFTNTENKDIYWKNVREKLSAGESISLD
EFKSFCHFTTHLEDFAIAMQMFSLAHRPVRLAEFKRAVKVATGQELSNNILDTVFKIFDLDGDECLSHEEFLGVLKNRMH
RGLWVPQHQS
;
B,D
#
# COMPACT_ATOMS: atom_id res chain seq x y z
N MET A 9 20.95 47.34 9.99
CA MET A 9 19.77 48.15 9.69
C MET A 9 20.07 49.60 9.29
N ASN A 10 19.60 49.96 8.10
CA ASN A 10 19.76 51.30 7.59
C ASN A 10 18.76 51.51 6.47
N ILE A 11 18.80 52.72 5.88
CA ILE A 11 17.96 53.05 4.75
C ILE A 11 18.01 51.99 3.66
N PHE A 12 19.18 51.40 3.39
CA PHE A 12 19.23 50.36 2.35
C PHE A 12 18.33 49.19 2.71
N GLU A 13 18.50 48.67 3.92
CA GLU A 13 17.70 47.54 4.38
C GLU A 13 16.24 47.93 4.56
N MET A 14 15.99 49.13 5.06
CA MET A 14 14.63 49.62 5.17
C MET A 14 13.96 49.62 3.79
N LEU A 15 14.50 50.41 2.88
CA LEU A 15 13.96 50.53 1.54
C LEU A 15 14.11 49.27 0.73
N ARG A 16 14.74 48.25 1.26
CA ARG A 16 14.77 46.96 0.59
C ARG A 16 13.59 46.12 1.03
N ILE A 17 12.99 46.44 2.15
CA ILE A 17 11.81 45.74 2.64
C ILE A 17 10.53 46.37 2.11
N ASP A 18 10.46 47.70 2.09
CA ASP A 18 9.29 48.38 1.57
C ASP A 18 9.20 48.26 0.05
N GLU A 19 10.23 48.69 -0.65
CA GLU A 19 10.39 48.44 -2.08
C GLU A 19 11.18 47.14 -2.20
N GLY A 20 10.55 46.06 -2.64
CA GLY A 20 11.29 44.83 -2.85
C GLY A 20 12.46 45.06 -3.78
N LEU A 21 13.46 44.19 -3.71
CA LEU A 21 14.62 44.26 -4.59
C LEU A 21 14.42 43.30 -5.77
N ARG A 22 14.30 43.87 -6.96
CA ARG A 22 14.04 43.15 -8.20
C ARG A 22 15.27 43.19 -9.10
N LEU A 23 15.66 42.03 -9.61
CA LEU A 23 16.87 41.93 -10.43
C LEU A 23 16.60 42.24 -11.89
N LYS A 24 15.37 42.06 -12.36
CA LYS A 24 15.06 42.24 -13.77
C LYS A 24 14.07 43.38 -13.98
N ILE A 25 14.17 43.99 -15.17
CA ILE A 25 13.43 45.20 -15.50
C ILE A 25 11.93 45.00 -15.28
N TYR A 26 11.22 46.10 -14.99
CA TYR A 26 9.78 46.08 -14.81
C TYR A 26 9.23 47.51 -14.86
N LYS A 27 7.92 47.62 -14.63
CA LYS A 27 7.20 48.89 -14.57
C LYS A 27 6.63 49.08 -13.18
N ASP A 28 6.86 50.25 -12.59
CA ASP A 28 6.31 50.51 -11.27
C ASP A 28 4.81 50.79 -11.42
N THR A 29 4.20 51.39 -10.40
CA THR A 29 2.75 51.55 -10.38
C THR A 29 2.29 52.38 -11.57
N GLU A 30 2.90 53.54 -11.79
CA GLU A 30 2.61 54.27 -13.01
C GLU A 30 3.35 53.60 -14.17
N GLY A 31 3.26 54.20 -15.36
CA GLY A 31 3.70 53.50 -16.56
C GLY A 31 5.20 53.26 -16.67
N TYR A 32 6.01 54.04 -15.96
CA TYR A 32 7.43 54.17 -16.29
C TYR A 32 8.19 52.87 -16.04
N TYR A 33 9.34 52.75 -16.69
CA TYR A 33 10.15 51.54 -16.57
C TYR A 33 11.07 51.64 -15.37
N THR A 34 11.31 50.50 -14.72
CA THR A 34 12.03 50.50 -13.45
C THR A 34 12.71 49.15 -13.22
N ILE A 35 13.88 49.21 -12.56
CA ILE A 35 14.68 48.05 -12.20
C ILE A 35 15.33 48.34 -10.85
N GLY A 36 15.85 47.29 -10.20
CA GLY A 36 16.63 47.45 -8.99
C GLY A 36 15.76 47.54 -7.75
N ILE A 37 16.22 48.35 -6.80
CA ILE A 37 15.37 48.76 -5.68
C ILE A 37 14.71 50.06 -6.13
N GLY A 38 13.51 49.94 -6.69
CA GLY A 38 12.70 51.10 -7.07
C GLY A 38 13.41 52.15 -7.89
N HIS A 39 14.35 51.73 -8.74
CA HIS A 39 15.13 52.65 -9.56
C HIS A 39 14.52 52.79 -10.94
N LEU A 40 14.04 53.99 -11.23
CA LEU A 40 13.40 54.34 -12.51
C LEU A 40 14.45 54.67 -13.57
N LEU A 41 14.50 53.84 -14.62
CA LEU A 41 15.37 54.06 -15.77
C LEU A 41 15.00 55.33 -16.50
N THR A 42 13.89 55.31 -17.21
CA THR A 42 13.40 56.52 -17.85
C THR A 42 11.90 56.40 -18.02
N LYS A 43 11.26 57.53 -18.27
CA LYS A 43 9.82 57.57 -18.45
C LYS A 43 9.38 57.32 -19.89
N SER A 44 10.33 57.10 -20.81
CA SER A 44 9.99 56.77 -22.20
C SER A 44 9.12 55.52 -22.23
N PRO A 45 8.41 55.28 -23.33
CA PRO A 45 7.58 54.08 -23.41
C PRO A 45 8.34 52.86 -23.90
N SER A 46 9.44 53.07 -24.61
CA SER A 46 10.13 51.93 -25.24
C SER A 46 10.96 51.17 -24.21
N LEU A 47 10.76 49.86 -24.15
CA LEU A 47 11.65 49.03 -23.34
C LEU A 47 13.08 49.17 -23.79
N ASN A 48 13.31 49.35 -25.09
CA ASN A 48 14.67 49.35 -25.61
C ASN A 48 15.47 50.54 -25.08
N ALA A 49 14.84 51.71 -24.94
CA ALA A 49 15.53 52.83 -24.32
C ALA A 49 15.91 52.52 -22.88
N ALA A 50 15.06 51.75 -22.18
CA ALA A 50 15.35 51.40 -20.80
C ALA A 50 16.62 50.56 -20.74
N LYS A 51 16.68 49.46 -21.50
CA LYS A 51 17.89 48.65 -21.51
C LYS A 51 19.10 49.51 -21.82
N SER A 52 19.07 50.23 -22.95
CA SER A 52 20.19 51.09 -23.28
C SER A 52 20.45 52.20 -22.27
N GLU A 53 19.38 52.72 -21.64
CA GLU A 53 19.57 53.68 -20.54
C GLU A 53 20.13 52.98 -19.31
N LEU A 54 19.65 51.78 -19.01
CA LEU A 54 20.14 51.02 -17.86
C LEU A 54 21.64 50.83 -17.94
N ASP A 55 22.15 50.48 -19.12
CA ASP A 55 23.56 50.21 -19.33
C ASP A 55 24.43 51.46 -19.31
N LYS A 56 23.83 52.64 -19.38
CA LYS A 56 24.62 53.88 -19.40
C LYS A 56 25.14 54.23 -18.01
N ALA A 57 24.52 53.70 -16.96
CA ALA A 57 24.99 53.87 -15.59
C ALA A 57 25.21 52.54 -14.89
N ILE A 58 25.34 51.45 -15.64
CA ILE A 58 25.84 50.18 -15.13
C ILE A 58 27.04 49.73 -15.94
N GLY A 59 26.85 49.51 -17.24
CA GLY A 59 27.92 49.01 -18.11
C GLY A 59 28.08 47.50 -18.09
N ASN A 61 26.29 45.25 -20.08
CA ASN A 61 25.03 45.31 -20.82
C ASN A 61 24.04 44.24 -20.36
N THR A 62 23.95 44.06 -19.05
CA THR A 62 23.22 42.95 -18.46
C THR A 62 22.03 43.45 -17.66
N ASN A 63 20.87 42.81 -17.84
CA ASN A 63 19.67 43.09 -17.04
C ASN A 63 19.68 42.23 -15.78
N GLY A 64 20.66 42.51 -14.92
CA GLY A 64 20.79 41.80 -13.66
C GLY A 64 21.36 42.66 -12.56
N ASP A 69 23.51 41.73 -9.00
CA ASP A 69 22.87 41.69 -7.70
C ASP A 69 23.58 42.68 -6.77
N GLU A 70 24.89 42.48 -6.68
CA GLU A 70 25.80 43.36 -5.89
C GLU A 70 25.87 44.68 -6.64
N ALA A 71 25.34 44.77 -7.85
CA ALA A 71 25.30 46.01 -8.65
C ALA A 71 24.08 46.87 -8.25
N GLU A 72 24.11 47.08 -6.94
CA GLU A 72 23.18 47.80 -6.05
C GLU A 72 23.79 49.14 -5.65
N LYS A 73 24.74 49.55 -6.47
CA LYS A 73 25.29 50.92 -6.37
C LYS A 73 24.15 51.83 -6.80
N LEU A 74 23.22 51.33 -7.61
CA LEU A 74 22.08 52.11 -8.13
C LEU A 74 21.29 52.63 -6.93
N PHE A 75 21.02 51.77 -5.96
CA PHE A 75 20.29 52.26 -4.77
C PHE A 75 21.19 53.29 -4.12
N ASN A 76 22.48 53.04 -4.12
CA ASN A 76 23.34 53.97 -3.40
C ASN A 76 23.41 55.33 -4.08
N GLN A 77 23.42 55.36 -5.40
CA GLN A 77 23.43 56.65 -6.09
C GLN A 77 22.07 57.33 -5.98
N ASP A 78 21.00 56.54 -5.98
CA ASP A 78 19.67 57.12 -5.84
C ASP A 78 19.51 57.83 -4.51
N VAL A 79 19.78 57.13 -3.40
CA VAL A 79 19.72 57.77 -2.10
C VAL A 79 20.48 59.08 -2.10
N ASP A 80 21.68 59.09 -2.68
CA ASP A 80 22.46 60.32 -2.76
C ASP A 80 21.73 61.39 -3.54
N ALA A 81 21.04 61.01 -4.61
CA ALA A 81 20.24 61.99 -5.34
C ALA A 81 19.01 62.38 -4.53
N ALA A 82 18.41 61.43 -3.81
CA ALA A 82 17.27 61.74 -2.98
C ALA A 82 17.66 62.72 -1.88
N VAL A 83 18.73 62.42 -1.16
CA VAL A 83 19.21 63.35 -0.15
C VAL A 83 19.44 64.71 -0.77
N ARG A 84 20.05 64.73 -1.96
CA ARG A 84 20.42 66.00 -2.56
C ARG A 84 19.19 66.78 -3.01
N GLY A 85 18.26 66.07 -3.66
CA GLY A 85 17.03 66.72 -4.08
C GLY A 85 16.21 67.22 -2.91
N ILE A 86 16.21 66.46 -1.82
CA ILE A 86 15.63 66.94 -0.56
C ILE A 86 16.25 68.27 -0.16
N LEU A 87 17.56 68.42 -0.35
CA LEU A 87 18.25 69.54 0.26
C LEU A 87 18.25 70.79 -0.59
N ARG A 88 18.01 70.71 -1.88
CA ARG A 88 17.84 71.94 -2.64
C ARG A 88 16.38 72.37 -2.71
N ASN A 89 15.49 71.64 -2.05
CA ASN A 89 14.06 71.88 -2.12
C ASN A 89 13.62 72.69 -0.91
N ALA A 90 12.99 73.84 -1.18
CA ALA A 90 12.73 74.83 -0.15
C ALA A 90 11.76 74.34 0.92
N LYS A 91 10.99 73.29 0.67
CA LYS A 91 10.04 72.82 1.66
C LYS A 91 10.53 71.57 2.38
N LEU A 92 11.23 70.69 1.66
CA LEU A 92 11.78 69.50 2.29
C LEU A 92 13.00 69.82 3.14
N LYS A 93 13.77 70.85 2.80
CA LYS A 93 15.06 71.02 3.49
C LYS A 93 14.92 71.44 4.94
N PRO A 94 14.09 72.39 5.30
CA PRO A 94 14.01 72.77 6.71
C PRO A 94 13.73 71.59 7.62
N VAL A 95 12.83 70.71 7.23
CA VAL A 95 12.44 69.58 8.06
C VAL A 95 13.58 68.58 8.19
N TYR A 96 14.11 68.15 7.05
CA TYR A 96 15.15 67.12 7.04
C TYR A 96 16.30 67.52 7.93
N ASP A 97 16.76 68.76 7.83
CA ASP A 97 17.90 69.18 8.65
C ASP A 97 17.63 69.03 10.14
N SER A 98 16.36 69.10 10.55
CA SER A 98 16.03 69.04 11.96
C SER A 98 15.82 67.63 12.46
N LEU A 99 15.73 66.64 11.57
CA LEU A 99 15.47 65.28 11.99
C LEU A 99 16.78 64.50 12.23
N ASP A 100 16.69 63.51 13.11
CA ASP A 100 17.83 62.70 13.46
C ASP A 100 18.14 61.70 12.35
N ALA A 101 19.12 60.83 12.58
CA ALA A 101 19.55 59.89 11.56
C ALA A 101 18.41 59.04 11.06
N VAL A 102 17.45 58.69 11.93
CA VAL A 102 16.45 57.67 11.63
C VAL A 102 15.25 58.29 10.93
N ARG A 103 14.70 59.35 11.52
CA ARG A 103 13.59 60.04 10.87
C ARG A 103 13.99 60.54 9.49
N ARG A 104 15.24 60.94 9.31
CA ARG A 104 15.73 61.23 7.98
C ARG A 104 15.54 60.04 7.06
N ALA A 105 15.80 58.85 7.56
CA ALA A 105 15.61 57.69 6.70
C ALA A 105 14.16 57.54 6.30
N ALA A 106 13.23 57.81 7.23
CA ALA A 106 11.81 57.71 6.89
C ALA A 106 11.44 58.72 5.81
N LEU A 107 12.00 59.93 5.87
CA LEU A 107 11.63 60.91 4.86
C LEU A 107 12.26 60.59 3.51
N ILE A 108 13.50 60.12 3.50
CA ILE A 108 14.06 59.62 2.24
C ILE A 108 13.20 58.49 1.72
N ASN A 109 12.65 57.68 2.61
CA ASN A 109 11.81 56.59 2.16
C ASN A 109 10.58 57.12 1.44
N MET A 110 9.92 58.15 2.00
CA MET A 110 8.74 58.71 1.34
C MET A 110 9.11 59.31 0.00
N VAL A 111 10.24 60.00 -0.06
CA VAL A 111 10.71 60.56 -1.33
C VAL A 111 10.92 59.47 -2.36
N PHE A 112 11.50 58.36 -1.94
CA PHE A 112 11.60 57.21 -2.82
C PHE A 112 10.24 56.82 -3.36
N GLN A 113 9.22 56.82 -2.51
CA GLN A 113 7.96 56.22 -2.94
C GLN A 113 7.22 57.14 -3.88
N MET A 114 7.29 58.46 -3.66
CA MET A 114 6.58 59.41 -4.51
C MET A 114 7.40 60.58 -5.02
N GLY A 115 8.68 60.68 -4.73
CA GLY A 115 9.44 61.81 -5.23
C GLY A 115 9.16 63.09 -4.47
N GLU A 116 10.11 64.00 -4.54
CA GLU A 116 10.13 65.11 -3.59
C GLU A 116 8.90 66.00 -3.73
N THR A 117 8.33 66.10 -4.93
CA THR A 117 7.19 66.99 -5.09
C THR A 117 5.98 66.47 -4.33
N GLY A 118 5.74 65.16 -4.39
CA GLY A 118 4.61 64.59 -3.67
C GLY A 118 4.78 64.66 -2.15
N VAL A 119 5.95 64.24 -1.67
CA VAL A 119 6.29 64.35 -0.24
C VAL A 119 6.08 65.77 0.25
N ALA A 120 6.69 66.74 -0.43
CA ALA A 120 6.67 68.11 0.01
C ALA A 120 5.26 68.67 0.15
N GLY A 121 4.24 67.95 -0.29
CA GLY A 121 2.85 68.35 -0.20
C GLY A 121 2.13 67.96 1.07
N PHE A 122 2.82 67.28 1.98
CA PHE A 122 2.33 67.04 3.33
C PHE A 122 2.80 68.19 4.21
N THR A 123 2.24 69.38 3.97
CA THR A 123 2.80 70.57 4.58
C THR A 123 2.51 70.70 6.08
N ASN A 124 1.47 70.05 6.60
CA ASN A 124 1.21 70.15 8.04
C ASN A 124 1.98 69.09 8.80
N SER A 125 1.85 67.83 8.38
CA SER A 125 2.67 66.78 8.94
C SER A 125 4.14 67.16 8.90
N LEU A 126 4.64 67.53 7.71
CA LEU A 126 6.01 68.00 7.61
C LEU A 126 6.29 69.08 8.63
N ARG A 127 5.38 70.05 8.75
CA ARG A 127 5.56 71.11 9.74
C ARG A 127 5.53 70.57 11.17
N MET A 128 4.80 69.48 11.41
CA MET A 128 4.79 68.91 12.75
C MET A 128 6.11 68.25 13.07
N LEU A 129 6.62 67.46 12.13
CA LEU A 129 7.89 66.80 12.35
C LEU A 129 9.01 67.81 12.60
N GLN A 130 8.88 69.02 12.09
CA GLN A 130 9.89 70.03 12.36
C GLN A 130 9.74 70.60 13.77
N GLN A 131 8.52 70.67 14.28
CA GLN A 131 8.28 71.07 15.65
C GLN A 131 8.23 69.88 16.58
N LYS A 132 8.72 68.72 16.13
CA LYS A 132 8.97 67.54 16.95
C LYS A 132 7.71 67.00 17.62
N ARG A 133 6.55 67.25 17.02
CA ARG A 133 5.28 66.74 17.50
C ARG A 133 5.05 65.37 16.90
N TRP A 134 5.70 64.37 17.47
CA TRP A 134 5.71 63.06 16.82
C TRP A 134 4.32 62.44 16.77
N ASP A 135 3.60 62.41 17.89
CA ASP A 135 2.31 61.73 17.91
C ASP A 135 1.32 62.42 16.98
N GLU A 136 1.34 63.75 16.93
CA GLU A 136 0.45 64.46 16.03
C GLU A 136 0.70 64.05 14.58
N ALA A 137 1.94 64.21 14.12
CA ALA A 137 2.27 63.91 12.73
C ALA A 137 1.94 62.48 12.38
N ALA A 138 2.04 61.59 13.35
CA ALA A 138 1.73 60.20 13.06
C ALA A 138 0.21 59.98 13.00
N VAL A 139 -0.55 60.73 13.79
CA VAL A 139 -1.99 60.58 13.73
C VAL A 139 -2.51 61.17 12.45
N ASN A 140 -1.89 62.26 11.99
CA ASN A 140 -2.37 62.99 10.84
C ASN A 140 -1.99 62.28 9.55
N LEU A 141 -0.77 61.74 9.51
CA LEU A 141 -0.29 61.06 8.31
C LEU A 141 -1.11 59.82 8.04
N ALA A 142 -1.54 59.13 9.09
CA ALA A 142 -2.30 57.90 8.92
C ALA A 142 -3.63 58.14 8.26
N LYS A 143 -4.05 59.38 8.11
CA LYS A 143 -5.37 59.71 7.59
C LYS A 143 -5.44 59.85 6.09
N SER A 144 -4.35 59.67 5.36
CA SER A 144 -4.18 60.18 4.00
C SER A 144 -4.34 59.09 2.93
N ARG A 145 -4.55 59.51 1.66
CA ARG A 145 -4.60 58.52 0.58
C ARG A 145 -3.32 57.73 0.59
N TRP A 146 -2.20 58.41 0.80
CA TRP A 146 -0.91 57.74 0.76
C TRP A 146 -0.99 56.49 1.59
N TYR A 147 -1.45 56.64 2.83
CA TYR A 147 -1.53 55.50 3.72
C TYR A 147 -2.58 54.53 3.21
N ASN A 148 -3.72 55.05 2.76
CA ASN A 148 -4.79 54.23 2.18
C ASN A 148 -4.29 53.33 1.06
N GLN A 149 -3.39 53.82 0.24
CA GLN A 149 -2.98 53.05 -0.92
C GLN A 149 -1.99 51.96 -0.54
N THR A 150 -1.09 52.23 0.40
CA THR A 150 -0.04 51.30 0.82
C THR A 150 0.05 51.33 2.32
N PRO A 151 -0.90 50.71 3.02
CA PRO A 151 -1.05 50.97 4.46
C PRO A 151 0.01 50.30 5.30
N ASN A 152 0.67 49.29 4.77
CA ASN A 152 1.66 48.57 5.56
C ASN A 152 3.00 49.29 5.53
N ARG A 153 3.41 49.74 4.34
CA ARG A 153 4.58 50.59 4.22
C ARG A 153 4.43 51.84 5.04
N ALA A 154 3.25 52.46 4.97
CA ALA A 154 3.01 53.71 5.67
C ALA A 154 3.08 53.54 7.18
N LYS A 155 2.58 52.41 7.71
CA LYS A 155 2.62 52.22 9.15
C LYS A 155 4.05 52.07 9.65
N ARG A 156 4.92 51.40 8.88
CA ARG A 156 6.33 51.33 9.25
C ARG A 156 6.98 52.70 9.18
N VAL A 157 6.68 53.43 8.12
CA VAL A 157 7.27 54.75 7.99
C VAL A 157 6.76 55.64 9.11
N ILE A 158 5.47 55.54 9.45
CA ILE A 158 4.88 56.45 10.42
C ILE A 158 5.32 56.10 11.85
N THR A 159 5.38 54.80 12.17
CA THR A 159 6.11 54.38 13.36
C THR A 159 7.51 54.96 13.37
N THR A 160 8.27 54.76 12.30
CA THR A 160 9.65 55.25 12.27
C THR A 160 9.69 56.75 12.42
N PHE A 161 8.64 57.45 11.99
CA PHE A 161 8.55 58.87 12.28
C PHE A 161 8.21 59.09 13.74
N ARG A 162 7.30 58.29 14.28
CA ARG A 162 6.73 58.66 15.56
C ARG A 162 7.67 58.33 16.72
N THR A 163 8.51 57.32 16.57
CA THR A 163 9.30 56.78 17.65
C THR A 163 10.79 56.99 17.51
N GLY A 164 11.29 57.28 16.31
CA GLY A 164 12.71 57.53 16.14
C GLY A 164 13.56 56.29 15.97
N THR A 165 12.94 55.13 15.84
CA THR A 165 13.62 53.84 15.94
C THR A 165 13.22 52.93 14.81
N TRP A 166 14.09 51.97 14.52
CA TRP A 166 13.91 50.98 13.48
C TRP A 166 12.98 49.86 13.88
N ASP A 167 12.26 49.98 15.00
CA ASP A 167 11.47 48.88 15.54
C ASP A 167 10.39 48.42 14.56
N ALA A 168 9.93 49.32 13.69
CA ALA A 168 8.91 48.94 12.74
C ALA A 168 9.43 47.88 11.79
N TYR A 169 10.73 47.91 11.52
CA TYR A 169 11.30 47.09 10.47
C TYR A 169 11.98 45.84 11.02
N HIS A 170 12.55 45.91 12.21
CA HIS A 170 13.05 44.69 12.83
C HIS A 170 11.98 43.61 12.86
N MET A 171 10.74 44.00 13.11
CA MET A 171 9.61 43.06 13.15
C MET A 171 9.44 42.42 11.77
N GLU A 172 9.54 43.17 10.69
CA GLU A 172 9.37 42.58 9.34
C GLU A 172 10.72 42.12 8.81
N GLU A 173 11.81 42.61 9.34
CA GLU A 173 13.12 42.17 8.80
C GLU A 173 13.25 40.70 9.09
N LYS A 174 12.44 40.17 9.98
CA LYS A 174 12.65 38.76 10.36
C LYS A 174 12.10 37.94 9.22
N LYS A 175 13.00 37.48 8.37
CA LYS A 175 12.81 36.70 7.12
C LYS A 175 11.43 36.03 7.05
N SER A 179 18.79 30.61 10.19
CA SER A 179 17.59 30.76 11.02
C SER A 179 16.55 29.69 10.67
N GLY A 180 16.64 29.08 9.52
CA GLY A 180 15.58 28.13 9.16
C GLY A 180 15.47 27.04 10.21
N PHE A 181 16.55 26.55 10.76
CA PHE A 181 16.43 25.44 11.74
C PHE A 181 15.65 25.86 12.99
N ARG A 182 15.87 26.98 13.64
CA ARG A 182 15.05 27.22 14.86
C ARG A 182 13.58 27.39 14.49
N ASP A 183 13.29 28.11 13.42
CA ASP A 183 11.89 28.37 12.98
C ASP A 183 11.27 27.09 12.44
N ARG A 184 11.99 26.28 11.72
CA ARG A 184 11.33 25.04 11.25
C ARG A 184 10.98 24.22 12.48
N LYS A 185 11.81 24.22 13.49
CA LYS A 185 11.51 23.32 14.59
C LYS A 185 10.15 23.61 15.19
N VAL A 186 9.76 24.90 15.26
CA VAL A 186 8.43 25.24 15.76
C VAL A 186 7.36 24.97 14.73
N MET A 187 7.67 25.07 13.44
CA MET A 187 6.70 24.63 12.45
C MET A 187 6.42 23.16 12.64
N GLU A 188 7.48 22.37 12.81
CA GLU A 188 7.35 20.92 12.89
C GLU A 188 6.58 20.49 14.13
N TYR A 189 6.89 21.11 15.27
CA TYR A 189 6.17 20.82 16.50
C TYR A 189 4.70 21.13 16.34
N GLU A 190 4.41 22.30 15.76
CA GLU A 190 3.03 22.75 15.63
C GLU A 190 2.26 21.88 14.65
N ASN A 191 2.88 21.48 13.55
CA ASN A 191 2.22 20.56 12.64
C ASN A 191 1.78 19.31 13.36
N ARG A 192 2.56 18.86 14.33
CA ARG A 192 2.20 17.63 15.01
C ARG A 192 1.04 17.88 15.95
N ILE A 193 0.95 19.11 16.51
CA ILE A 193 -0.22 19.50 17.29
C ILE A 193 -1.49 19.30 16.47
N ARG A 194 -1.50 19.81 15.23
CA ARG A 194 -2.68 19.72 14.39
C ARG A 194 -2.99 18.27 14.06
N ALA A 195 -1.96 17.49 13.76
CA ALA A 195 -2.20 16.17 13.19
C ALA A 195 -2.49 15.10 14.23
N TYR A 196 -1.99 15.23 15.46
CA TYR A 196 -2.08 14.13 16.39
C TYR A 196 -2.72 14.45 17.74
N SER A 197 -2.82 15.72 18.14
CA SER A 197 -3.39 16.10 19.43
C SER A 197 -4.92 16.04 19.39
N THR A 198 -5.53 16.07 20.56
CA THR A 198 -6.97 16.03 20.63
C THR A 198 -7.53 17.40 20.26
N PRO A 199 -8.82 17.50 19.91
CA PRO A 199 -9.36 18.81 19.57
C PRO A 199 -9.30 19.79 20.71
N ASP A 200 -9.56 19.33 21.93
CA ASP A 200 -9.43 20.21 23.08
C ASP A 200 -8.02 20.79 23.20
N LYS A 201 -6.99 19.99 22.91
CA LYS A 201 -5.63 20.50 23.04
C LYS A 201 -5.29 21.43 21.89
N ILE A 202 -5.79 21.12 20.70
CA ILE A 202 -5.61 21.99 19.53
C ILE A 202 -6.32 23.32 19.75
N PHE A 203 -7.58 23.28 20.13
CA PHE A 203 -8.35 24.50 20.27
C PHE A 203 -7.72 25.42 21.29
N ARG A 204 -7.29 24.86 22.42
CA ARG A 204 -6.70 25.70 23.46
C ARG A 204 -5.38 26.30 22.98
N TYR A 205 -4.62 25.56 22.16
CA TYR A 205 -3.31 26.04 21.69
C TYR A 205 -3.43 27.27 20.79
N PHE A 206 -4.35 27.24 19.82
CA PHE A 206 -4.46 28.34 18.85
C PHE A 206 -5.49 29.42 19.17
N ALA A 207 -6.39 29.24 20.12
CA ALA A 207 -7.36 30.29 20.42
C ALA A 207 -6.70 31.46 21.13
N THR A 208 -7.04 32.69 20.73
CA THR A 208 -6.42 33.87 21.30
C THR A 208 -7.30 34.71 22.22
N LEU A 209 -8.58 34.40 22.39
CA LEU A 209 -9.45 35.33 23.10
C LEU A 209 -9.98 34.70 24.37
N LYS A 210 -10.51 35.54 25.22
CA LYS A 210 -11.20 35.09 26.42
C LYS A 210 -12.35 36.05 26.62
N VAL A 211 -13.52 35.51 26.94
CA VAL A 211 -14.69 36.34 27.16
C VAL A 211 -15.13 36.13 28.58
N ILE A 212 -15.19 37.22 29.30
CA ILE A 212 -15.58 37.17 30.72
C ILE A 212 -16.96 37.79 30.93
N SER A 213 -17.93 36.90 31.06
CA SER A 213 -19.27 37.27 31.54
C SER A 213 -19.20 36.75 32.97
N GLU A 214 -19.18 37.63 33.96
CA GLU A 214 -18.97 37.15 35.35
C GLU A 214 -20.16 36.25 35.69
N PRO A 215 -21.23 36.37 34.92
CA PRO A 215 -22.42 35.59 35.31
C PRO A 215 -21.94 34.32 34.59
N GLY A 216 -21.77 33.19 35.25
CA GLY A 216 -21.04 32.12 34.54
C GLY A 216 -19.54 32.41 34.65
N GLU A 217 -18.70 32.25 33.65
CA GLU A 217 -17.26 32.55 33.92
C GLU A 217 -16.47 32.81 32.65
N ALA A 218 -15.17 32.59 32.69
CA ALA A 218 -14.27 32.86 31.57
C ALA A 218 -14.26 31.68 30.62
N GLU A 219 -14.40 31.98 29.33
CA GLU A 219 -14.41 30.98 28.28
C GLU A 219 -13.50 31.46 27.14
N VAL A 220 -12.73 30.53 26.59
CA VAL A 220 -11.77 30.83 25.54
C VAL A 220 -12.47 30.82 24.19
N PHE A 221 -12.07 31.73 23.32
CA PHE A 221 -12.71 31.87 22.02
C PHE A 221 -11.64 32.03 20.95
N MET A 222 -12.03 31.75 19.72
CA MET A 222 -11.13 31.75 18.59
C MET A 222 -11.55 32.84 17.63
N THR A 223 -10.61 33.57 17.06
CA THR A 223 -11.04 34.44 15.98
C THR A 223 -10.99 33.66 14.68
N PRO A 224 -11.72 34.08 13.64
CA PRO A 224 -11.68 33.32 12.40
C PRO A 224 -10.27 33.04 11.95
N GLU A 225 -9.41 34.07 12.01
CA GLU A 225 -8.02 33.91 11.63
C GLU A 225 -7.30 32.88 12.50
N ASP A 226 -7.67 32.76 13.77
CA ASP A 226 -7.14 31.66 14.57
C ASP A 226 -7.62 30.34 14.01
N PHE A 227 -8.92 30.26 13.70
CA PHE A 227 -9.52 28.99 13.31
C PHE A 227 -8.85 28.44 12.07
N VAL A 228 -8.67 29.27 11.05
CA VAL A 228 -7.98 28.77 9.85
C VAL A 228 -6.56 28.38 10.19
N ARG A 229 -5.93 29.09 11.12
CA ARG A 229 -4.59 28.67 11.53
C ARG A 229 -4.62 27.28 12.16
N SER A 230 -5.71 26.95 12.86
CA SER A 230 -5.82 25.61 13.42
C SER A 230 -5.61 24.58 12.36
N ILE A 231 -6.37 24.65 11.27
CA ILE A 231 -6.51 23.49 10.41
C ILE A 231 -5.51 23.47 9.28
N THR A 232 -4.76 24.54 9.08
CA THR A 232 -3.86 24.67 7.94
C THR A 232 -2.41 24.44 8.34
N PRO A 233 -1.81 23.29 8.04
CA PRO A 233 -0.40 23.08 8.40
C PRO A 233 0.51 24.06 7.69
N ASN A 234 1.79 24.08 8.08
CA ASN A 234 2.80 24.96 7.48
C ASN A 234 2.51 26.45 7.68
N GLN A 245 -0.01 33.41 23.66
CA GLN A 245 -0.98 33.12 22.63
C GLN A 245 -2.44 33.46 23.02
N TYR A 246 -2.68 34.06 24.19
CA TYR A 246 -3.90 34.84 24.46
C TYR A 246 -3.51 36.29 24.39
N ILE A 247 -4.26 37.13 23.69
CA ILE A 247 -3.87 38.53 23.63
C ILE A 247 -4.93 39.51 24.11
N ILE A 248 -6.21 39.16 24.14
CA ILE A 248 -7.25 40.16 24.39
C ILE A 248 -8.36 39.52 25.19
N LYS A 249 -9.06 40.33 25.97
CA LYS A 249 -10.22 39.89 26.73
C LYS A 249 -11.45 40.66 26.29
N ARG A 250 -12.59 40.00 26.31
CA ARG A 250 -13.88 40.60 25.99
C ARG A 250 -14.80 40.44 27.20
N PHE A 251 -15.43 41.54 27.60
CA PHE A 251 -16.27 41.60 28.78
C PHE A 251 -17.73 41.46 28.37
N ARG A 260 -20.00 44.64 21.70
CA ARG A 260 -20.25 44.27 20.32
C ARG A 260 -19.15 44.62 19.32
N GLU A 261 -18.03 43.89 19.42
CA GLU A 261 -16.95 43.96 18.46
C GLU A 261 -17.24 43.10 17.25
N LYS A 262 -16.47 43.31 16.19
CA LYS A 262 -16.61 42.56 14.95
C LYS A 262 -15.26 41.96 14.58
N PHE A 263 -15.14 40.63 14.67
CA PHE A 263 -13.92 39.92 14.30
C PHE A 263 -13.97 39.29 12.90
N ALA A 264 -14.99 39.60 12.11
CA ALA A 264 -15.20 38.92 10.84
C ALA A 264 -15.80 39.88 9.83
N ASP A 265 -15.48 39.66 8.55
CA ASP A 265 -15.81 40.57 7.48
C ASP A 265 -17.32 40.74 7.35
N GLU A 266 -17.72 41.72 6.56
CA GLU A 266 -19.14 42.16 6.54
C GLU A 266 -20.05 41.00 6.17
N GLY A 267 -19.75 40.24 5.15
CA GLY A 267 -20.63 39.09 4.89
C GLY A 267 -19.84 37.86 5.20
N SER A 268 -19.96 37.38 6.42
CA SER A 268 -19.13 36.23 6.86
C SER A 268 -19.99 35.20 7.57
N ILE A 269 -19.85 33.97 7.19
CA ILE A 269 -20.57 32.88 7.82
C ILE A 269 -20.37 32.83 9.32
N PHE A 270 -19.35 33.48 9.84
CA PHE A 270 -19.07 33.26 11.24
C PHE A 270 -20.05 33.98 12.13
N TYR A 271 -20.74 35.01 11.63
CA TYR A 271 -21.71 35.70 12.48
C TYR A 271 -22.91 34.85 12.79
N THR A 272 -23.14 33.79 12.03
CA THR A 272 -24.24 32.89 12.36
C THR A 272 -23.98 32.18 13.66
N LEU A 273 -22.71 31.91 13.97
CA LEU A 273 -22.31 31.39 15.26
C LEU A 273 -22.71 32.30 16.41
N GLY A 274 -23.19 33.49 16.11
CA GLY A 274 -23.35 34.52 17.11
C GLY A 274 -21.98 34.92 17.62
N GLU A 275 -22.03 35.74 18.67
CA GLU A 275 -20.84 36.06 19.44
C GLU A 275 -19.78 36.73 18.56
N CYS A 276 -20.21 37.74 17.80
CA CYS A 276 -19.36 38.74 17.15
C CYS A 276 -18.50 38.18 16.04
N GLY A 277 -18.68 36.92 15.64
CA GLY A 277 -17.75 36.28 14.73
C GLY A 277 -16.69 35.44 15.41
N LEU A 278 -16.83 35.16 16.69
CA LEU A 278 -15.89 34.32 17.39
C LEU A 278 -16.32 32.88 17.31
N ILE A 279 -15.38 31.98 17.52
CA ILE A 279 -15.60 30.56 17.36
C ILE A 279 -15.34 29.91 18.70
N SER A 280 -16.40 29.41 19.33
CA SER A 280 -16.29 28.67 20.57
C SER A 280 -15.66 27.31 20.31
N PHE A 281 -15.59 26.47 21.34
CA PHE A 281 -15.06 25.14 21.16
C PHE A 281 -16.05 24.24 20.44
N SER A 282 -17.31 24.24 20.87
CA SER A 282 -18.30 23.42 20.19
C SER A 282 -18.36 23.75 18.71
N ASP A 283 -18.28 25.03 18.38
CA ASP A 283 -18.31 25.40 16.98
C ASP A 283 -17.05 24.96 16.25
N TYR A 284 -15.91 24.88 16.94
CA TYR A 284 -14.70 24.37 16.31
C TYR A 284 -14.87 22.92 15.91
N ILE A 285 -15.46 22.12 16.79
CA ILE A 285 -15.76 20.73 16.46
C ILE A 285 -16.64 20.66 15.24
N PHE A 286 -17.72 21.44 15.24
CA PHE A 286 -18.73 21.39 14.19
C PHE A 286 -18.16 21.88 12.85
N LEU A 287 -17.42 22.99 12.85
CA LEU A 287 -16.95 23.49 11.57
C LEU A 287 -15.95 22.57 10.93
N THR A 288 -15.03 22.01 11.71
CA THR A 288 -14.01 21.13 11.12
C THR A 288 -14.62 19.84 10.59
N THR A 289 -15.77 19.45 11.13
CA THR A 289 -16.51 18.32 10.58
C THR A 289 -17.12 18.67 9.24
N VAL A 290 -17.78 19.82 9.14
CA VAL A 290 -18.51 20.10 7.92
C VAL A 290 -17.60 20.67 6.86
N LEU A 291 -16.41 21.11 7.22
CA LEU A 291 -15.50 21.66 6.24
C LEU A 291 -14.97 20.59 5.30
N SER A 292 -14.73 19.38 5.82
CA SER A 292 -13.97 18.33 5.16
C SER A 292 -14.80 17.06 4.99
N THR A 293 -16.11 17.20 4.76
CA THR A 293 -16.99 16.12 4.37
C THR A 293 -17.52 16.40 2.96
N PRO A 294 -17.51 15.44 2.05
CA PRO A 294 -18.08 15.70 0.74
C PRO A 294 -19.58 15.78 0.85
N GLN A 295 -20.19 16.60 0.00
CA GLN A 295 -21.61 16.88 0.19
C GLN A 295 -22.46 15.64 -0.02
N ARG A 296 -22.11 14.75 -0.96
CA ARG A 296 -22.89 13.53 -1.12
C ARG A 296 -23.09 12.84 0.22
N ASN A 297 -22.03 12.77 1.02
CA ASN A 297 -22.15 12.13 2.33
C ASN A 297 -23.15 12.84 3.22
N PHE A 298 -23.23 14.16 3.15
CA PHE A 298 -24.22 14.84 3.96
C PHE A 298 -25.63 14.59 3.43
N GLU A 299 -25.79 14.53 2.10
CA GLU A 299 -27.10 14.20 1.56
C GLU A 299 -27.53 12.83 2.02
N ILE A 300 -26.67 11.83 1.83
CA ILE A 300 -27.03 10.48 2.26
C ILE A 300 -27.28 10.46 3.75
N ALA A 301 -26.50 11.20 4.54
CA ALA A 301 -26.70 11.20 5.98
C ALA A 301 -28.03 11.83 6.34
N PHE A 302 -28.37 12.93 5.66
CA PHE A 302 -29.64 13.62 5.90
C PHE A 302 -30.81 12.74 5.54
N LYS A 303 -30.80 12.18 4.34
CA LYS A 303 -31.90 11.37 3.86
C LYS A 303 -32.03 10.05 4.61
N MET A 304 -31.03 9.66 5.39
CA MET A 304 -31.14 8.39 6.10
C MET A 304 -31.87 8.53 7.43
N PHE A 305 -31.50 9.54 8.22
CA PHE A 305 -32.08 9.84 9.55
C PHE A 305 -33.25 10.84 9.48
N ASP A 306 -33.61 11.32 8.30
CA ASP A 306 -34.76 12.22 8.03
C ASP A 306 -36.03 11.46 8.38
N LEU A 307 -37.07 12.10 8.89
CA LEU A 307 -38.31 11.35 9.25
C LEU A 307 -38.91 10.70 8.01
N ASN A 308 -38.89 11.40 6.90
CA ASN A 308 -39.46 10.95 5.63
C ASN A 308 -38.42 10.75 4.55
N GLY A 309 -37.13 10.80 4.89
CA GLY A 309 -36.10 10.54 3.90
C GLY A 309 -36.03 11.51 2.75
N ASP A 310 -36.73 12.65 2.81
CA ASP A 310 -36.66 13.61 1.72
C ASP A 310 -35.46 14.53 1.86
N GLY A 311 -34.94 14.67 3.08
CA GLY A 311 -33.72 15.40 3.28
C GLY A 311 -33.82 16.51 4.29
N GLU A 312 -34.78 16.45 5.21
CA GLU A 312 -35.02 17.58 6.12
C GLU A 312 -35.01 17.07 7.56
N VAL A 313 -34.04 17.52 8.33
CA VAL A 313 -33.63 16.88 9.56
C VAL A 313 -33.86 17.85 10.72
N ASP A 314 -34.37 17.33 11.84
CA ASP A 314 -34.76 18.23 12.91
C ASP A 314 -33.56 18.48 13.81
N MET A 315 -33.78 19.21 14.89
CA MET A 315 -32.68 19.57 15.79
C MET A 315 -32.00 18.33 16.34
N GLU A 316 -32.77 17.38 16.85
CA GLU A 316 -32.22 16.19 17.49
C GLU A 316 -31.63 15.22 16.47
N GLU A 317 -32.33 15.01 15.35
CA GLU A 317 -31.84 14.12 14.31
C GLU A 317 -30.55 14.66 13.73
N PHE A 318 -30.36 15.98 13.76
CA PHE A 318 -29.14 16.60 13.29
C PHE A 318 -27.95 16.18 14.11
N GLU A 319 -28.15 15.89 15.40
CA GLU A 319 -27.01 15.59 16.26
C GLU A 319 -26.38 14.26 15.89
N GLN A 320 -27.22 13.22 15.67
CA GLN A 320 -26.68 11.93 15.25
C GLN A 320 -26.05 12.03 13.86
N VAL A 321 -26.64 12.81 12.97
CA VAL A 321 -26.03 12.99 11.64
C VAL A 321 -24.60 13.47 11.76
N GLN A 322 -24.40 14.60 12.45
CA GLN A 322 -23.07 15.21 12.48
C GLN A 322 -22.09 14.38 13.29
N SER A 323 -22.60 13.51 14.17
CA SER A 323 -21.76 12.61 14.96
C SER A 323 -21.32 11.41 14.15
N ILE A 324 -22.28 10.82 13.45
CA ILE A 324 -22.01 9.74 12.50
C ILE A 324 -21.01 10.18 11.47
N ILE A 325 -21.21 11.35 10.90
CA ILE A 325 -20.30 11.85 9.88
C ILE A 325 -18.89 12.01 10.45
N ARG A 326 -18.81 12.42 11.72
CA ARG A 326 -17.51 12.57 12.36
C ARG A 326 -16.70 11.29 12.24
N SER A 327 -17.33 10.13 12.38
CA SER A 327 -16.58 8.87 12.45
C SER A 327 -15.78 8.63 11.18
N GLN A 328 -16.44 8.60 10.04
CA GLN A 328 -15.74 8.52 8.75
C GLN A 328 -14.92 9.80 8.44
N GLY A 348 -22.51 18.86 21.03
CA GLY A 348 -23.15 19.89 21.83
C GLY A 348 -23.20 21.26 21.16
N LEU A 349 -23.86 21.32 20.00
CA LEU A 349 -23.85 22.52 19.18
C LEU A 349 -24.35 23.74 19.94
N CYS A 350 -23.71 24.89 19.70
CA CYS A 350 -23.94 26.09 20.49
C CYS A 350 -25.28 26.72 20.16
N SER A 351 -25.85 27.40 21.16
CA SER A 351 -27.24 27.85 21.11
C SER A 351 -27.48 28.90 20.04
N ALA A 352 -26.43 29.55 19.53
CA ALA A 352 -26.65 30.49 18.43
C ALA A 352 -26.96 29.76 17.14
N LEU A 353 -26.07 28.85 16.73
CA LEU A 353 -26.31 28.08 15.52
C LEU A 353 -27.62 27.31 15.60
N THR A 354 -27.84 26.56 16.69
CA THR A 354 -29.04 25.74 16.73
C THR A 354 -30.31 26.56 16.51
N THR A 355 -30.34 27.82 16.94
CA THR A 355 -31.51 28.60 16.58
C THR A 355 -31.44 29.06 15.14
N TYR A 356 -30.24 29.27 14.61
CA TYR A 356 -30.11 29.77 13.24
C TYR A 356 -30.65 28.76 12.24
N PHE A 357 -30.46 27.47 12.50
CA PHE A 357 -30.98 26.39 11.67
C PHE A 357 -32.42 26.05 12.02
N PHE A 358 -32.65 25.80 13.31
CA PHE A 358 -33.86 25.19 13.80
C PHE A 358 -34.83 26.19 14.44
N GLY A 359 -34.54 27.49 14.38
CA GLY A 359 -35.43 28.47 14.97
C GLY A 359 -35.38 28.49 16.47
N ALA A 360 -35.74 29.65 17.05
CA ALA A 360 -35.49 29.91 18.47
C ALA A 360 -36.26 28.97 19.39
N ASP A 361 -37.39 28.41 18.93
CA ASP A 361 -38.07 27.38 19.72
C ASP A 361 -37.31 26.07 19.71
N LEU A 362 -36.26 25.97 18.90
CA LEU A 362 -35.47 24.77 18.68
C LEU A 362 -36.29 23.63 18.08
N LYS A 363 -37.37 23.93 17.36
CA LYS A 363 -38.21 22.90 16.78
C LYS A 363 -38.28 22.90 15.27
N GLY A 364 -37.71 23.89 14.61
CA GLY A 364 -37.67 23.89 13.15
C GLY A 364 -36.91 22.71 12.58
N LYS A 365 -36.60 22.76 11.28
CA LYS A 365 -35.91 21.65 10.65
C LYS A 365 -34.93 22.18 9.62
N LEU A 366 -33.88 21.41 9.35
CA LEU A 366 -32.84 21.80 8.40
C LEU A 366 -33.00 21.05 7.09
N THR A 367 -33.08 21.80 6.00
CA THR A 367 -33.10 21.27 4.64
C THR A 367 -31.70 20.88 4.20
N ILE A 368 -31.55 19.71 3.61
CA ILE A 368 -30.24 19.41 3.03
C ILE A 368 -29.86 20.48 2.02
N LYS A 369 -30.84 21.10 1.37
CA LYS A 369 -30.51 22.19 0.46
C LYS A 369 -29.92 23.39 1.20
N ASN A 370 -30.57 23.80 2.29
CA ASN A 370 -30.09 24.95 3.06
C ASN A 370 -28.72 24.69 3.67
N PHE A 371 -28.58 23.54 4.32
CA PHE A 371 -27.32 23.22 4.94
C PHE A 371 -26.22 23.15 3.90
N LEU A 372 -26.52 22.56 2.75
CA LEU A 372 -25.48 22.45 1.74
C LEU A 372 -24.95 23.82 1.33
N GLU A 373 -25.79 24.86 1.42
CA GLU A 373 -25.29 26.22 1.19
C GLU A 373 -24.57 26.75 2.41
N PHE A 374 -24.92 26.30 3.61
CA PHE A 374 -24.07 26.61 4.75
C PHE A 374 -22.65 26.16 4.48
N GLN A 375 -22.49 24.86 4.24
CA GLN A 375 -21.18 24.31 3.92
C GLN A 375 -20.51 25.07 2.78
N ARG A 376 -21.22 25.29 1.67
CA ARG A 376 -20.61 25.97 0.54
C ARG A 376 -20.14 27.36 0.92
N LYS A 377 -20.92 28.05 1.77
CA LYS A 377 -20.54 29.39 2.19
C LYS A 377 -19.35 29.36 3.14
N LEU A 378 -19.38 28.42 4.10
CA LEU A 378 -18.29 28.31 5.06
C LEU A 378 -16.98 27.94 4.37
N GLN A 379 -17.05 27.06 3.40
CA GLN A 379 -15.85 26.70 2.66
C GLN A 379 -15.26 27.90 1.93
N HIS A 380 -16.11 28.83 1.50
CA HIS A 380 -15.62 30.00 0.81
C HIS A 380 -14.81 30.86 1.77
N ASP A 381 -15.46 31.35 2.83
CA ASP A 381 -14.79 32.27 3.75
C ASP A 381 -13.52 31.68 4.33
N VAL A 382 -13.48 30.38 4.60
CA VAL A 382 -12.26 29.74 5.06
C VAL A 382 -11.21 29.78 3.97
N LEU A 383 -11.61 29.61 2.72
CA LEU A 383 -10.61 29.77 1.67
C LEU A 383 -10.14 31.21 1.60
N LYS A 384 -11.06 32.17 1.77
CA LYS A 384 -10.69 33.58 1.76
C LYS A 384 -9.67 33.84 2.84
N LEU A 385 -10.02 33.54 4.10
CA LEU A 385 -9.10 33.68 5.21
C LEU A 385 -7.75 33.01 4.94
N GLU A 386 -7.76 31.78 4.43
CA GLU A 386 -6.49 31.11 4.14
C GLU A 386 -5.74 31.80 3.00
N PHE A 387 -6.45 32.46 2.10
CA PHE A 387 -5.79 33.19 1.04
C PHE A 387 -5.10 34.43 1.57
N GLU A 388 -5.71 35.10 2.55
CA GLU A 388 -5.13 36.33 3.06
C GLU A 388 -4.07 36.09 4.12
N ARG A 389 -3.97 34.88 4.66
CA ARG A 389 -2.88 34.51 5.56
C ARG A 389 -1.52 34.59 4.85
N HIS A 390 -1.56 35.05 3.61
CA HIS A 390 -0.32 35.18 2.81
C HIS A 390 0.00 36.66 2.60
N ASP A 391 0.57 37.01 1.47
CA ASP A 391 1.00 38.39 1.14
C ASP A 391 0.05 38.95 0.06
N PRO A 392 -1.17 39.40 0.37
CA PRO A 392 -2.07 39.81 -0.67
C PRO A 392 -1.74 41.23 -1.14
N VAL A 393 -0.73 41.37 -1.99
CA VAL A 393 -0.35 42.71 -2.54
C VAL A 393 -1.30 42.99 -3.69
N ASP A 394 -2.18 43.97 -3.52
CA ASP A 394 -3.26 44.32 -4.44
C ASP A 394 -4.13 43.12 -4.79
N GLY A 395 -4.35 42.23 -3.82
CA GLY A 395 -5.20 41.08 -4.02
C GLY A 395 -4.62 39.95 -4.84
N ARG A 396 -3.30 39.81 -4.89
CA ARG A 396 -2.65 38.72 -5.59
C ARG A 396 -1.50 38.21 -4.74
N ILE A 397 -1.42 36.89 -4.55
CA ILE A 397 -0.36 36.28 -3.76
C ILE A 397 0.73 35.80 -4.71
N THR A 398 1.91 35.54 -4.15
CA THR A 398 3.03 35.07 -4.95
C THR A 398 2.70 33.76 -5.61
N GLU A 399 3.36 33.49 -6.74
CA GLU A 399 3.28 32.16 -7.31
C GLU A 399 3.84 31.12 -6.35
N ARG A 400 4.87 31.50 -5.60
CA ARG A 400 5.53 30.54 -4.72
C ARG A 400 4.70 30.22 -3.51
N GLN A 401 3.73 31.06 -3.18
CA GLN A 401 2.90 30.82 -2.01
C GLN A 401 1.67 30.01 -2.37
N PHE A 402 1.03 30.34 -3.49
CA PHE A 402 -0.02 29.48 -3.98
C PHE A 402 0.42 28.05 -4.02
N GLY A 403 1.67 27.82 -4.41
CA GLY A 403 2.20 26.47 -4.33
C GLY A 403 2.21 25.94 -2.92
N GLY A 404 2.21 26.84 -1.94
CA GLY A 404 2.19 26.43 -0.54
C GLY A 404 0.82 26.13 -0.02
N MET A 405 -0.22 26.59 -0.72
CA MET A 405 -1.56 26.14 -0.39
C MET A 405 -1.80 24.72 -0.88
N LEU A 406 -1.26 24.38 -2.06
CA LEU A 406 -1.53 23.07 -2.66
C LEU A 406 -0.89 21.95 -1.87
N LEU A 407 0.23 22.21 -1.22
CA LEU A 407 0.96 21.16 -0.53
C LEU A 407 0.87 21.29 0.97
N ALA A 408 -0.02 22.13 1.47
CA ALA A 408 -0.08 22.40 2.91
C ALA A 408 -0.42 21.15 3.69
N TYR A 409 -1.03 20.15 3.06
CA TYR A 409 -1.40 18.92 3.76
C TYR A 409 -0.63 17.69 3.28
N SER A 410 0.50 17.88 2.61
CA SER A 410 1.29 16.73 2.20
C SER A 410 2.63 16.67 2.90
N GLY A 411 2.82 17.46 3.94
CA GLY A 411 3.93 17.25 4.84
C GLY A 411 5.26 17.57 4.17
N VAL A 412 6.17 16.60 4.23
CA VAL A 412 7.52 16.81 3.73
C VAL A 412 7.48 16.67 2.21
N GLN A 413 7.00 17.72 1.55
CA GLN A 413 6.98 17.83 0.10
C GLN A 413 7.69 19.09 -0.37
N SER A 414 8.65 19.57 0.43
CA SER A 414 9.51 20.67 -0.05
C SER A 414 10.32 20.24 -1.26
N LYS A 415 10.67 18.94 -1.32
CA LYS A 415 11.40 18.40 -2.46
C LYS A 415 10.73 18.71 -3.80
N LYS A 416 9.39 18.70 -3.84
CA LYS A 416 8.71 19.04 -5.09
C LYS A 416 8.79 20.53 -5.36
N LEU A 417 8.49 21.35 -4.35
CA LEU A 417 8.62 22.78 -4.50
C LEU A 417 10.05 23.20 -4.80
N THR A 418 11.04 22.36 -4.43
CA THR A 418 12.45 22.70 -4.70
C THR A 418 12.69 23.01 -6.17
N ALA A 419 12.12 22.21 -7.06
CA ALA A 419 12.28 22.42 -8.48
C ALA A 419 11.21 23.34 -9.04
N MET A 420 10.29 23.83 -8.19
CA MET A 420 9.21 24.65 -8.70
C MET A 420 9.63 26.10 -8.89
N GLN A 421 10.54 26.60 -8.05
CA GLN A 421 10.95 27.99 -8.20
C GLN A 421 11.83 28.21 -9.43
N ARG A 422 12.16 27.16 -10.18
CA ARG A 422 12.93 27.30 -11.41
C ARG A 422 12.36 28.35 -12.35
N GLN A 423 11.18 28.09 -12.93
CA GLN A 423 10.55 29.06 -13.83
C GLN A 423 10.47 30.43 -13.18
N LEU A 424 9.89 30.51 -11.99
CA LEU A 424 9.82 31.76 -11.25
C LEU A 424 9.73 31.49 -9.76
N GLY A 431 7.10 37.14 -10.34
CA GLY A 431 6.60 37.71 -11.57
C GLY A 431 5.21 38.28 -11.46
N LYS A 432 4.19 37.51 -11.80
CA LYS A 432 2.82 38.00 -11.78
C LYS A 432 2.03 37.30 -10.70
N GLY A 433 1.33 38.07 -9.87
CA GLY A 433 0.55 37.50 -8.81
C GLY A 433 -0.61 36.66 -9.32
N LEU A 434 -1.34 36.08 -8.37
CA LEU A 434 -2.50 35.24 -8.66
C LEU A 434 -3.68 35.74 -7.87
N THR A 435 -4.79 36.06 -8.55
CA THR A 435 -5.93 36.65 -7.86
C THR A 435 -6.67 35.60 -7.06
N PHE A 436 -7.53 36.07 -6.15
CA PHE A 436 -8.33 35.12 -5.36
C PHE A 436 -9.21 34.29 -6.27
N GLN A 437 -9.79 34.93 -7.29
CA GLN A 437 -10.69 34.21 -8.19
C GLN A 437 -9.94 33.14 -8.96
N GLU A 438 -8.70 33.41 -9.34
CA GLU A 438 -7.87 32.36 -9.93
C GLU A 438 -7.79 31.18 -8.99
N VAL A 439 -7.51 31.45 -7.70
CA VAL A 439 -7.29 30.38 -6.74
C VAL A 439 -8.59 29.62 -6.49
N GLU A 440 -9.64 30.33 -6.07
CA GLU A 440 -10.89 29.65 -5.76
C GLU A 440 -11.38 28.78 -6.91
N ASN A 441 -11.05 29.15 -8.14
CA ASN A 441 -11.45 28.31 -9.26
C ASN A 441 -10.72 26.98 -9.22
N PHE A 442 -9.44 27.00 -8.93
CA PHE A 442 -8.74 25.73 -8.71
C PHE A 442 -9.39 24.94 -7.59
N PHE A 443 -9.76 25.60 -6.49
CA PHE A 443 -10.36 24.87 -5.38
C PHE A 443 -11.79 24.44 -5.68
N THR A 444 -12.46 25.11 -6.61
CA THR A 444 -13.70 24.56 -7.13
C THR A 444 -13.42 23.36 -8.02
N PHE A 445 -12.28 23.36 -8.70
CA PHE A 445 -11.87 22.22 -9.53
C PHE A 445 -11.63 20.98 -8.68
N LEU A 446 -11.07 21.15 -7.48
CA LEU A 446 -10.71 20.02 -6.62
C LEU A 446 -11.92 19.32 -6.03
N LYS A 447 -13.04 20.05 -5.90
CA LYS A 447 -14.31 19.44 -5.48
C LYS A 447 -14.60 18.17 -6.25
N ASN A 448 -14.31 18.17 -7.55
CA ASN A 448 -14.54 17.01 -8.41
C ASN A 448 -13.30 16.17 -8.61
N ILE A 449 -12.43 15.98 -7.62
CA ILE A 449 -11.15 15.40 -7.98
C ILE A 449 -11.28 13.94 -8.30
N ASN A 450 -12.26 13.26 -7.72
CA ASN A 450 -12.44 11.86 -8.05
C ASN A 450 -12.93 11.70 -9.48
N ASP A 451 -13.78 12.61 -9.96
CA ASP A 451 -14.16 12.60 -11.35
C ASP A 451 -13.03 13.06 -12.25
N VAL A 452 -12.19 13.97 -11.77
CA VAL A 452 -11.10 14.47 -12.60
C VAL A 452 -10.02 13.43 -12.73
N ASP A 453 -9.81 12.61 -11.70
CA ASP A 453 -8.79 11.58 -11.80
C ASP A 453 -9.18 10.54 -12.82
N THR A 454 -10.48 10.27 -12.93
CA THR A 454 -10.94 9.36 -13.96
C THR A 454 -10.49 9.86 -15.33
N ALA A 455 -10.88 11.09 -15.66
CA ALA A 455 -10.57 11.64 -16.97
C ALA A 455 -9.07 11.64 -17.25
N LEU A 456 -8.27 12.02 -16.27
CA LEU A 456 -6.84 12.13 -16.54
C LEU A 456 -6.26 10.78 -16.94
N SER A 457 -6.73 9.69 -16.34
CA SER A 457 -6.19 8.37 -16.66
C SER A 457 -6.56 7.96 -18.09
N PHE A 458 -7.75 8.34 -18.53
CA PHE A 458 -8.21 8.04 -19.87
C PHE A 458 -7.34 8.72 -20.91
N TYR A 459 -7.27 10.05 -20.87
CA TYR A 459 -6.39 10.80 -21.75
C TYR A 459 -4.98 10.24 -21.79
N HIS A 460 -4.55 9.60 -20.69
CA HIS A 460 -3.24 8.98 -20.66
C HIS A 460 -3.22 7.70 -21.49
N MET A 461 -4.19 6.81 -21.27
CA MET A 461 -4.22 5.53 -22.00
C MET A 461 -4.50 5.72 -23.49
N ALA A 462 -5.34 6.69 -23.83
CA ALA A 462 -5.56 7.02 -25.24
C ALA A 462 -4.36 7.72 -25.87
N GLY A 463 -3.27 7.93 -25.13
CA GLY A 463 -2.04 8.46 -25.68
C GLY A 463 -1.95 9.97 -25.71
N ALA A 464 -3.06 10.69 -25.64
CA ALA A 464 -3.01 12.13 -25.48
C ALA A 464 -2.10 12.49 -24.32
N SER A 465 -1.42 13.62 -24.44
CA SER A 465 -0.51 14.02 -23.38
C SER A 465 -1.27 14.80 -22.32
N LEU A 466 -0.68 14.87 -21.14
CA LEU A 466 -1.33 15.57 -20.04
C LEU A 466 -0.70 16.93 -19.84
N ASP A 467 -0.84 17.79 -20.86
CA ASP A 467 -0.26 19.11 -20.80
C ASP A 467 -1.33 20.11 -20.38
N LYS A 468 -1.12 21.38 -20.68
CA LYS A 468 -1.98 22.39 -20.08
C LYS A 468 -3.36 22.40 -20.72
N VAL A 469 -3.42 22.26 -22.03
CA VAL A 469 -4.72 22.23 -22.68
C VAL A 469 -5.56 21.08 -22.15
N THR A 470 -4.95 19.92 -21.91
CA THR A 470 -5.71 18.79 -21.39
C THR A 470 -6.30 19.12 -20.03
N MET A 471 -5.47 19.57 -19.11
CA MET A 471 -5.95 19.91 -17.78
C MET A 471 -7.03 20.98 -17.84
N GLN A 472 -6.76 22.05 -18.58
CA GLN A 472 -7.76 23.10 -18.73
C GLN A 472 -9.02 22.56 -19.39
N GLN A 473 -8.88 21.59 -20.29
CA GLN A 473 -10.07 21.02 -20.89
C GLN A 473 -10.80 20.14 -19.89
N VAL A 474 -10.05 19.37 -19.11
CA VAL A 474 -10.69 18.48 -18.13
C VAL A 474 -11.43 19.30 -17.08
N ALA A 475 -10.83 20.40 -16.63
CA ALA A 475 -11.51 21.26 -15.65
C ALA A 475 -12.78 21.86 -16.22
N ARG A 476 -12.82 22.05 -17.53
CA ARG A 476 -14.01 22.57 -18.19
C ARG A 476 -15.09 21.51 -18.33
N THR A 477 -14.69 20.28 -18.66
CA THR A 477 -15.60 19.19 -19.01
C THR A 477 -16.21 18.52 -17.79
N VAL A 478 -15.39 18.19 -16.78
CA VAL A 478 -15.89 17.47 -15.61
C VAL A 478 -16.06 18.36 -14.38
N ALA A 479 -15.43 19.53 -14.34
CA ALA A 479 -15.53 20.41 -13.19
C ALA A 479 -16.24 21.70 -13.49
N LYS A 480 -16.67 21.91 -14.73
CA LYS A 480 -17.49 23.04 -15.15
C LYS A 480 -16.94 24.34 -14.58
N VAL A 481 -15.68 24.63 -14.91
CA VAL A 481 -15.01 25.82 -14.42
C VAL A 481 -13.77 26.01 -15.28
N GLU A 482 -13.32 27.25 -15.40
CA GLU A 482 -12.25 27.59 -16.33
C GLU A 482 -10.98 27.88 -15.52
N LEU A 483 -9.95 27.08 -15.75
CA LEU A 483 -8.67 27.26 -15.07
C LEU A 483 -7.83 28.26 -15.84
N SER A 484 -7.54 29.41 -15.22
CA SER A 484 -6.75 30.45 -15.86
C SER A 484 -5.42 29.88 -16.34
N ASP A 485 -4.80 30.60 -17.26
CA ASP A 485 -3.53 30.12 -17.79
C ASP A 485 -2.46 30.08 -16.71
N HIS A 486 -2.41 31.10 -15.85
CA HIS A 486 -1.25 31.22 -15.00
C HIS A 486 -1.22 30.13 -13.93
N VAL A 487 -2.38 29.82 -13.35
CA VAL A 487 -2.45 28.81 -12.32
C VAL A 487 -2.09 27.44 -12.88
N CYS A 488 -2.27 27.24 -14.18
CA CYS A 488 -1.80 26.01 -14.78
C CYS A 488 -0.28 25.94 -14.81
N ASP A 489 0.37 27.03 -15.23
CA ASP A 489 1.82 27.08 -15.23
C ASP A 489 2.36 26.81 -13.83
N VAL A 490 1.72 27.36 -12.81
CA VAL A 490 2.11 27.09 -11.44
C VAL A 490 1.85 25.63 -11.10
N VAL A 491 0.67 25.13 -11.45
CA VAL A 491 0.35 23.75 -11.11
C VAL A 491 1.25 22.78 -11.87
N PHE A 492 1.62 23.12 -13.11
CA PHE A 492 2.41 22.19 -13.89
C PHE A 492 3.88 22.22 -13.50
N ALA A 493 4.42 23.41 -13.22
CA ALA A 493 5.79 23.53 -12.76
C ALA A 493 6.04 22.67 -11.52
N LEU A 494 5.01 22.55 -10.66
CA LEU A 494 5.12 21.78 -9.41
C LEU A 494 5.05 20.28 -9.64
N PHE A 495 4.10 19.82 -10.47
CA PHE A 495 3.78 18.40 -10.55
C PHE A 495 4.23 17.69 -11.83
N ASP A 496 4.73 18.37 -12.84
CA ASP A 496 5.18 17.47 -13.93
C ASP A 496 6.31 16.63 -13.32
N CYS A 497 7.24 17.32 -12.69
CA CYS A 497 8.46 16.87 -11.97
C CYS A 497 9.56 16.40 -12.92
N ASP A 498 9.35 16.41 -14.21
CA ASP A 498 10.37 15.86 -15.14
C ASP A 498 10.80 16.89 -16.18
N GLY A 499 10.13 18.03 -16.22
CA GLY A 499 10.46 19.12 -17.16
C GLY A 499 9.61 19.08 -18.42
N ASN A 500 9.04 17.96 -18.80
CA ASN A 500 8.14 17.99 -19.98
C ASN A 500 6.82 18.57 -19.51
N GLY A 501 6.06 19.23 -20.36
CA GLY A 501 4.81 19.79 -19.83
C GLY A 501 3.80 18.68 -19.76
N GLU A 502 4.05 17.70 -18.90
CA GLU A 502 3.12 16.58 -18.71
C GLU A 502 3.11 16.26 -17.22
N LEU A 503 1.93 16.30 -16.68
CA LEU A 503 1.57 16.03 -15.30
C LEU A 503 1.89 14.60 -14.91
N SER A 504 2.23 14.41 -13.64
CA SER A 504 2.35 13.07 -13.04
C SER A 504 0.97 12.74 -12.48
N ASN A 505 0.07 12.28 -13.35
CA ASN A 505 -1.34 12.37 -13.02
C ASN A 505 -1.65 11.61 -11.75
N LYS A 506 -1.07 10.41 -11.59
CA LYS A 506 -1.34 9.60 -10.40
C LYS A 506 -0.84 10.30 -9.14
N GLU A 507 0.27 11.02 -9.26
CA GLU A 507 0.82 11.70 -8.11
C GLU A 507 0.02 12.96 -7.81
N PHE A 508 -0.21 13.78 -8.83
CA PHE A 508 -1.01 15.00 -8.68
C PHE A 508 -2.35 14.71 -8.04
N VAL A 509 -3.01 13.64 -8.46
CA VAL A 509 -4.32 13.30 -7.91
C VAL A 509 -4.20 12.89 -6.43
N SER A 510 -3.05 12.36 -6.01
CA SER A 510 -2.85 11.94 -4.62
C SER A 510 -2.76 13.12 -3.68
N ILE A 511 -1.93 14.12 -4.01
CA ILE A 511 -1.77 15.30 -3.17
C ILE A 511 -3.02 16.17 -3.19
N MET A 512 -3.69 16.24 -4.33
CA MET A 512 -4.92 17.04 -4.43
C MET A 512 -6.06 16.40 -3.67
N LYS A 513 -6.01 15.09 -3.47
CA LYS A 513 -7.03 14.46 -2.65
C LYS A 513 -6.87 14.84 -1.18
N GLN A 514 -5.65 15.18 -0.76
CA GLN A 514 -5.43 15.61 0.62
C GLN A 514 -5.64 17.11 0.78
N ARG A 515 -5.29 17.91 -0.22
CA ARG A 515 -5.68 19.32 -0.14
C ARG A 515 -7.18 19.43 0.02
N LEU A 516 -7.94 18.66 -0.78
CA LEU A 516 -9.38 18.88 -0.89
C LEU A 516 -10.07 18.71 0.44
N MET A 517 -9.72 17.66 1.17
CA MET A 517 -10.41 17.35 2.41
C MET A 517 -9.57 17.66 3.62
N ARG A 518 -8.45 18.35 3.45
CA ARG A 518 -7.56 18.69 4.56
C ARG A 518 -7.11 17.48 5.36
N GLY A 519 -7.27 16.28 4.80
CA GLY A 519 -7.01 15.03 5.49
C GLY A 519 -5.68 14.41 5.13
N GLY A 520 -5.70 13.13 4.75
CA GLY A 520 -4.47 12.40 4.55
C GLY A 520 -4.60 11.18 3.66
N SER A 521 -3.88 11.20 2.52
CA SER A 521 -3.85 10.13 1.53
C SER A 521 -5.18 9.94 0.79
N SER B 8 -5.69 -12.95 -14.95
CA SER B 8 -6.90 -12.55 -15.66
C SER B 8 -7.83 -13.74 -15.89
N LEU B 9 -9.01 -13.65 -15.27
CA LEU B 9 -10.06 -14.63 -15.48
C LEU B 9 -10.85 -14.37 -16.75
N ARG B 10 -10.83 -13.15 -17.25
CA ARG B 10 -11.59 -12.83 -18.43
C ARG B 10 -11.01 -13.52 -19.65
N LYS B 11 -9.68 -13.69 -19.71
CA LYS B 11 -9.13 -14.43 -20.84
C LYS B 11 -9.49 -15.92 -20.74
N GLN B 12 -9.62 -16.44 -19.53
CA GLN B 12 -10.09 -17.80 -19.35
C GLN B 12 -11.55 -17.94 -19.70
N ARG B 13 -12.36 -16.89 -19.47
CA ARG B 13 -13.77 -16.94 -19.87
C ARG B 13 -13.92 -16.86 -21.38
N PHE B 14 -13.30 -15.86 -22.00
CA PHE B 14 -13.35 -15.74 -23.45
C PHE B 14 -12.95 -17.06 -24.08
N MET B 15 -11.79 -17.58 -23.70
CA MET B 15 -11.29 -18.79 -24.33
C MET B 15 -12.16 -20.00 -24.00
N GLN B 16 -12.80 -19.98 -22.85
CA GLN B 16 -13.64 -21.10 -22.46
C GLN B 16 -14.86 -21.21 -23.37
N PHE B 17 -15.37 -20.07 -23.86
CA PHE B 17 -16.60 -20.01 -24.64
C PHE B 17 -16.43 -19.63 -26.11
N SER B 18 -15.23 -19.25 -26.54
CA SER B 18 -15.05 -18.85 -27.93
C SER B 18 -15.27 -20.03 -28.86
N SER B 19 -15.83 -19.76 -30.04
CA SER B 19 -16.21 -20.83 -30.95
C SER B 19 -15.61 -20.70 -32.34
N LEU B 20 -14.67 -19.79 -32.56
CA LEU B 20 -14.11 -19.63 -33.89
C LEU B 20 -12.64 -19.25 -33.76
N GLU B 21 -11.82 -19.78 -34.65
CA GLU B 21 -10.43 -19.37 -34.79
C GLU B 21 -10.27 -18.77 -36.17
N HIS B 22 -9.67 -17.60 -36.25
CA HIS B 22 -9.23 -17.02 -37.52
C HIS B 22 -7.83 -16.47 -37.38
N GLU B 23 -6.88 -17.05 -38.11
CA GLU B 23 -5.50 -16.57 -38.14
C GLU B 23 -4.87 -16.66 -36.77
N GLY B 24 -5.16 -17.75 -36.06
CA GLY B 24 -4.69 -17.87 -34.70
C GLY B 24 -5.24 -16.83 -33.75
N GLU B 25 -6.28 -16.11 -34.16
CA GLU B 25 -6.97 -15.12 -33.35
C GLU B 25 -8.39 -15.60 -33.14
N TYR B 26 -8.83 -15.64 -31.88
CA TYR B 26 -10.12 -16.24 -31.54
C TYR B 26 -11.26 -15.21 -31.47
N TYR B 27 -12.46 -15.68 -31.82
CA TYR B 27 -13.64 -14.84 -31.95
C TYR B 27 -14.81 -15.45 -31.21
N MET B 28 -15.78 -14.59 -30.89
CA MET B 28 -16.98 -14.95 -30.17
C MET B 28 -18.21 -14.67 -31.01
N THR B 29 -19.23 -15.51 -30.86
CA THR B 29 -20.47 -15.15 -31.52
C THR B 29 -21.45 -14.67 -30.48
N PRO B 30 -22.40 -13.78 -30.81
CA PRO B 30 -23.31 -13.28 -29.78
C PRO B 30 -23.87 -14.36 -28.89
N ARG B 31 -24.15 -15.52 -29.45
CA ARG B 31 -24.56 -16.65 -28.62
C ARG B 31 -23.46 -17.02 -27.64
N ASP B 32 -22.21 -17.02 -28.10
CA ASP B 32 -21.10 -17.23 -27.18
C ASP B 32 -21.11 -16.16 -26.12
N PHE B 33 -21.19 -14.90 -26.53
CA PHE B 33 -21.00 -13.79 -25.60
C PHE B 33 -22.03 -13.84 -24.49
N LEU B 34 -23.26 -14.22 -24.83
CA LEU B 34 -24.29 -14.28 -23.80
C LEU B 34 -23.95 -15.36 -22.79
N PHE B 35 -23.68 -16.57 -23.27
CA PHE B 35 -23.43 -17.70 -22.37
C PHE B 35 -22.29 -17.39 -21.43
N SER B 36 -21.23 -16.76 -21.94
CA SER B 36 -20.08 -16.45 -21.11
C SER B 36 -20.37 -15.38 -20.07
N VAL B 37 -21.46 -14.66 -20.20
CA VAL B 37 -21.76 -13.65 -19.20
C VAL B 37 -22.49 -14.26 -18.00
N MET B 38 -23.33 -15.27 -18.21
CA MET B 38 -24.12 -15.79 -17.11
C MET B 38 -23.64 -17.12 -16.56
N PHE B 39 -22.61 -17.73 -17.15
CA PHE B 39 -22.14 -19.03 -16.74
C PHE B 39 -20.63 -18.97 -16.54
N GLU B 40 -20.12 -19.72 -15.58
CA GLU B 40 -18.68 -19.75 -15.32
C GLU B 40 -17.98 -20.83 -16.13
N GLN B 41 -18.68 -21.90 -16.44
CA GLN B 41 -18.24 -22.92 -17.38
C GLN B 41 -19.50 -23.68 -17.77
N MET B 42 -19.47 -24.28 -18.95
CA MET B 42 -20.64 -24.98 -19.42
C MET B 42 -20.37 -26.48 -19.49
N GLU B 43 -21.44 -27.27 -19.34
CA GLU B 43 -21.28 -28.71 -19.17
C GLU B 43 -20.63 -29.35 -20.39
N ARG B 44 -21.02 -28.91 -21.58
CA ARG B 44 -20.40 -29.37 -22.82
C ARG B 44 -19.69 -28.19 -23.46
N LYS B 45 -18.37 -28.24 -23.45
CA LYS B 45 -17.55 -27.20 -24.08
C LYS B 45 -17.97 -26.99 -25.54
N THR B 46 -17.55 -25.87 -26.12
CA THR B 46 -17.94 -25.51 -27.47
C THR B 46 -16.96 -26.08 -28.49
N SER B 47 -17.41 -26.17 -29.74
CA SER B 47 -16.57 -26.64 -30.84
C SER B 47 -15.99 -25.43 -31.57
N VAL B 48 -14.68 -25.19 -31.38
CA VAL B 48 -13.98 -24.21 -32.18
C VAL B 48 -13.92 -24.70 -33.61
N LYS B 49 -14.25 -23.84 -34.54
CA LYS B 49 -14.18 -24.15 -35.96
C LYS B 49 -13.43 -23.01 -36.61
N LYS B 50 -12.69 -23.32 -37.67
CA LYS B 50 -12.00 -22.25 -38.36
C LYS B 50 -13.03 -21.35 -39.03
N LEU B 51 -12.85 -20.05 -38.85
CA LEU B 51 -13.78 -19.04 -39.35
C LEU B 51 -13.97 -19.19 -40.86
N THR B 52 -15.12 -19.68 -41.30
CA THR B 52 -15.37 -19.84 -42.73
C THR B 52 -15.51 -18.48 -43.39
N LYS B 53 -15.82 -18.48 -44.69
CA LYS B 53 -16.11 -17.25 -45.41
C LYS B 53 -17.61 -17.01 -45.55
N LYS B 54 -18.42 -18.04 -45.25
CA LYS B 54 -19.85 -17.89 -45.02
C LYS B 54 -20.12 -17.02 -43.78
N ASP B 55 -19.36 -17.22 -42.70
CA ASP B 55 -19.64 -16.50 -41.48
C ASP B 55 -19.61 -15.00 -41.71
N ILE B 56 -18.60 -14.53 -42.44
CA ILE B 56 -18.53 -13.10 -42.73
C ILE B 56 -19.75 -12.69 -43.53
N GLU B 57 -20.15 -13.52 -44.49
CA GLU B 57 -21.36 -13.23 -45.23
C GLU B 57 -22.57 -13.20 -44.31
N ASP B 58 -22.53 -13.98 -43.25
CA ASP B 58 -23.65 -14.06 -42.31
C ASP B 58 -23.60 -12.93 -41.30
N THR B 59 -22.39 -12.56 -40.86
CA THR B 59 -22.22 -11.43 -39.97
C THR B 59 -22.80 -10.15 -40.54
N LEU B 60 -22.83 -10.03 -41.87
CA LEU B 60 -23.49 -8.90 -42.52
C LEU B 60 -25.00 -9.09 -42.60
N SER B 61 -25.46 -10.32 -42.80
CA SER B 61 -26.89 -10.57 -42.90
C SER B 61 -27.58 -10.24 -41.59
N GLY B 62 -27.08 -10.78 -40.48
CA GLY B 62 -27.75 -10.63 -39.21
C GLY B 62 -27.92 -9.19 -38.77
N ILE B 63 -26.99 -8.31 -39.16
CA ILE B 63 -27.07 -6.91 -38.77
C ILE B 63 -28.37 -6.29 -39.27
N GLN B 64 -28.79 -6.64 -40.48
CA GLN B 64 -29.95 -5.99 -41.07
C GLN B 64 -31.27 -6.63 -40.66
N THR B 65 -31.25 -7.81 -40.06
CA THR B 65 -32.47 -8.51 -39.69
C THR B 65 -32.65 -8.68 -38.19
N ALA B 66 -31.78 -8.08 -37.38
CA ALA B 66 -31.74 -8.34 -35.95
C ALA B 66 -32.32 -7.18 -35.20
N GLY B 67 -33.08 -7.48 -34.16
CA GLY B 67 -33.63 -6.45 -33.29
C GLY B 67 -32.59 -5.45 -32.85
N CYS B 68 -32.86 -4.16 -33.02
CA CYS B 68 -31.98 -3.12 -32.52
C CYS B 68 -32.27 -2.79 -31.07
N GLY B 69 -33.25 -3.47 -30.47
CA GLY B 69 -33.63 -3.15 -29.11
C GLY B 69 -32.85 -3.93 -28.08
N SER B 70 -33.55 -4.47 -27.08
CA SER B 70 -32.92 -5.29 -26.07
C SER B 70 -32.91 -6.75 -26.42
N THR B 71 -33.08 -7.07 -27.70
CA THR B 71 -32.88 -8.42 -28.19
C THR B 71 -31.75 -8.49 -29.20
N PHE B 72 -30.84 -7.52 -29.22
CA PHE B 72 -29.87 -7.46 -30.30
C PHE B 72 -28.99 -8.69 -30.33
N PHE B 73 -28.64 -9.25 -29.19
CA PHE B 73 -27.75 -10.39 -29.19
C PHE B 73 -28.49 -11.72 -29.30
N ARG B 74 -29.70 -11.80 -28.80
CA ARG B 74 -30.41 -13.06 -28.94
C ARG B 74 -30.83 -13.28 -30.39
N ASP B 75 -31.22 -12.24 -31.09
CA ASP B 75 -31.58 -12.39 -32.49
C ASP B 75 -30.39 -12.76 -33.34
N LEU B 76 -29.27 -12.05 -33.19
CA LEU B 76 -28.07 -12.39 -33.95
C LEU B 76 -27.77 -13.86 -33.71
N GLY B 77 -27.32 -14.19 -32.52
CA GLY B 77 -27.12 -15.58 -32.16
C GLY B 77 -25.79 -16.05 -32.66
N ASP B 78 -25.79 -17.01 -33.56
CA ASP B 78 -24.53 -17.44 -34.14
C ASP B 78 -24.09 -16.60 -35.32
N LYS B 79 -24.94 -15.71 -35.84
CA LYS B 79 -24.51 -14.80 -36.89
C LYS B 79 -23.88 -13.57 -36.24
N GLY B 80 -22.61 -13.67 -35.88
CA GLY B 80 -21.97 -12.48 -35.38
C GLY B 80 -20.52 -12.68 -35.01
N LEU B 81 -19.83 -11.59 -34.76
CA LEU B 81 -18.41 -11.63 -34.48
C LEU B 81 -18.09 -10.60 -33.42
N ILE B 82 -17.32 -11.00 -32.42
CA ILE B 82 -16.92 -10.14 -31.33
C ILE B 82 -15.47 -10.45 -31.00
N SER B 83 -14.58 -9.52 -31.28
CA SER B 83 -13.16 -9.70 -31.04
C SER B 83 -12.89 -9.76 -29.54
N TYR B 84 -11.65 -10.11 -29.18
CA TYR B 84 -11.34 -10.17 -27.76
C TYR B 84 -11.37 -8.79 -27.15
N THR B 85 -10.97 -7.78 -27.92
CA THR B 85 -10.99 -6.42 -27.42
C THR B 85 -12.42 -5.95 -27.21
N GLU B 86 -13.30 -6.26 -28.16
CA GLU B 86 -14.71 -5.96 -27.99
C GLU B 86 -15.29 -6.67 -26.79
N TYR B 87 -15.03 -7.97 -26.66
CA TYR B 87 -15.60 -8.73 -25.55
C TYR B 87 -15.27 -8.07 -24.23
N LEU B 88 -13.99 -7.78 -24.00
CA LEU B 88 -13.59 -7.04 -22.80
C LEU B 88 -14.43 -5.78 -22.64
N PHE B 89 -14.55 -5.02 -23.72
CA PHE B 89 -15.33 -3.79 -23.70
C PHE B 89 -16.76 -4.07 -23.26
N LEU B 90 -17.37 -5.12 -23.81
CA LEU B 90 -18.74 -5.42 -23.45
C LEU B 90 -18.84 -5.88 -22.01
N LEU B 91 -17.83 -6.58 -21.51
CA LEU B 91 -17.90 -7.05 -20.14
C LEU B 91 -17.86 -5.89 -19.17
N THR B 92 -17.09 -4.88 -19.51
CA THR B 92 -16.96 -3.73 -18.64
C THR B 92 -18.28 -2.98 -18.52
N ILE B 93 -19.03 -2.92 -19.63
CA ILE B 93 -20.35 -2.30 -19.63
C ILE B 93 -21.27 -2.96 -18.61
N LEU B 94 -21.06 -4.24 -18.33
CA LEU B 94 -22.00 -5.05 -17.57
C LEU B 94 -21.59 -5.25 -16.13
N THR B 95 -20.32 -5.04 -15.82
CA THR B 95 -19.79 -5.29 -14.50
C THR B 95 -19.41 -4.01 -13.76
N LYS B 96 -19.43 -2.86 -14.42
CA LYS B 96 -19.16 -1.56 -13.84
C LYS B 96 -19.67 -0.45 -14.74
N PRO B 97 -20.98 -0.39 -14.98
CA PRO B 97 -21.52 0.44 -16.09
C PRO B 97 -21.30 1.94 -15.94
N HIS B 98 -20.47 2.32 -14.98
CA HIS B 98 -20.38 3.68 -14.49
C HIS B 98 -18.95 4.17 -14.53
N SER B 99 -18.17 3.66 -15.48
CA SER B 99 -16.80 4.10 -15.63
C SER B 99 -16.73 5.44 -16.36
N GLY B 100 -17.76 6.27 -16.18
CA GLY B 100 -17.85 7.56 -16.85
C GLY B 100 -17.57 7.44 -18.32
N PHE B 101 -18.22 6.48 -18.96
CA PHE B 101 -18.07 6.32 -20.40
C PHE B 101 -18.37 7.62 -21.10
N HIS B 102 -19.18 8.48 -20.47
CA HIS B 102 -19.51 9.76 -21.10
C HIS B 102 -18.26 10.60 -21.28
N VAL B 103 -17.46 10.74 -20.23
CA VAL B 103 -16.29 11.61 -20.35
C VAL B 103 -15.27 10.98 -21.29
N ALA B 104 -15.22 9.65 -21.34
CA ALA B 104 -14.34 8.99 -22.30
C ALA B 104 -14.85 9.19 -23.71
N PHE B 105 -16.15 9.03 -23.91
CA PHE B 105 -16.74 9.32 -25.21
C PHE B 105 -16.47 10.75 -25.64
N LYS B 106 -16.46 11.68 -24.67
CA LYS B 106 -16.32 13.09 -24.97
C LYS B 106 -14.87 13.50 -25.22
N MET B 107 -13.91 12.66 -24.83
CA MET B 107 -12.51 12.98 -25.09
C MET B 107 -12.08 12.61 -26.50
N LEU B 108 -12.62 11.54 -27.06
CA LEU B 108 -12.46 11.23 -28.47
C LEU B 108 -13.55 11.89 -29.29
N ASP B 109 -14.27 12.84 -28.68
CA ASP B 109 -15.32 13.59 -29.34
C ASP B 109 -14.72 14.21 -30.59
N THR B 110 -15.41 14.12 -31.71
CA THR B 110 -14.94 14.80 -32.91
C THR B 110 -15.71 16.10 -33.05
N ASP B 111 -14.97 17.16 -33.27
CA ASP B 111 -15.55 18.48 -33.60
C ASP B 111 -16.56 18.83 -32.52
N GLY B 112 -16.38 18.33 -31.31
CA GLY B 112 -17.28 18.62 -30.17
C GLY B 112 -18.75 18.34 -30.46
N ASN B 113 -19.14 17.34 -31.23
CA ASN B 113 -20.57 17.09 -31.51
C ASN B 113 -21.02 15.89 -30.69
N GLU B 114 -20.19 15.45 -29.76
CA GLU B 114 -20.51 14.26 -28.93
C GLU B 114 -20.81 13.06 -29.83
N MET B 115 -19.88 12.74 -30.72
CA MET B 115 -19.98 11.52 -31.54
C MET B 115 -18.57 11.14 -32.00
N ILE B 116 -18.31 9.87 -32.27
CA ILE B 116 -16.96 9.44 -32.62
C ILE B 116 -17.04 8.74 -33.97
N GLU B 117 -15.92 8.72 -34.68
CA GLU B 117 -15.81 8.01 -35.94
C GLU B 117 -15.12 6.67 -35.70
N LYS B 118 -15.29 5.76 -36.66
CA LYS B 118 -14.83 4.39 -36.49
C LYS B 118 -13.36 4.35 -36.09
N ARG B 119 -12.57 5.30 -36.56
CA ARG B 119 -11.14 5.29 -36.28
C ARG B 119 -10.88 5.27 -34.77
N GLU B 120 -11.52 6.17 -34.02
CA GLU B 120 -11.31 6.21 -32.58
C GLU B 120 -12.10 5.16 -31.84
N PHE B 121 -12.55 4.11 -32.52
CA PHE B 121 -13.28 3.07 -31.82
C PHE B 121 -12.31 2.28 -30.96
N PHE B 122 -11.41 1.53 -31.59
CA PHE B 122 -10.41 0.72 -30.90
C PHE B 122 -9.83 1.41 -29.67
N LYS B 123 -9.58 2.71 -29.73
CA LYS B 123 -9.18 3.44 -28.54
C LYS B 123 -10.30 3.45 -27.51
N LEU B 124 -11.53 3.68 -27.96
CA LEU B 124 -12.62 3.86 -27.00
C LEU B 124 -12.85 2.59 -26.20
N GLN B 125 -12.79 1.43 -26.85
CA GLN B 125 -12.83 0.17 -26.11
C GLN B 125 -11.63 0.07 -25.20
N LYS B 126 -10.47 0.53 -25.67
CA LYS B 126 -9.22 0.26 -24.98
C LYS B 126 -9.13 1.06 -23.68
N ILE B 127 -9.54 2.34 -23.69
CA ILE B 127 -9.40 3.14 -22.49
C ILE B 127 -10.42 2.73 -21.45
N ILE B 128 -11.59 2.27 -21.87
CA ILE B 128 -12.64 1.90 -20.92
C ILE B 128 -12.37 0.50 -20.34
N SER B 129 -12.11 -0.48 -21.19
CA SER B 129 -11.99 -1.87 -20.73
C SER B 129 -10.66 -2.17 -20.04
N LYS B 130 -9.70 -1.27 -20.12
CA LYS B 130 -8.37 -1.51 -19.59
C LYS B 130 -8.14 -0.53 -18.44
N GLN B 131 -7.64 -1.06 -17.33
CA GLN B 131 -7.35 -0.29 -16.10
C GLN B 131 -8.52 0.60 -15.66
N THR B 142 -5.40 -18.82 -20.09
CA THR B 142 -5.36 -19.49 -21.39
C THR B 142 -5.01 -18.47 -22.46
N GLY B 143 -4.38 -18.92 -23.55
CA GLY B 143 -4.18 -18.09 -24.72
C GLY B 143 -3.37 -16.83 -24.52
N TYR B 144 -2.05 -16.97 -24.39
CA TYR B 144 -1.18 -15.82 -24.19
C TYR B 144 -1.28 -14.85 -25.38
N GLN B 145 -0.81 -15.31 -26.55
CA GLN B 145 -0.94 -14.57 -27.81
C GLN B 145 -2.25 -14.88 -28.53
N GLU B 146 -2.94 -15.95 -28.15
CA GLU B 146 -4.29 -16.21 -28.65
C GLU B 146 -5.27 -15.13 -28.18
N ALA B 147 -4.86 -14.45 -27.13
CA ALA B 147 -5.64 -13.35 -26.53
C ALA B 147 -4.70 -12.16 -26.26
N ILE B 148 -4.89 -11.03 -26.93
CA ILE B 148 -4.08 -9.80 -26.76
C ILE B 148 -4.83 -8.60 -27.39
N VAL B 149 -4.32 -7.39 -27.18
CA VAL B 149 -4.91 -6.12 -27.68
C VAL B 149 -4.67 -5.95 -29.19
N LYS B 150 -3.87 -6.79 -29.82
CA LYS B 150 -3.46 -6.55 -31.21
C LYS B 150 -4.66 -6.23 -32.11
N GLU B 151 -4.42 -5.29 -33.04
CA GLU B 151 -5.39 -4.73 -33.99
C GLU B 151 -5.93 -5.80 -34.93
N PRO B 152 -7.18 -5.66 -35.44
CA PRO B 152 -7.82 -6.62 -36.33
C PRO B 152 -8.02 -6.12 -37.76
N GLU B 153 -8.29 -7.05 -38.68
CA GLU B 153 -8.55 -6.71 -40.10
C GLU B 153 -9.91 -7.29 -40.45
N ILE B 154 -10.62 -7.78 -39.44
CA ILE B 154 -11.92 -8.40 -39.63
C ILE B 154 -12.97 -7.41 -39.15
N ASN B 155 -14.08 -7.32 -39.88
CA ASN B 155 -15.18 -6.40 -39.55
C ASN B 155 -16.16 -7.11 -38.63
N THR B 156 -16.18 -6.73 -37.36
CA THR B 156 -16.98 -7.40 -36.37
C THR B 156 -18.38 -6.80 -36.28
N THR B 157 -19.26 -7.47 -35.54
CA THR B 157 -20.67 -7.10 -35.52
C THR B 157 -20.87 -5.71 -34.93
N LEU B 158 -20.25 -5.43 -33.80
CA LEU B 158 -20.39 -4.11 -33.20
C LEU B 158 -19.97 -3.02 -34.18
N GLN B 159 -18.85 -3.21 -34.86
CA GLN B 159 -18.36 -2.17 -35.77
C GLN B 159 -19.33 -1.91 -36.90
N MET B 160 -19.95 -2.96 -37.44
CA MET B 160 -20.90 -2.78 -38.53
C MET B 160 -22.14 -2.04 -38.03
N ARG B 161 -22.54 -2.32 -36.81
CA ARG B 161 -23.78 -1.74 -36.30
C ARG B 161 -23.56 -0.30 -35.89
N PHE B 162 -22.45 -0.04 -35.21
CA PHE B 162 -22.18 1.29 -34.69
C PHE B 162 -21.95 2.28 -35.83
N PHE B 163 -20.95 2.00 -36.66
CA PHE B 163 -20.50 2.94 -37.69
C PHE B 163 -20.76 2.42 -39.10
N GLY B 164 -21.72 1.53 -39.29
CA GLY B 164 -22.05 1.13 -40.65
C GLY B 164 -21.06 0.22 -41.35
N LYS B 165 -21.57 -0.55 -42.32
CA LYS B 165 -20.78 -1.61 -42.96
C LYS B 165 -19.47 -1.07 -43.50
N ARG B 166 -19.57 -0.03 -44.31
CA ARG B 166 -18.45 0.71 -44.87
C ARG B 166 -17.66 1.47 -43.82
N GLY B 167 -18.18 1.65 -42.62
CA GLY B 167 -17.47 2.38 -41.59
C GLY B 167 -17.69 3.87 -41.62
N GLN B 168 -18.53 4.38 -42.51
CA GLN B 168 -18.65 5.82 -42.73
C GLN B 168 -19.66 6.48 -41.82
N ARG B 169 -20.46 5.72 -41.09
CA ARG B 169 -21.37 6.28 -40.13
C ARG B 169 -20.60 6.79 -38.90
N LYS B 170 -21.32 7.51 -38.04
CA LYS B 170 -20.79 8.03 -36.80
C LYS B 170 -21.70 7.59 -35.67
N LEU B 171 -21.15 7.53 -34.45
CA LEU B 171 -21.83 6.98 -33.28
C LEU B 171 -22.09 8.10 -32.29
N HIS B 172 -23.34 8.51 -32.14
CA HIS B 172 -23.64 9.53 -31.14
C HIS B 172 -23.72 8.90 -29.77
N TYR B 173 -23.35 9.68 -28.75
CA TYR B 173 -23.39 9.18 -27.38
C TYR B 173 -24.79 8.71 -26.99
N LYS B 174 -25.84 9.38 -27.49
CA LYS B 174 -27.20 8.94 -27.19
C LYS B 174 -27.38 7.48 -27.62
N GLU B 175 -27.02 7.17 -28.86
CA GLU B 175 -27.10 5.79 -29.35
C GLU B 175 -26.23 4.86 -28.53
N PHE B 176 -25.11 5.36 -28.02
CA PHE B 176 -24.24 4.51 -27.22
C PHE B 176 -24.74 4.36 -25.80
N ARG B 177 -25.48 5.33 -25.27
CA ARG B 177 -26.10 5.06 -23.98
C ARG B 177 -27.26 4.10 -24.17
N ARG B 178 -28.07 4.32 -25.20
CA ARG B 178 -29.13 3.39 -25.50
C ARG B 178 -28.61 1.99 -25.73
N PHE B 179 -27.36 1.85 -26.18
CA PHE B 179 -26.83 0.51 -26.40
C PHE B 179 -26.37 -0.13 -25.10
N MET B 180 -25.80 0.62 -24.18
CA MET B 180 -25.44 -0.01 -22.93
C MET B 180 -26.66 -0.41 -22.13
N GLU B 181 -27.65 0.47 -22.04
CA GLU B 181 -28.86 0.14 -21.31
C GLU B 181 -29.52 -1.11 -21.88
N ASN B 182 -29.73 -1.14 -23.19
CA ASN B 182 -30.30 -2.32 -23.84
C ASN B 182 -29.47 -3.56 -23.59
N LEU B 183 -28.14 -3.45 -23.58
CA LEU B 183 -27.31 -4.62 -23.28
C LEU B 183 -27.52 -5.09 -21.86
N GLN B 184 -27.62 -4.17 -20.92
CA GLN B 184 -27.94 -4.58 -19.56
C GLN B 184 -29.32 -5.21 -19.52
N THR B 185 -30.29 -4.58 -20.19
CA THR B 185 -31.64 -5.09 -20.16
C THR B 185 -31.73 -6.47 -20.74
N GLU B 186 -30.91 -6.78 -21.73
CA GLU B 186 -30.99 -8.08 -22.37
C GLU B 186 -30.52 -9.19 -21.43
N ILE B 187 -29.45 -8.97 -20.68
CA ILE B 187 -28.97 -9.99 -19.74
C ILE B 187 -29.97 -10.22 -18.62
N GLN B 188 -30.61 -9.16 -18.14
CA GLN B 188 -31.64 -9.28 -17.11
C GLN B 188 -32.84 -10.05 -17.63
N GLU B 189 -33.30 -9.72 -18.83
CA GLU B 189 -34.38 -10.47 -19.43
C GLU B 189 -33.96 -11.89 -19.72
N MET B 190 -32.71 -12.10 -20.09
CA MET B 190 -32.29 -13.45 -20.44
C MET B 190 -32.04 -14.30 -19.21
N GLU B 191 -31.45 -13.72 -18.17
CA GLU B 191 -31.23 -14.46 -16.95
C GLU B 191 -32.54 -14.76 -16.26
N PHE B 192 -33.54 -13.91 -16.44
CA PHE B 192 -34.83 -14.17 -15.84
C PHE B 192 -35.32 -15.55 -16.21
N LEU B 193 -35.31 -15.85 -17.51
CA LEU B 193 -35.91 -17.08 -17.97
C LEU B 193 -35.01 -18.28 -17.67
N GLN B 194 -33.69 -18.09 -17.65
CA GLN B 194 -32.82 -19.21 -17.38
C GLN B 194 -33.04 -19.72 -15.98
N PHE B 195 -33.29 -18.79 -15.08
CA PHE B 195 -33.41 -19.10 -13.67
C PHE B 195 -34.85 -19.32 -13.25
N SER B 196 -35.80 -18.83 -14.02
CA SER B 196 -37.20 -19.11 -13.78
C SER B 196 -37.65 -20.38 -14.45
N LYS B 197 -36.73 -21.09 -15.08
CA LYS B 197 -36.97 -22.37 -15.72
C LYS B 197 -37.96 -22.27 -16.85
N GLY B 198 -38.21 -21.08 -17.36
CA GLY B 198 -39.08 -20.89 -18.48
C GLY B 198 -40.43 -20.35 -18.12
N LEU B 199 -40.83 -20.49 -16.85
CA LEU B 199 -42.07 -19.92 -16.37
C LEU B 199 -41.96 -18.41 -16.42
N SER B 200 -43.09 -17.74 -16.40
CA SER B 200 -43.06 -16.29 -16.54
C SER B 200 -42.89 -15.58 -15.22
N PHE B 201 -42.79 -16.31 -14.12
CA PHE B 201 -42.58 -15.71 -12.82
C PHE B 201 -41.49 -16.46 -12.08
N MET B 202 -40.43 -15.77 -11.72
CA MET B 202 -39.44 -16.33 -10.83
C MET B 202 -40.10 -16.70 -9.52
N ARG B 203 -39.72 -17.85 -8.98
CA ARG B 203 -40.05 -18.21 -7.62
C ARG B 203 -39.10 -17.49 -6.70
N LYS B 204 -39.54 -17.23 -5.47
CA LYS B 204 -38.62 -16.76 -4.46
C LYS B 204 -37.39 -17.67 -4.38
N GLU B 205 -37.58 -18.99 -4.55
CA GLU B 205 -36.45 -19.91 -4.49
C GLU B 205 -35.54 -19.77 -5.70
N ASP B 206 -36.11 -19.44 -6.86
CA ASP B 206 -35.34 -19.26 -8.08
C ASP B 206 -34.58 -17.96 -8.08
N PHE B 207 -35.16 -16.90 -7.53
CA PHE B 207 -34.44 -15.66 -7.36
C PHE B 207 -33.21 -15.86 -6.51
N ALA B 208 -33.34 -16.65 -5.44
CA ALA B 208 -32.17 -16.94 -4.61
C ALA B 208 -31.09 -17.67 -5.41
N GLU B 209 -31.45 -18.70 -6.15
CA GLU B 209 -30.45 -19.37 -6.97
C GLU B 209 -29.74 -18.40 -7.88
N TRP B 210 -30.47 -17.44 -8.46
CA TRP B 210 -29.85 -16.39 -9.27
C TRP B 210 -28.88 -15.60 -8.43
N LEU B 211 -29.37 -14.99 -7.37
CA LEU B 211 -28.56 -14.10 -6.55
C LEU B 211 -27.27 -14.77 -6.12
N LEU B 212 -27.34 -16.04 -5.73
CA LEU B 212 -26.19 -16.77 -5.18
C LEU B 212 -25.56 -17.70 -6.20
N PHE B 213 -25.52 -17.33 -7.47
CA PHE B 213 -24.94 -18.20 -8.48
C PHE B 213 -23.43 -18.09 -8.50
N PHE B 214 -22.92 -16.90 -8.25
CA PHE B 214 -21.49 -16.65 -8.21
C PHE B 214 -20.96 -16.55 -6.79
N THR B 215 -21.74 -16.95 -5.79
CA THR B 215 -21.30 -16.91 -4.41
C THR B 215 -20.70 -18.25 -4.03
N ASN B 216 -19.41 -18.24 -3.72
CA ASN B 216 -18.68 -19.43 -3.32
C ASN B 216 -17.84 -19.14 -2.08
N THR B 217 -18.29 -18.21 -1.25
CA THR B 217 -17.59 -17.78 -0.04
C THR B 217 -17.81 -18.79 1.08
N GLU B 218 -17.42 -18.44 2.31
CA GLU B 218 -17.41 -19.41 3.39
C GLU B 218 -18.73 -19.57 4.11
N ASN B 219 -19.70 -18.72 3.85
CA ASN B 219 -20.99 -18.82 4.52
C ASN B 219 -22.07 -19.31 3.58
N LYS B 220 -21.71 -19.93 2.47
CA LYS B 220 -22.76 -20.39 1.59
C LYS B 220 -23.58 -21.51 2.22
N ASP B 221 -23.15 -22.12 3.33
CA ASP B 221 -24.03 -23.11 3.89
C ASP B 221 -25.20 -22.49 4.62
N ILE B 222 -25.04 -21.29 5.17
CA ILE B 222 -26.17 -20.68 5.83
C ILE B 222 -27.14 -20.06 4.83
N TYR B 223 -26.60 -19.33 3.85
CA TYR B 223 -27.43 -18.77 2.79
C TYR B 223 -28.31 -19.86 2.22
N TRP B 224 -27.70 -20.98 1.81
CA TRP B 224 -28.45 -22.00 1.09
C TRP B 224 -29.37 -22.76 2.03
N LYS B 225 -28.94 -23.00 3.26
CA LYS B 225 -29.84 -23.60 4.24
C LYS B 225 -31.08 -22.75 4.47
N ASN B 226 -30.92 -21.42 4.48
CA ASN B 226 -32.08 -20.54 4.62
C ASN B 226 -32.98 -20.63 3.40
N VAL B 227 -32.40 -20.75 2.21
CA VAL B 227 -33.20 -20.87 1.00
C VAL B 227 -34.11 -22.07 1.12
N ARG B 228 -33.57 -23.19 1.59
CA ARG B 228 -34.30 -24.45 1.56
C ARG B 228 -35.31 -24.53 2.70
N GLU B 229 -34.85 -24.28 3.90
CA GLU B 229 -35.71 -24.31 5.07
C GLU B 229 -36.64 -23.10 5.10
N LYS B 230 -36.07 -21.94 5.37
CA LYS B 230 -36.79 -20.69 5.71
C LYS B 230 -37.39 -19.90 4.55
N LEU B 231 -37.36 -20.31 3.31
CA LEU B 231 -37.97 -19.41 2.29
C LEU B 231 -38.63 -20.24 1.19
N SER B 232 -39.80 -20.80 1.41
CA SER B 232 -40.37 -21.59 0.29
C SER B 232 -41.86 -21.32 0.06
N ALA B 233 -42.38 -20.14 0.36
CA ALA B 233 -43.80 -19.90 0.02
C ALA B 233 -44.02 -18.40 -0.20
N GLY B 234 -44.78 -17.98 -1.20
CA GLY B 234 -45.01 -16.55 -1.30
C GLY B 234 -45.57 -16.15 -2.66
N GLU B 235 -45.70 -14.85 -2.83
CA GLU B 235 -46.01 -14.22 -4.11
C GLU B 235 -44.79 -14.20 -5.02
N SER B 236 -44.92 -14.68 -6.25
CA SER B 236 -43.73 -14.85 -7.07
C SER B 236 -43.24 -13.52 -7.62
N ILE B 237 -42.03 -13.54 -8.19
CA ILE B 237 -41.27 -12.35 -8.54
C ILE B 237 -41.35 -12.13 -10.03
N SER B 238 -41.85 -10.97 -10.45
CA SER B 238 -42.09 -10.77 -11.87
C SER B 238 -40.87 -10.16 -12.52
N LEU B 239 -40.89 -10.15 -13.86
CA LEU B 239 -39.76 -9.62 -14.61
C LEU B 239 -39.44 -8.20 -14.20
N ASP B 240 -40.44 -7.32 -14.16
CA ASP B 240 -40.16 -5.94 -13.81
C ASP B 240 -39.85 -5.76 -12.34
N GLU B 241 -40.31 -6.67 -11.48
CA GLU B 241 -39.87 -6.70 -10.10
C GLU B 241 -38.41 -7.09 -10.01
N PHE B 242 -37.93 -7.87 -10.97
CA PHE B 242 -36.59 -8.44 -10.97
C PHE B 242 -35.62 -7.44 -11.52
N LYS B 243 -35.90 -6.94 -12.73
CA LYS B 243 -35.12 -5.86 -13.32
C LYS B 243 -34.86 -4.74 -12.35
N SER B 244 -35.88 -4.38 -11.56
CA SER B 244 -35.73 -3.28 -10.62
C SER B 244 -34.74 -3.61 -9.50
N PHE B 245 -34.66 -4.87 -9.09
CA PHE B 245 -33.57 -5.28 -8.21
C PHE B 245 -32.23 -5.16 -8.92
N CYS B 246 -32.14 -5.67 -10.16
CA CYS B 246 -30.88 -5.57 -10.89
C CYS B 246 -30.43 -4.13 -11.02
N HIS B 247 -31.35 -3.25 -11.37
CA HIS B 247 -30.97 -1.87 -11.52
C HIS B 247 -30.60 -1.26 -10.18
N PHE B 248 -30.96 -1.92 -9.08
CA PHE B 248 -30.50 -1.48 -7.77
C PHE B 248 -29.07 -1.95 -7.51
N THR B 249 -28.75 -3.19 -7.89
CA THR B 249 -27.42 -3.71 -7.64
C THR B 249 -26.33 -2.88 -8.29
N THR B 250 -26.64 -2.12 -9.34
CA THR B 250 -25.63 -1.28 -9.98
C THR B 250 -25.32 -0.04 -9.15
N HIS B 251 -26.31 0.50 -8.42
CA HIS B 251 -26.14 1.67 -7.56
C HIS B 251 -25.64 1.34 -6.16
N LEU B 252 -25.03 0.18 -5.96
CA LEU B 252 -24.84 -0.29 -4.59
C LEU B 252 -23.85 0.55 -3.80
N GLU B 253 -23.00 1.34 -4.44
CA GLU B 253 -21.98 2.03 -3.67
C GLU B 253 -22.58 3.14 -2.80
N ASP B 254 -23.52 3.90 -3.35
CA ASP B 254 -24.32 4.77 -2.47
C ASP B 254 -25.07 3.95 -1.44
N PHE B 255 -25.45 2.72 -1.77
CA PHE B 255 -26.01 1.84 -0.76
C PHE B 255 -24.98 1.48 0.28
N ALA B 256 -23.81 1.02 -0.15
CA ALA B 256 -22.77 0.65 0.79
C ALA B 256 -22.52 1.76 1.80
N ILE B 257 -22.58 3.02 1.36
CA ILE B 257 -22.32 4.14 2.25
C ILE B 257 -23.42 4.24 3.30
N ALA B 258 -24.66 4.27 2.86
CA ALA B 258 -25.78 4.32 3.79
C ALA B 258 -25.78 3.13 4.73
N MET B 259 -25.17 2.04 4.33
CA MET B 259 -25.07 0.91 5.24
C MET B 259 -24.02 1.16 6.30
N GLN B 260 -22.85 1.62 5.87
CA GLN B 260 -21.78 1.90 6.82
C GLN B 260 -22.26 2.84 7.91
N MET B 261 -22.92 3.93 7.51
CA MET B 261 -23.49 4.86 8.47
C MET B 261 -24.45 4.20 9.43
N PHE B 262 -25.03 3.07 9.08
CA PHE B 262 -25.82 2.40 10.11
C PHE B 262 -24.96 1.64 11.08
N SER B 263 -23.78 1.18 10.65
CA SER B 263 -22.92 0.49 11.58
C SER B 263 -22.33 1.48 12.59
N LEU B 264 -21.74 2.57 12.08
CA LEU B 264 -21.22 3.65 12.89
C LEU B 264 -22.26 4.27 13.80
N ALA B 265 -23.53 3.96 13.60
CA ALA B 265 -24.59 4.37 14.50
C ALA B 265 -25.00 3.25 15.41
N HIS B 266 -24.25 2.14 15.40
CA HIS B 266 -24.58 1.00 16.22
C HIS B 266 -26.06 0.72 16.12
N ARG B 267 -26.56 0.78 14.90
CA ARG B 267 -27.96 0.56 14.61
C ARG B 267 -28.12 -0.73 13.82
N PRO B 268 -28.91 -1.68 14.31
CA PRO B 268 -29.21 -2.86 13.49
C PRO B 268 -30.06 -2.48 12.30
N VAL B 269 -29.78 -3.10 11.16
CA VAL B 269 -30.49 -2.79 9.93
C VAL B 269 -31.69 -3.73 9.86
N ARG B 270 -32.86 -3.22 10.22
CA ARG B 270 -34.07 -4.00 10.02
C ARG B 270 -34.68 -3.67 8.66
N LEU B 271 -35.84 -4.25 8.37
CA LEU B 271 -36.50 -4.03 7.09
C LEU B 271 -36.70 -2.56 6.81
N ALA B 272 -37.32 -1.84 7.74
CA ALA B 272 -37.61 -0.44 7.50
C ALA B 272 -36.36 0.36 7.25
N GLU B 273 -35.22 -0.05 7.80
CA GLU B 273 -33.96 0.63 7.49
C GLU B 273 -33.50 0.27 6.07
N PHE B 274 -33.60 -1.01 5.72
CA PHE B 274 -33.18 -1.46 4.41
C PHE B 274 -33.98 -0.76 3.33
N LYS B 275 -35.29 -0.62 3.55
CA LYS B 275 -36.12 0.07 2.58
C LYS B 275 -35.65 1.51 2.39
N ARG B 276 -35.15 2.12 3.45
CA ARG B 276 -34.71 3.51 3.37
C ARG B 276 -33.40 3.61 2.60
N ALA B 277 -32.44 2.74 2.91
CA ALA B 277 -31.15 2.77 2.23
C ALA B 277 -31.32 2.57 0.74
N VAL B 278 -32.39 1.92 0.33
CA VAL B 278 -32.61 1.68 -1.09
C VAL B 278 -33.10 2.95 -1.76
N LYS B 279 -34.04 3.66 -1.14
CA LYS B 279 -34.59 4.85 -1.76
C LYS B 279 -33.56 5.94 -1.87
N VAL B 280 -32.57 5.93 -0.98
CA VAL B 280 -31.53 6.95 -1.07
C VAL B 280 -30.50 6.54 -2.10
N ALA B 281 -30.20 5.26 -2.18
CA ALA B 281 -29.20 4.82 -3.15
C ALA B 281 -29.72 4.87 -4.57
N THR B 282 -30.99 4.51 -4.78
CA THR B 282 -31.52 4.37 -6.12
C THR B 282 -32.79 5.17 -6.42
N GLY B 283 -33.45 5.72 -5.42
CA GLY B 283 -34.65 6.48 -5.66
C GLY B 283 -35.90 5.66 -5.89
N GLN B 284 -35.78 4.34 -5.89
CA GLN B 284 -36.88 3.43 -6.17
C GLN B 284 -37.04 2.45 -5.01
N GLU B 285 -38.19 1.79 -4.92
CA GLU B 285 -38.40 0.80 -3.87
C GLU B 285 -38.60 -0.58 -4.47
N LEU B 286 -38.26 -1.60 -3.70
CA LEU B 286 -38.28 -2.99 -4.13
C LEU B 286 -39.58 -3.68 -3.79
N SER B 287 -39.93 -4.67 -4.59
CA SER B 287 -41.09 -5.51 -4.31
C SER B 287 -41.06 -6.00 -2.88
N ASN B 288 -42.23 -6.33 -2.34
CA ASN B 288 -42.23 -6.94 -1.02
C ASN B 288 -41.63 -8.33 -1.07
N ASN B 289 -41.80 -9.06 -2.14
CA ASN B 289 -41.29 -10.42 -2.16
C ASN B 289 -39.78 -10.47 -2.33
N ILE B 290 -39.16 -9.47 -2.94
CA ILE B 290 -37.71 -9.47 -2.94
C ILE B 290 -37.19 -9.11 -1.56
N LEU B 291 -37.70 -8.04 -0.96
CA LEU B 291 -37.29 -7.67 0.39
C LEU B 291 -37.39 -8.85 1.32
N ASP B 292 -38.49 -9.59 1.25
CA ASP B 292 -38.66 -10.71 2.17
C ASP B 292 -37.63 -11.80 1.90
N THR B 293 -37.28 -12.02 0.62
CA THR B 293 -36.32 -13.05 0.27
C THR B 293 -34.93 -12.67 0.72
N VAL B 294 -34.55 -11.43 0.51
CA VAL B 294 -33.22 -10.99 0.90
C VAL B 294 -33.07 -11.10 2.40
N PHE B 295 -34.10 -10.77 3.15
CA PHE B 295 -33.99 -10.85 4.60
C PHE B 295 -33.98 -12.30 5.08
N LYS B 296 -34.81 -13.16 4.52
CA LYS B 296 -34.91 -14.51 5.05
C LYS B 296 -33.60 -15.26 4.82
N ILE B 297 -32.95 -14.99 3.69
CA ILE B 297 -31.64 -15.56 3.41
C ILE B 297 -30.59 -15.01 4.37
N PHE B 298 -30.42 -13.69 4.43
CA PHE B 298 -29.28 -13.08 5.10
C PHE B 298 -29.55 -12.65 6.54
N ASP B 299 -30.73 -12.90 7.09
CA ASP B 299 -30.96 -12.77 8.53
C ASP B 299 -30.43 -14.02 9.22
N LEU B 300 -29.11 -14.06 9.37
CA LEU B 300 -28.49 -15.27 9.87
C LEU B 300 -28.97 -15.60 11.28
N ASP B 301 -28.89 -14.63 12.20
CA ASP B 301 -29.25 -14.88 13.58
C ASP B 301 -30.73 -15.15 13.77
N GLY B 302 -31.58 -14.74 12.83
CA GLY B 302 -33.01 -14.76 13.05
C GLY B 302 -33.55 -13.62 13.88
N ASP B 303 -32.70 -12.68 14.26
CA ASP B 303 -33.10 -11.52 15.05
C ASP B 303 -33.84 -10.49 14.22
N GLU B 304 -34.31 -10.87 13.04
CA GLU B 304 -34.94 -9.98 12.07
C GLU B 304 -34.02 -8.84 11.68
N CYS B 305 -32.72 -9.02 11.88
CA CYS B 305 -31.69 -8.06 11.54
C CYS B 305 -30.81 -8.63 10.45
N LEU B 306 -30.70 -7.93 9.35
CA LEU B 306 -29.99 -8.42 8.18
C LEU B 306 -28.50 -8.19 8.34
N SER B 307 -27.70 -9.18 7.93
CA SER B 307 -26.25 -9.06 7.85
C SER B 307 -25.87 -8.29 6.59
N HIS B 308 -25.83 -6.97 6.68
CA HIS B 308 -25.64 -6.21 5.47
C HIS B 308 -24.26 -6.44 4.88
N GLU B 309 -23.23 -6.60 5.70
CA GLU B 309 -21.89 -6.76 5.17
C GLU B 309 -21.78 -7.98 4.29
N GLU B 310 -22.54 -9.04 4.63
CA GLU B 310 -22.61 -10.28 3.86
C GLU B 310 -23.55 -10.16 2.68
N PHE B 311 -24.73 -9.57 2.88
CA PHE B 311 -25.60 -9.30 1.75
C PHE B 311 -24.87 -8.45 0.74
N LEU B 312 -23.99 -7.58 1.23
CA LEU B 312 -23.25 -6.70 0.34
C LEU B 312 -22.15 -7.44 -0.38
N GLY B 313 -21.65 -8.51 0.23
CA GLY B 313 -20.64 -9.32 -0.42
C GLY B 313 -21.19 -10.16 -1.54
N VAL B 314 -22.40 -10.71 -1.35
CA VAL B 314 -23.03 -11.49 -2.40
C VAL B 314 -23.35 -10.60 -3.59
N LEU B 315 -23.86 -9.39 -3.33
CA LEU B 315 -24.12 -8.45 -4.42
C LEU B 315 -22.88 -8.23 -5.27
N LYS B 316 -21.73 -8.09 -4.63
CA LYS B 316 -20.48 -7.91 -5.35
C LYS B 316 -20.08 -9.16 -6.12
N ASN B 317 -20.37 -10.35 -5.60
CA ASN B 317 -20.13 -11.58 -6.36
C ASN B 317 -20.95 -11.58 -7.63
N ARG B 318 -22.22 -11.21 -7.51
CA ARG B 318 -23.14 -11.26 -8.63
C ARG B 318 -22.86 -10.16 -9.63
N MET B 319 -22.49 -8.98 -9.17
CA MET B 319 -22.14 -7.90 -10.09
C MET B 319 -20.87 -8.23 -10.84
N HIS B 320 -19.90 -8.83 -10.17
CA HIS B 320 -18.62 -9.12 -10.80
C HIS B 320 -18.70 -10.32 -11.71
N ARG B 321 -19.76 -11.10 -11.61
CA ARG B 321 -20.00 -12.18 -12.56
C ARG B 321 -18.84 -13.18 -12.61
N GLY B 322 -18.03 -13.20 -11.57
CA GLY B 322 -17.00 -14.21 -11.47
C GLY B 322 -15.78 -13.92 -12.30
N LEU B 323 -15.49 -12.65 -12.55
CA LEU B 323 -14.31 -12.24 -13.30
C LEU B 323 -13.38 -11.38 -12.46
N TRP B 324 -13.72 -11.16 -11.19
CA TRP B 324 -13.04 -10.39 -10.13
C TRP B 324 -13.17 -8.88 -10.27
N VAL B 325 -13.99 -8.41 -11.21
CA VAL B 325 -14.18 -7.00 -11.45
C VAL B 325 -14.31 -6.15 -10.20
N MET C 9 -11.85 -50.16 -17.79
CA MET C 9 -10.39 -50.16 -17.78
C MET C 9 -9.78 -51.19 -18.70
N ASN C 10 -9.39 -50.74 -19.90
CA ASN C 10 -8.79 -51.58 -20.93
C ASN C 10 -7.83 -50.69 -21.71
N ILE C 11 -7.19 -51.26 -22.74
CA ILE C 11 -6.17 -50.52 -23.48
C ILE C 11 -6.72 -49.22 -24.04
N PHE C 12 -7.96 -49.24 -24.52
CA PHE C 12 -8.54 -48.02 -25.05
C PHE C 12 -8.77 -47.00 -23.96
N GLU C 13 -9.35 -47.41 -22.82
CA GLU C 13 -9.56 -46.48 -21.73
C GLU C 13 -8.25 -46.10 -21.05
N MET C 14 -7.25 -46.98 -21.12
CA MET C 14 -5.96 -46.65 -20.53
C MET C 14 -5.26 -45.57 -21.33
N LEU C 15 -5.42 -45.57 -22.66
CA LEU C 15 -4.77 -44.57 -23.49
C LEU C 15 -5.56 -43.28 -23.55
N ARG C 16 -6.88 -43.34 -23.30
CA ARG C 16 -7.66 -42.12 -23.22
C ARG C 16 -7.23 -41.32 -22.01
N ILE C 17 -6.94 -41.99 -20.90
CA ILE C 17 -6.45 -41.35 -19.69
C ILE C 17 -5.08 -40.74 -19.94
N ASP C 18 -4.21 -41.47 -20.65
CA ASP C 18 -2.84 -41.06 -20.88
C ASP C 18 -2.69 -40.01 -21.99
N GLU C 19 -3.66 -39.88 -22.90
CA GLU C 19 -3.44 -39.07 -24.09
C GLU C 19 -4.41 -37.91 -24.26
N GLY C 20 -5.17 -37.54 -23.24
CA GLY C 20 -6.03 -36.38 -23.39
C GLY C 20 -6.96 -36.60 -24.55
N LEU C 21 -7.54 -35.50 -25.03
CA LEU C 21 -8.29 -35.48 -26.28
C LEU C 21 -8.52 -34.04 -26.68
N ARG C 22 -7.90 -33.63 -27.79
CA ARG C 22 -7.97 -32.27 -28.27
C ARG C 22 -8.35 -32.35 -29.74
N LEU C 23 -9.55 -31.86 -30.09
CA LEU C 23 -10.09 -32.02 -31.44
C LEU C 23 -9.51 -31.04 -32.43
N LYS C 24 -8.48 -30.31 -32.04
CA LYS C 24 -7.79 -29.31 -32.83
C LYS C 24 -6.31 -29.66 -32.80
N ILE C 25 -5.63 -29.43 -33.92
CA ILE C 25 -4.20 -29.67 -33.95
C ILE C 25 -3.54 -28.98 -32.76
N TYR C 26 -2.57 -29.63 -32.15
CA TYR C 26 -1.80 -29.01 -31.10
C TYR C 26 -0.36 -29.49 -31.19
N LYS C 27 0.51 -28.81 -30.44
CA LYS C 27 1.93 -29.11 -30.44
C LYS C 27 2.21 -30.13 -29.35
N ASP C 28 2.93 -31.18 -29.70
CA ASP C 28 3.33 -32.26 -28.80
C ASP C 28 4.11 -31.71 -27.61
N THR C 29 4.43 -32.56 -26.64
CA THR C 29 5.40 -32.18 -25.61
C THR C 29 6.72 -31.83 -26.29
N GLU C 30 7.29 -32.79 -27.01
CA GLU C 30 8.37 -32.52 -27.95
C GLU C 30 7.98 -31.47 -28.98
N GLY C 31 6.69 -31.27 -29.20
CA GLY C 31 6.28 -30.16 -30.03
C GLY C 31 5.89 -30.52 -31.44
N TYR C 32 5.74 -31.80 -31.74
CA TYR C 32 5.27 -32.24 -33.05
C TYR C 32 3.76 -32.10 -33.07
N TYR C 33 3.23 -31.73 -34.23
CA TYR C 33 1.80 -31.50 -34.32
C TYR C 33 1.07 -32.81 -34.16
N THR C 34 0.17 -32.86 -33.18
CA THR C 34 -0.66 -34.02 -32.98
C THR C 34 -2.11 -33.56 -32.89
N ILE C 35 -3.03 -34.48 -33.18
CA ILE C 35 -4.46 -34.23 -33.08
C ILE C 35 -5.17 -35.48 -32.57
N GLY C 36 -6.36 -35.28 -32.01
CA GLY C 36 -7.15 -36.41 -31.52
C GLY C 36 -6.58 -37.04 -30.27
N ILE C 37 -6.63 -38.36 -30.21
CA ILE C 37 -6.14 -39.12 -29.06
C ILE C 37 -4.74 -39.63 -29.41
N GLY C 38 -3.75 -38.83 -29.07
CA GLY C 38 -2.37 -39.20 -29.31
C GLY C 38 -1.98 -39.35 -30.76
N HIS C 39 -2.79 -38.90 -31.70
CA HIS C 39 -2.45 -39.09 -33.10
C HIS C 39 -1.49 -38.00 -33.55
N LEU C 40 -0.31 -38.43 -33.99
CA LEU C 40 0.81 -37.57 -34.34
C LEU C 40 0.74 -37.31 -35.83
N LEU C 41 0.51 -36.06 -36.22
CA LEU C 41 0.31 -35.79 -37.64
C LEU C 41 1.62 -35.79 -38.41
N THR C 42 2.64 -35.09 -37.93
CA THR C 42 3.89 -35.03 -38.67
C THR C 42 4.98 -34.39 -37.83
N LYS C 43 6.21 -34.85 -38.02
CA LYS C 43 7.32 -34.25 -37.31
C LYS C 43 7.83 -32.96 -37.96
N SER C 44 7.28 -32.58 -39.12
CA SER C 44 7.62 -31.30 -39.72
C SER C 44 7.27 -30.16 -38.79
N PRO C 45 7.87 -28.97 -38.98
CA PRO C 45 7.47 -27.80 -38.24
C PRO C 45 6.45 -26.91 -38.96
N SER C 46 5.90 -27.39 -40.07
CA SER C 46 4.96 -26.63 -40.89
C SER C 46 3.54 -27.04 -40.51
N LEU C 47 2.78 -26.10 -39.94
CA LEU C 47 1.39 -26.40 -39.62
C LEU C 47 0.60 -26.79 -40.85
N ASN C 48 0.85 -26.11 -41.98
CA ASN C 48 0.15 -26.46 -43.21
C ASN C 48 0.47 -27.88 -43.65
N ALA C 49 1.68 -28.36 -43.35
CA ALA C 49 2.02 -29.75 -43.66
C ALA C 49 1.23 -30.71 -42.77
N ALA C 50 1.03 -30.34 -41.50
CA ALA C 50 0.31 -31.20 -40.57
C ALA C 50 -1.16 -31.28 -40.94
N LYS C 51 -1.81 -30.14 -41.18
CA LYS C 51 -3.23 -30.22 -41.53
C LYS C 51 -3.45 -30.74 -42.96
N SER C 52 -2.43 -30.71 -43.81
CA SER C 52 -2.54 -31.44 -45.06
C SER C 52 -2.58 -32.94 -44.82
N GLU C 53 -1.70 -33.42 -43.94
CA GLU C 53 -1.64 -34.83 -43.59
C GLU C 53 -2.87 -35.31 -42.84
N LEU C 54 -3.51 -34.41 -42.08
CA LEU C 54 -4.76 -34.76 -41.40
C LEU C 54 -5.92 -34.81 -42.38
N ASP C 55 -5.91 -33.92 -43.36
CA ASP C 55 -7.00 -33.90 -44.31
C ASP C 55 -6.98 -35.13 -45.20
N LYS C 56 -5.80 -35.71 -45.45
CA LYS C 56 -5.72 -36.97 -46.17
C LYS C 56 -6.16 -38.13 -45.32
N ALA C 57 -5.90 -38.08 -44.01
CA ALA C 57 -6.25 -39.21 -43.15
C ALA C 57 -7.75 -39.29 -42.92
N ILE C 58 -8.41 -38.14 -42.82
CA ILE C 58 -9.85 -38.14 -42.56
C ILE C 58 -10.63 -38.48 -43.82
N GLY C 59 -10.32 -37.79 -44.92
CA GLY C 59 -11.06 -37.97 -46.16
C GLY C 59 -11.96 -36.81 -46.54
N ARG C 60 -11.69 -35.62 -46.04
CA ARG C 60 -12.54 -34.45 -46.23
C ARG C 60 -11.69 -33.24 -45.87
N ASN C 61 -12.31 -32.07 -45.82
CA ASN C 61 -11.56 -30.89 -45.39
C ASN C 61 -11.81 -30.68 -43.90
N THR C 62 -10.84 -31.10 -43.09
CA THR C 62 -10.88 -30.85 -41.65
C THR C 62 -10.56 -29.40 -41.32
N ASN C 63 -9.51 -28.87 -41.95
CA ASN C 63 -9.01 -27.51 -41.72
C ASN C 63 -8.34 -27.34 -40.37
N GLY C 64 -7.95 -28.42 -39.71
CA GLY C 64 -7.33 -28.32 -38.40
C GLY C 64 -8.25 -28.67 -37.25
N VAL C 65 -9.49 -29.04 -37.53
CA VAL C 65 -10.49 -29.36 -36.53
C VAL C 65 -11.19 -30.62 -37.01
N ILE C 66 -11.41 -31.57 -36.12
CA ILE C 66 -12.08 -32.80 -36.49
C ILE C 66 -13.24 -33.06 -35.54
N THR C 67 -14.17 -33.90 -36.00
CA THR C 67 -15.36 -34.17 -35.22
C THR C 67 -15.04 -35.05 -34.04
N LYS C 68 -16.10 -35.41 -33.33
CA LYS C 68 -15.98 -36.26 -32.15
C LYS C 68 -15.70 -37.70 -32.55
N ASP C 69 -16.37 -38.18 -33.60
CA ASP C 69 -16.24 -39.56 -33.99
C ASP C 69 -14.99 -39.80 -34.83
N GLU C 70 -14.57 -38.80 -35.59
CA GLU C 70 -13.34 -38.91 -36.36
C GLU C 70 -12.19 -39.30 -35.44
N ALA C 71 -12.01 -38.57 -34.34
CA ALA C 71 -10.93 -38.85 -33.40
C ALA C 71 -10.99 -40.29 -32.89
N GLU C 72 -12.18 -40.87 -32.78
CA GLU C 72 -12.28 -42.26 -32.33
C GLU C 72 -11.88 -43.24 -33.43
N LYS C 73 -12.20 -42.90 -34.68
CA LYS C 73 -11.73 -43.69 -35.81
C LYS C 73 -10.21 -43.74 -35.83
N LEU C 74 -9.56 -42.58 -35.82
CA LEU C 74 -8.10 -42.53 -35.78
C LEU C 74 -7.55 -43.32 -34.59
N PHE C 75 -8.03 -43.04 -33.38
CA PHE C 75 -7.57 -43.77 -32.20
C PHE C 75 -7.60 -45.27 -32.46
N ASN C 76 -8.76 -45.77 -32.90
CA ASN C 76 -8.92 -47.20 -33.11
C ASN C 76 -8.02 -47.72 -34.21
N GLN C 77 -7.68 -46.89 -35.18
CA GLN C 77 -6.66 -47.30 -36.15
C GLN C 77 -5.28 -47.30 -35.51
N ASP C 78 -4.99 -46.29 -34.70
CA ASP C 78 -3.68 -46.17 -34.10
C ASP C 78 -3.42 -47.30 -33.11
N VAL C 79 -4.45 -47.71 -32.36
CA VAL C 79 -4.30 -48.84 -31.45
C VAL C 79 -4.08 -50.13 -32.23
N ASP C 80 -4.81 -50.32 -33.35
CA ASP C 80 -4.61 -51.47 -34.23
C ASP C 80 -3.19 -51.48 -34.80
N ALA C 81 -2.75 -50.35 -35.33
CA ALA C 81 -1.40 -50.27 -35.84
C ALA C 81 -0.37 -50.57 -34.75
N ALA C 82 -0.65 -50.17 -33.51
CA ALA C 82 0.27 -50.47 -32.43
C ALA C 82 0.38 -51.98 -32.22
N VAL C 83 -0.76 -52.68 -32.18
CA VAL C 83 -0.77 -54.14 -32.02
C VAL C 83 -0.26 -54.81 -33.29
N ARG C 84 -0.61 -54.25 -34.43
CA ARG C 84 0.08 -54.51 -35.70
C ARG C 84 1.58 -54.70 -35.54
N GLY C 85 2.25 -53.72 -34.92
CA GLY C 85 3.71 -53.73 -34.85
C GLY C 85 4.25 -54.75 -33.86
N ILE C 86 3.47 -55.11 -32.85
CA ILE C 86 3.91 -56.17 -31.95
C ILE C 86 3.92 -57.51 -32.67
N LEU C 87 2.87 -57.80 -33.45
CA LEU C 87 2.87 -58.98 -34.29
C LEU C 87 4.16 -59.07 -35.09
N ARG C 88 4.47 -58.01 -35.85
CA ARG C 88 5.58 -57.99 -36.81
C ARG C 88 6.95 -58.09 -36.15
N ASN C 89 7.30 -57.13 -35.28
CA ASN C 89 8.57 -57.15 -34.56
C ASN C 89 8.82 -58.49 -33.89
N ALA C 90 9.82 -59.23 -34.39
CA ALA C 90 10.14 -60.54 -33.83
C ALA C 90 10.48 -60.47 -32.35
N LYS C 91 10.91 -59.31 -31.84
CA LYS C 91 11.24 -59.14 -30.43
C LYS C 91 10.03 -58.84 -29.56
N LEU C 92 9.01 -58.23 -30.14
CA LEU C 92 7.85 -57.80 -29.42
C LEU C 92 6.79 -58.88 -29.33
N LYS C 93 6.69 -59.74 -30.34
CA LYS C 93 5.61 -60.72 -30.36
C LYS C 93 5.70 -61.78 -29.28
N PRO C 94 6.86 -62.33 -28.92
CA PRO C 94 6.87 -63.31 -27.83
C PRO C 94 6.44 -62.77 -26.47
N VAL C 95 6.94 -61.58 -26.09
CA VAL C 95 6.59 -61.04 -24.77
C VAL C 95 5.10 -60.85 -24.64
N TYR C 96 4.48 -60.27 -25.68
CA TYR C 96 3.04 -60.02 -25.65
C TYR C 96 2.28 -61.31 -25.45
N ASP C 97 2.63 -62.36 -26.19
CA ASP C 97 1.95 -63.64 -26.04
C ASP C 97 2.06 -64.18 -24.62
N SER C 98 3.16 -63.89 -23.92
CA SER C 98 3.36 -64.40 -22.57
C SER C 98 2.53 -63.70 -21.53
N LEU C 99 1.98 -62.53 -21.83
CA LEU C 99 1.55 -61.58 -20.81
C LEU C 99 0.08 -61.73 -20.41
N ASP C 100 -0.25 -61.08 -19.31
CA ASP C 100 -1.62 -60.98 -18.85
C ASP C 100 -2.37 -60.02 -19.75
N ALA C 101 -3.70 -60.09 -19.72
CA ALA C 101 -4.47 -59.10 -20.44
C ALA C 101 -4.03 -57.70 -20.06
N VAL C 102 -3.88 -57.46 -18.75
CA VAL C 102 -3.57 -56.13 -18.22
C VAL C 102 -2.13 -55.74 -18.51
N ARG C 103 -1.20 -56.68 -18.37
CA ARG C 103 0.18 -56.43 -18.73
C ARG C 103 0.35 -56.21 -20.22
N ARG C 104 -0.46 -56.90 -21.02
CA ARG C 104 -0.42 -56.73 -22.47
C ARG C 104 -0.74 -55.29 -22.85
N ALA C 105 -1.79 -54.73 -22.27
CA ALA C 105 -2.18 -53.37 -22.61
C ALA C 105 -1.02 -52.42 -22.39
N ALA C 106 -0.20 -52.68 -21.37
CA ALA C 106 0.93 -51.80 -21.07
C ALA C 106 1.93 -51.82 -22.19
N LEU C 107 2.10 -52.96 -22.85
CA LEU C 107 3.04 -53.04 -23.95
C LEU C 107 2.48 -52.43 -25.22
N ILE C 108 1.16 -52.35 -25.37
CA ILE C 108 0.59 -51.57 -26.47
C ILE C 108 0.82 -50.09 -26.24
N ASN C 109 0.58 -49.62 -25.00
CA ASN C 109 0.87 -48.26 -24.58
C ASN C 109 2.24 -47.78 -25.06
N MET C 110 3.30 -48.54 -24.77
CA MET C 110 4.62 -48.14 -25.22
C MET C 110 4.68 -48.13 -26.75
N VAL C 111 4.30 -49.24 -27.39
CA VAL C 111 4.27 -49.25 -28.85
C VAL C 111 3.44 -48.10 -29.38
N PHE C 112 2.39 -47.74 -28.67
CA PHE C 112 1.57 -46.62 -29.12
C PHE C 112 2.38 -45.34 -29.17
N GLN C 113 3.12 -45.03 -28.11
CA GLN C 113 3.75 -43.71 -28.05
C GLN C 113 5.16 -43.68 -28.63
N MET C 114 5.91 -44.78 -28.61
CA MET C 114 7.28 -44.72 -29.15
C MET C 114 7.42 -45.42 -30.49
N GLY C 115 6.39 -46.11 -30.96
CA GLY C 115 6.48 -46.90 -32.16
C GLY C 115 7.16 -48.22 -31.89
N GLU C 116 7.06 -49.12 -32.88
CA GLU C 116 7.41 -50.51 -32.64
C GLU C 116 8.92 -50.68 -32.46
N THR C 117 9.72 -50.04 -33.30
CA THR C 117 11.16 -50.22 -33.20
C THR C 117 11.70 -49.53 -31.96
N GLY C 118 11.31 -48.28 -31.75
CA GLY C 118 11.66 -47.60 -30.51
C GLY C 118 11.43 -48.47 -29.29
N VAL C 119 10.25 -49.10 -29.20
CA VAL C 119 9.93 -49.95 -28.07
C VAL C 119 10.68 -51.27 -28.15
N ALA C 120 10.95 -51.75 -29.35
CA ALA C 120 11.76 -52.96 -29.47
C ALA C 120 13.16 -52.73 -28.94
N GLY C 121 13.54 -51.47 -28.76
CA GLY C 121 14.87 -51.15 -28.28
C GLY C 121 15.17 -51.61 -26.87
N PHE C 122 14.13 -51.76 -26.03
CA PHE C 122 14.34 -52.17 -24.65
C PHE C 122 14.66 -53.67 -24.58
N THR C 123 15.73 -54.04 -25.28
CA THR C 123 16.06 -55.45 -25.47
C THR C 123 16.16 -56.18 -24.14
N ASN C 124 16.85 -55.59 -23.16
CA ASN C 124 16.99 -56.22 -21.86
C ASN C 124 15.66 -56.24 -21.13
N SER C 125 14.98 -55.09 -21.11
CA SER C 125 13.74 -54.95 -20.35
C SER C 125 12.72 -56.00 -20.76
N LEU C 126 12.49 -56.16 -22.06
CA LEU C 126 11.54 -57.16 -22.54
C LEU C 126 11.83 -58.52 -21.93
N ARG C 127 13.10 -58.91 -21.87
CA ARG C 127 13.46 -60.21 -21.32
C ARG C 127 12.96 -60.37 -19.88
N MET C 128 13.18 -59.36 -19.05
CA MET C 128 12.70 -59.45 -17.67
C MET C 128 11.21 -59.70 -17.64
N LEU C 129 10.47 -59.03 -18.53
CA LEU C 129 9.02 -59.20 -18.63
C LEU C 129 8.67 -60.60 -19.13
N GLN C 130 9.32 -61.05 -20.21
CA GLN C 130 9.09 -62.41 -20.70
C GLN C 130 9.33 -63.44 -19.61
N GLN C 131 10.38 -63.26 -18.84
CA GLN C 131 10.73 -64.24 -17.84
C GLN C 131 9.89 -64.11 -16.57
N LYS C 132 8.84 -63.29 -16.62
CA LYS C 132 7.91 -63.04 -15.50
C LYS C 132 8.58 -62.36 -14.32
N ARG C 133 9.82 -61.89 -14.46
CA ARG C 133 10.51 -61.17 -13.38
C ARG C 133 10.13 -59.71 -13.49
N TRP C 134 9.04 -59.35 -12.82
CA TRP C 134 8.39 -58.07 -13.06
C TRP C 134 9.10 -56.94 -12.32
N ASP C 135 9.51 -57.17 -11.07
CA ASP C 135 10.35 -56.20 -10.38
C ASP C 135 11.61 -55.89 -11.18
N GLU C 136 12.23 -56.91 -11.76
CA GLU C 136 13.45 -56.71 -12.55
C GLU C 136 13.19 -55.75 -13.70
N ALA C 137 12.10 -55.97 -14.44
CA ALA C 137 11.73 -55.04 -15.49
C ALA C 137 11.50 -53.65 -14.91
N ALA C 138 10.68 -53.55 -13.87
CA ALA C 138 10.38 -52.26 -13.25
C ALA C 138 11.65 -51.50 -12.90
N VAL C 139 12.65 -52.21 -12.39
CA VAL C 139 13.93 -51.57 -12.04
C VAL C 139 14.63 -51.08 -13.30
N ASN C 140 14.72 -51.94 -14.31
CA ASN C 140 15.46 -51.66 -15.53
C ASN C 140 14.61 -50.96 -16.57
N LEU C 141 13.30 -50.80 -16.34
CA LEU C 141 12.50 -49.99 -17.24
C LEU C 141 12.60 -48.50 -16.92
N ALA C 142 13.00 -48.15 -15.71
CA ALA C 142 13.11 -46.77 -15.31
C ALA C 142 14.48 -46.16 -15.58
N LYS C 143 15.23 -46.73 -16.52
CA LYS C 143 16.53 -46.20 -16.88
C LYS C 143 16.52 -45.60 -18.28
N SER C 144 15.43 -45.74 -19.00
CA SER C 144 15.29 -45.20 -20.34
C SER C 144 15.22 -43.69 -20.33
N ARG C 145 15.40 -43.10 -21.51
CA ARG C 145 15.12 -41.68 -21.67
C ARG C 145 13.64 -41.40 -21.53
N TRP C 146 12.82 -42.37 -21.96
CA TRP C 146 11.37 -42.30 -21.84
C TRP C 146 10.97 -42.02 -20.40
N TYR C 147 11.52 -42.79 -19.47
CA TYR C 147 11.23 -42.53 -18.07
C TYR C 147 11.54 -41.09 -17.71
N ASN C 148 12.68 -40.58 -18.19
CA ASN C 148 13.09 -39.23 -17.83
C ASN C 148 12.35 -38.18 -18.64
N GLN C 149 12.08 -38.44 -19.91
CA GLN C 149 11.44 -37.40 -20.72
C GLN C 149 9.97 -37.23 -20.34
N THR C 150 9.27 -38.32 -20.06
CA THR C 150 7.87 -38.29 -19.63
C THR C 150 7.71 -39.22 -18.45
N PRO C 151 7.97 -38.75 -17.23
CA PRO C 151 7.91 -39.60 -16.05
C PRO C 151 6.52 -40.01 -15.62
N ASN C 152 5.60 -39.05 -15.54
CA ASN C 152 4.26 -39.35 -15.06
C ASN C 152 3.61 -40.47 -15.87
N ARG C 153 3.74 -40.43 -17.19
CA ARG C 153 3.19 -41.50 -18.00
C ARG C 153 3.92 -42.81 -17.73
N ALA C 154 5.25 -42.76 -17.74
CA ALA C 154 6.01 -43.98 -17.53
C ALA C 154 5.66 -44.63 -16.20
N LYS C 155 5.48 -43.84 -15.14
CA LYS C 155 5.24 -44.45 -13.83
C LYS C 155 3.93 -45.24 -13.81
N ARG C 156 2.88 -44.76 -14.49
CA ARG C 156 1.68 -45.58 -14.62
C ARG C 156 1.98 -46.86 -15.40
N VAL C 157 2.55 -46.73 -16.60
CA VAL C 157 2.84 -47.91 -17.41
C VAL C 157 3.71 -48.90 -16.64
N ILE C 158 4.79 -48.42 -16.02
CA ILE C 158 5.73 -49.34 -15.37
C ILE C 158 5.14 -49.92 -14.09
N THR C 159 4.28 -49.18 -13.39
CA THR C 159 3.60 -49.81 -12.27
C THR C 159 2.66 -50.89 -12.77
N THR C 160 2.07 -50.68 -13.95
CA THR C 160 1.16 -51.67 -14.49
C THR C 160 1.89 -52.93 -14.89
N PHE C 161 3.03 -52.79 -15.57
CA PHE C 161 3.85 -53.96 -15.91
C PHE C 161 4.21 -54.75 -14.67
N ARG C 162 4.55 -54.06 -13.59
CA ARG C 162 4.96 -54.76 -12.38
C ARG C 162 3.77 -55.33 -11.64
N THR C 163 2.84 -54.47 -11.23
CA THR C 163 1.70 -54.96 -10.46
C THR C 163 0.74 -55.81 -11.30
N GLY C 164 0.72 -55.62 -12.61
CA GLY C 164 -0.30 -56.26 -13.41
C GLY C 164 -1.70 -55.79 -13.06
N THR C 165 -1.83 -54.59 -12.50
CA THR C 165 -3.10 -54.09 -12.00
C THR C 165 -3.38 -52.69 -12.52
N TRP C 166 -4.64 -52.35 -12.57
CA TRP C 166 -5.06 -51.03 -13.00
C TRP C 166 -4.89 -50.00 -11.93
N ASP C 167 -4.09 -50.30 -10.91
CA ASP C 167 -4.00 -49.42 -9.75
C ASP C 167 -3.66 -48.00 -10.16
N ALA C 168 -2.76 -47.84 -11.12
CA ALA C 168 -2.25 -46.50 -11.39
C ALA C 168 -3.28 -45.66 -12.12
N TYR C 169 -4.14 -46.30 -12.91
CA TYR C 169 -5.05 -45.51 -13.73
C TYR C 169 -6.23 -45.04 -12.92
N HIS C 170 -6.76 -45.90 -12.06
CA HIS C 170 -7.81 -45.48 -11.15
C HIS C 170 -7.32 -44.35 -10.25
N MET C 171 -6.09 -44.44 -9.75
CA MET C 171 -5.51 -43.30 -9.06
C MET C 171 -5.35 -42.10 -9.98
N GLU C 172 -5.06 -42.34 -11.25
CA GLU C 172 -4.87 -41.21 -12.16
C GLU C 172 -6.19 -40.60 -12.56
N GLU C 173 -7.26 -41.37 -12.55
CA GLU C 173 -8.57 -40.75 -12.75
C GLU C 173 -8.89 -39.81 -11.60
N LYS C 174 -8.65 -40.26 -10.37
CA LYS C 174 -8.95 -39.42 -9.22
C LYS C 174 -8.28 -38.06 -9.34
N LYS C 175 -7.00 -38.03 -9.75
CA LYS C 175 -6.29 -36.77 -9.87
C LYS C 175 -6.92 -35.87 -10.93
N LYS C 176 -7.40 -36.45 -12.03
CA LYS C 176 -8.06 -35.64 -13.05
C LYS C 176 -9.31 -34.98 -12.49
N LYS C 177 -10.05 -35.68 -11.64
CA LYS C 177 -11.29 -35.16 -11.08
C LYS C 177 -11.03 -33.96 -10.19
N ARG C 178 -10.05 -34.05 -9.30
CA ARG C 178 -9.75 -33.03 -8.30
C ARG C 178 -9.10 -31.79 -8.91
N SER C 179 -8.84 -31.80 -10.21
CA SER C 179 -8.44 -30.60 -10.93
C SER C 179 -9.52 -30.16 -11.93
N GLY C 180 -10.75 -30.66 -11.78
CA GLY C 180 -11.86 -30.26 -12.60
C GLY C 180 -12.46 -28.97 -12.10
N PHE C 181 -13.43 -28.45 -12.85
CA PHE C 181 -14.09 -27.24 -12.41
C PHE C 181 -14.71 -27.43 -11.04
N ARG C 182 -15.37 -28.56 -10.82
CA ARG C 182 -16.09 -28.73 -9.57
C ARG C 182 -15.15 -28.69 -8.38
N ASP C 183 -14.06 -29.44 -8.45
CA ASP C 183 -13.23 -29.63 -7.26
C ASP C 183 -12.34 -28.45 -6.96
N ARG C 184 -11.90 -27.70 -7.95
CA ARG C 184 -11.28 -26.41 -7.63
C ARG C 184 -12.28 -25.53 -6.91
N LYS C 185 -13.54 -25.53 -7.33
CA LYS C 185 -14.55 -24.77 -6.62
C LYS C 185 -14.69 -25.21 -5.18
N VAL C 186 -14.68 -26.51 -4.93
CA VAL C 186 -14.77 -26.98 -3.56
C VAL C 186 -13.49 -26.65 -2.81
N MET C 187 -12.35 -26.98 -3.40
CA MET C 187 -11.06 -26.61 -2.83
C MET C 187 -11.03 -25.13 -2.49
N GLU C 188 -11.38 -24.27 -3.44
CA GLU C 188 -11.45 -22.83 -3.16
C GLU C 188 -12.44 -22.52 -2.05
N TYR C 189 -13.56 -23.22 -2.01
CA TYR C 189 -14.49 -23.00 -0.91
C TYR C 189 -13.78 -23.16 0.41
N GLU C 190 -13.09 -24.30 0.59
CA GLU C 190 -12.45 -24.64 1.85
C GLU C 190 -11.33 -23.69 2.22
N ASN C 191 -10.67 -23.09 1.24
CA ASN C 191 -9.68 -22.07 1.54
C ASN C 191 -10.30 -20.80 2.09
N ARG C 192 -11.57 -20.53 1.79
CA ARG C 192 -12.18 -19.36 2.38
C ARG C 192 -12.67 -19.67 3.78
N ILE C 193 -13.16 -20.88 4.02
CA ILE C 193 -13.43 -21.32 5.39
C ILE C 193 -12.18 -21.10 6.22
N ARG C 194 -11.09 -21.78 5.85
CA ARG C 194 -9.81 -21.61 6.51
C ARG C 194 -9.51 -20.15 6.88
N ALA C 195 -9.60 -19.25 5.90
CA ALA C 195 -9.03 -17.92 6.07
C ALA C 195 -9.92 -16.98 6.86
N TYR C 196 -11.24 -17.12 6.74
CA TYR C 196 -12.15 -16.12 7.27
C TYR C 196 -13.21 -16.70 8.19
N SER C 197 -13.16 -17.97 8.51
CA SER C 197 -14.22 -18.57 9.29
C SER C 197 -13.74 -18.73 10.73
N THR C 198 -14.70 -18.92 11.61
CA THR C 198 -14.39 -19.04 13.01
C THR C 198 -13.78 -20.41 13.31
N PRO C 199 -12.91 -20.51 14.32
CA PRO C 199 -12.40 -21.84 14.67
C PRO C 199 -13.48 -22.84 14.99
N ASP C 200 -14.66 -22.40 15.39
CA ASP C 200 -15.75 -23.35 15.55
C ASP C 200 -16.17 -23.96 14.22
N LYS C 201 -16.26 -23.16 13.15
CA LYS C 201 -16.66 -23.75 11.88
C LYS C 201 -15.49 -24.42 11.19
N ILE C 202 -14.26 -24.02 11.47
CA ILE C 202 -13.16 -24.72 10.81
C ILE C 202 -13.00 -26.10 11.39
N PHE C 203 -13.28 -26.27 12.67
CA PHE C 203 -13.17 -27.58 13.27
C PHE C 203 -14.30 -28.49 12.81
N ARG C 204 -15.51 -27.99 12.83
CA ARG C 204 -16.64 -28.83 12.45
C ARG C 204 -16.59 -29.24 10.98
N TYR C 205 -15.87 -28.50 10.14
CA TYR C 205 -15.71 -28.89 8.75
C TYR C 205 -14.67 -29.99 8.64
N PHE C 206 -13.41 -29.68 8.93
CA PHE C 206 -12.34 -30.65 8.68
C PHE C 206 -12.30 -31.82 9.64
N ALA C 207 -13.02 -31.78 10.75
CA ALA C 207 -13.05 -32.94 11.62
C ALA C 207 -13.75 -34.08 10.93
N THR C 208 -13.27 -35.30 11.21
CA THR C 208 -13.79 -36.52 10.61
C THR C 208 -14.55 -37.41 11.56
N LEU C 209 -14.25 -37.41 12.86
CA LEU C 209 -14.87 -38.31 13.79
C LEU C 209 -15.83 -37.58 14.72
N LYS C 210 -16.81 -38.33 15.24
CA LYS C 210 -17.75 -37.97 16.27
C LYS C 210 -17.81 -39.15 17.21
N VAL C 211 -17.61 -38.94 18.50
CA VAL C 211 -17.38 -40.05 19.42
C VAL C 211 -18.49 -40.07 20.45
N ILE C 212 -19.33 -41.09 20.39
CA ILE C 212 -20.40 -41.29 21.37
C ILE C 212 -19.85 -42.11 22.53
N SER C 213 -20.18 -41.72 23.75
CA SER C 213 -19.69 -42.40 24.94
C SER C 213 -20.80 -42.75 25.93
N GLU C 214 -21.65 -41.80 26.22
CA GLU C 214 -22.83 -42.03 27.09
C GLU C 214 -24.04 -41.48 26.34
N PRO C 215 -25.25 -41.91 26.69
CA PRO C 215 -26.42 -41.53 25.91
C PRO C 215 -26.71 -40.03 25.78
N GLY C 216 -26.33 -39.21 26.75
CA GLY C 216 -26.59 -37.76 26.72
C GLY C 216 -25.96 -36.94 25.60
N GLU C 217 -24.69 -37.11 25.20
CA GLU C 217 -24.12 -36.20 24.16
C GLU C 217 -22.89 -36.82 23.49
N ALA C 218 -22.32 -36.15 22.47
CA ALA C 218 -21.16 -36.70 21.80
C ALA C 218 -20.06 -35.67 21.83
N GLU C 219 -18.94 -35.98 21.19
CA GLU C 219 -17.80 -35.07 21.09
C GLU C 219 -17.11 -35.27 19.75
N VAL C 220 -16.81 -34.17 19.06
CA VAL C 220 -16.19 -34.19 17.74
C VAL C 220 -14.68 -34.12 17.87
N PHE C 221 -13.97 -34.84 17.01
CA PHE C 221 -12.53 -34.98 17.09
C PHE C 221 -11.92 -34.95 15.71
N MET C 222 -10.60 -34.74 15.67
CA MET C 222 -9.82 -34.66 14.44
C MET C 222 -8.75 -35.75 14.48
N THR C 223 -8.65 -36.52 13.42
CA THR C 223 -7.45 -37.28 13.19
C THR C 223 -6.28 -36.30 13.12
N PRO C 224 -5.09 -36.69 13.54
CA PRO C 224 -3.92 -35.84 13.23
C PRO C 224 -3.87 -35.48 11.77
N GLU C 225 -4.16 -36.45 10.91
CA GLU C 225 -4.36 -36.18 9.50
C GLU C 225 -5.24 -34.96 9.27
N ASP C 226 -6.38 -34.89 9.97
CA ASP C 226 -7.31 -33.78 9.75
C ASP C 226 -6.69 -32.45 10.15
N PHE C 227 -5.97 -32.43 11.27
CA PHE C 227 -5.48 -31.16 11.77
C PHE C 227 -4.52 -30.52 10.77
N VAL C 228 -3.66 -31.32 10.13
CA VAL C 228 -2.79 -30.77 9.09
C VAL C 228 -3.57 -30.31 7.88
N ARG C 229 -4.61 -31.05 7.49
CA ARG C 229 -5.39 -30.64 6.33
C ARG C 229 -6.07 -29.31 6.57
N SER C 230 -6.53 -29.07 7.79
CA SER C 230 -7.25 -27.84 8.09
C SER C 230 -6.36 -26.60 8.08
N ILE C 231 -5.03 -26.75 8.20
CA ILE C 231 -4.13 -25.59 8.16
C ILE C 231 -3.32 -25.53 6.91
N THR C 232 -3.36 -26.56 6.06
CA THR C 232 -2.69 -26.58 4.77
C THR C 232 -3.68 -26.18 3.68
N PRO C 233 -3.52 -25.05 3.02
CA PRO C 233 -4.45 -24.66 1.97
C PRO C 233 -4.31 -25.57 0.76
N ASN C 234 -5.36 -25.55 -0.07
CA ASN C 234 -5.50 -26.26 -1.35
C ASN C 234 -5.76 -27.74 -1.22
N GLU C 235 -5.80 -28.31 -0.01
CA GLU C 235 -5.97 -29.74 0.19
C GLU C 235 -7.43 -30.06 0.41
N LYS C 236 -8.00 -30.89 -0.46
CA LYS C 236 -9.44 -31.14 -0.47
C LYS C 236 -9.80 -32.09 0.67
N GLN C 237 -11.04 -32.18 1.05
CA GLN C 237 -11.32 -33.04 2.21
C GLN C 237 -12.26 -34.15 1.76
N PRO C 238 -12.33 -35.27 2.48
CA PRO C 238 -13.10 -36.45 2.15
C PRO C 238 -14.53 -36.10 1.75
N GLU C 239 -15.02 -36.75 0.72
CA GLU C 239 -16.26 -36.32 0.03
C GLU C 239 -17.45 -36.19 0.97
N HIS C 240 -17.68 -37.01 1.94
CA HIS C 240 -18.87 -36.66 2.69
C HIS C 240 -18.58 -36.55 4.18
N LEU C 241 -17.65 -35.66 4.55
CA LEU C 241 -17.23 -35.50 5.93
C LEU C 241 -16.91 -34.05 6.34
N GLY C 242 -17.35 -33.07 5.60
CA GLY C 242 -17.14 -31.70 6.11
C GLY C 242 -18.46 -31.15 6.56
N LEU C 243 -18.66 -31.07 7.87
CA LEU C 243 -19.87 -30.75 8.71
C LEU C 243 -20.65 -32.05 9.02
N ASP C 244 -20.14 -33.15 8.47
CA ASP C 244 -20.57 -34.57 8.56
C ASP C 244 -19.36 -35.34 9.10
N GLN C 245 -19.55 -36.41 9.84
CA GLN C 245 -18.48 -37.13 10.54
C GLN C 245 -18.74 -38.63 10.67
N TYR C 246 -17.66 -39.42 10.58
CA TYR C 246 -17.65 -40.82 11.02
C TYR C 246 -18.11 -40.91 12.46
N ILE C 247 -18.89 -41.92 12.79
CA ILE C 247 -19.30 -42.16 14.17
C ILE C 247 -18.57 -43.37 14.69
N ILE C 248 -17.81 -43.15 15.76
CA ILE C 248 -17.10 -44.20 16.48
C ILE C 248 -17.64 -44.26 17.91
N LYS C 249 -17.90 -45.48 18.40
CA LYS C 249 -18.45 -45.69 19.74
C LYS C 249 -17.36 -46.22 20.68
N ARG C 250 -17.28 -45.65 21.88
CA ARG C 250 -16.35 -46.11 22.90
C ARG C 250 -16.70 -45.54 24.27
N GLU C 259 -5.72 -51.41 24.52
CA GLU C 259 -7.00 -51.27 25.20
C GLU C 259 -8.03 -50.58 24.32
N ARG C 260 -7.65 -49.42 23.79
CA ARG C 260 -8.49 -48.63 22.90
C ARG C 260 -7.73 -48.33 21.61
N GLU C 261 -8.46 -47.77 20.66
CA GLU C 261 -7.99 -47.65 19.28
C GLU C 261 -6.98 -46.51 19.15
N LYS C 262 -5.95 -46.71 18.35
CA LYS C 262 -4.90 -45.72 18.19
C LYS C 262 -5.00 -45.09 16.82
N PHE C 263 -4.72 -43.78 16.74
CA PHE C 263 -4.74 -43.02 15.49
C PHE C 263 -3.49 -42.17 15.29
N ALA C 264 -2.36 -42.49 15.92
CA ALA C 264 -1.17 -41.67 15.72
C ALA C 264 0.09 -42.52 15.78
N ASP C 265 1.09 -42.13 14.98
CA ASP C 265 2.37 -42.82 14.92
C ASP C 265 2.93 -43.04 16.31
N GLU C 266 3.76 -44.06 16.47
CA GLU C 266 4.37 -44.34 17.76
C GLU C 266 5.05 -43.10 18.31
N GLY C 267 4.63 -42.65 19.49
CA GLY C 267 5.27 -41.50 20.12
C GLY C 267 5.17 -40.22 19.30
N SER C 268 3.95 -39.87 18.92
CA SER C 268 3.63 -38.62 18.27
C SER C 268 3.27 -37.61 19.33
N ILE C 269 3.37 -36.33 18.99
CA ILE C 269 2.98 -35.33 19.98
C ILE C 269 1.51 -35.44 20.32
N PHE C 270 0.69 -35.95 19.41
CA PHE C 270 -0.73 -35.96 19.63
C PHE C 270 -1.17 -37.00 20.64
N TYR C 271 -0.26 -37.83 21.19
CA TYR C 271 -0.62 -38.67 22.33
C TYR C 271 -0.55 -37.96 23.66
N THR C 272 0.27 -36.93 23.78
CA THR C 272 0.23 -36.11 24.98
C THR C 272 -1.16 -35.55 25.19
N LEU C 273 -1.91 -35.37 24.10
CA LEU C 273 -3.28 -34.89 24.13
C LEU C 273 -4.22 -35.81 24.89
N GLY C 274 -3.69 -36.91 25.31
CA GLY C 274 -4.47 -37.88 26.10
C GLY C 274 -5.33 -38.80 25.28
N GLU C 275 -6.24 -38.34 24.44
CA GLU C 275 -7.19 -39.29 23.78
C GLU C 275 -6.61 -40.03 22.57
N CYS C 276 -5.50 -40.74 22.72
CA CYS C 276 -4.94 -41.65 21.70
C CYS C 276 -4.75 -41.01 20.34
N GLY C 277 -4.20 -39.84 20.27
CA GLY C 277 -3.95 -39.30 18.96
C GLY C 277 -5.03 -38.40 18.42
N LEU C 278 -6.25 -38.48 18.93
CA LEU C 278 -7.34 -37.63 18.48
C LEU C 278 -7.14 -36.24 19.02
N ILE C 279 -7.74 -35.26 18.36
CA ILE C 279 -7.53 -33.84 18.65
C ILE C 279 -8.89 -33.20 18.89
N SER C 280 -9.20 -32.88 20.14
CA SER C 280 -10.44 -32.21 20.49
C SER C 280 -10.42 -30.78 20.00
N PHE C 281 -11.49 -30.06 20.28
CA PHE C 281 -11.60 -28.68 19.80
C PHE C 281 -10.64 -27.79 20.54
N SER C 282 -10.62 -27.87 21.87
CA SER C 282 -9.74 -27.01 22.65
C SER C 282 -8.29 -27.39 22.47
N ASP C 283 -8.00 -28.64 22.10
CA ASP C 283 -6.66 -28.96 21.61
C ASP C 283 -6.40 -28.30 20.27
N TYR C 284 -7.41 -28.25 19.40
CA TYR C 284 -7.27 -27.58 18.12
C TYR C 284 -6.94 -26.12 18.30
N ILE C 285 -7.70 -25.46 19.18
CA ILE C 285 -7.44 -24.06 19.51
C ILE C 285 -6.04 -23.90 20.05
N PHE C 286 -5.61 -24.80 20.93
CA PHE C 286 -4.28 -24.67 21.51
C PHE C 286 -3.21 -24.94 20.48
N LEU C 287 -3.32 -26.05 19.76
CA LEU C 287 -2.26 -26.44 18.84
C LEU C 287 -2.00 -25.38 17.78
N THR C 288 -3.04 -24.73 17.27
CA THR C 288 -2.81 -23.79 16.20
C THR C 288 -2.06 -22.58 16.71
N THR C 289 -2.47 -22.08 17.88
CA THR C 289 -1.74 -21.02 18.58
C THR C 289 -0.23 -21.33 18.67
N VAL C 290 0.09 -22.60 18.96
CA VAL C 290 1.45 -22.97 19.31
C VAL C 290 2.34 -23.04 18.08
N LEU C 291 1.93 -23.72 17.03
CA LEU C 291 2.88 -24.08 16.01
C LEU C 291 3.19 -22.95 15.03
N SER C 292 2.72 -21.74 15.29
CA SER C 292 3.05 -20.66 14.37
C SER C 292 3.33 -19.33 15.09
N THR C 293 3.63 -19.36 16.35
CA THR C 293 4.09 -18.08 16.80
C THR C 293 5.56 -18.17 17.12
N PRO C 294 6.32 -17.14 16.79
CA PRO C 294 7.77 -17.23 16.91
C PRO C 294 8.18 -17.61 18.32
N GLN C 295 9.34 -18.24 18.43
CA GLN C 295 9.84 -18.57 19.74
C GLN C 295 9.90 -17.33 20.61
N ARG C 296 10.44 -16.24 20.06
CA ARG C 296 10.72 -15.06 20.87
C ARG C 296 9.49 -14.55 21.62
N ASN C 297 8.29 -14.73 21.02
CA ASN C 297 7.07 -14.25 21.66
C ASN C 297 6.61 -15.14 22.79
N PHE C 298 6.90 -16.44 22.68
CA PHE C 298 6.60 -17.35 23.78
C PHE C 298 7.57 -17.13 24.92
N GLU C 299 8.84 -16.90 24.58
CA GLU C 299 9.83 -16.60 25.60
C GLU C 299 9.39 -15.41 26.44
N ILE C 300 8.97 -14.32 25.80
CA ILE C 300 8.65 -13.10 26.53
C ILE C 300 7.42 -13.27 27.40
N ALA C 301 6.36 -13.89 26.88
CA ALA C 301 5.16 -14.03 27.70
C ALA C 301 5.45 -14.83 28.95
N PHE C 302 6.12 -15.97 28.80
CA PHE C 302 6.46 -16.78 29.95
C PHE C 302 7.18 -15.96 31.00
N LYS C 303 8.04 -15.05 30.56
CA LYS C 303 8.77 -14.22 31.52
C LYS C 303 7.97 -12.99 31.95
N MET C 304 7.01 -12.53 31.14
CA MET C 304 6.21 -11.38 31.54
C MET C 304 5.14 -11.75 32.56
N PHE C 305 4.43 -12.87 32.34
CA PHE C 305 3.30 -13.26 33.15
C PHE C 305 3.65 -14.28 34.23
N ASP C 306 4.94 -14.53 34.38
CA ASP C 306 5.63 -15.42 35.34
C ASP C 306 5.66 -14.80 36.74
N LEU C 307 5.98 -15.53 37.78
CA LEU C 307 6.07 -14.90 39.12
C LEU C 307 7.49 -14.37 39.37
N ASN C 308 8.52 -15.15 39.07
CA ASN C 308 9.89 -14.73 39.26
C ASN C 308 10.52 -14.12 38.02
N GLY C 309 9.99 -14.38 36.84
CA GLY C 309 10.56 -13.86 35.62
C GLY C 309 11.53 -14.76 34.91
N ASP C 310 11.72 -15.99 35.37
CA ASP C 310 12.64 -16.94 34.75
C ASP C 310 11.98 -17.94 33.81
N GLY C 311 10.68 -17.88 33.60
CA GLY C 311 10.04 -18.70 32.61
C GLY C 311 9.31 -19.92 33.11
N GLU C 312 8.71 -19.87 34.28
CA GLU C 312 7.88 -20.94 34.80
C GLU C 312 6.49 -20.39 35.08
N VAL C 313 5.50 -20.85 34.32
CA VAL C 313 4.12 -20.41 34.49
C VAL C 313 3.33 -21.50 35.19
N ASP C 314 2.51 -21.09 36.15
CA ASP C 314 1.51 -21.99 36.68
C ASP C 314 0.35 -22.11 35.69
N MET C 315 -0.65 -22.91 36.02
CA MET C 315 -1.66 -23.22 35.03
C MET C 315 -2.40 -21.97 34.57
N GLU C 316 -2.84 -21.14 35.51
CA GLU C 316 -3.60 -19.96 35.11
C GLU C 316 -2.73 -18.98 34.31
N GLU C 317 -1.48 -18.80 34.73
CA GLU C 317 -0.57 -17.94 33.99
C GLU C 317 -0.38 -18.44 32.57
N PHE C 318 -0.16 -19.75 32.41
CA PHE C 318 0.00 -20.32 31.08
C PHE C 318 -1.21 -20.04 30.22
N GLU C 319 -2.41 -20.11 30.80
CA GLU C 319 -3.61 -19.82 30.02
C GLU C 319 -3.63 -18.36 29.61
N GLN C 320 -3.08 -17.48 30.43
CA GLN C 320 -2.98 -16.08 30.04
C GLN C 320 -1.95 -15.90 28.95
N VAL C 321 -0.80 -16.58 29.06
CA VAL C 321 0.15 -16.56 27.95
C VAL C 321 -0.54 -16.99 26.67
N GLN C 322 -1.38 -18.02 26.78
CA GLN C 322 -2.12 -18.50 25.62
C GLN C 322 -3.06 -17.43 25.08
N SER C 323 -3.88 -16.86 25.96
CA SER C 323 -4.83 -15.85 25.52
C SER C 323 -4.14 -14.72 24.79
N ILE C 324 -3.00 -14.25 25.32
CA ILE C 324 -2.35 -13.07 24.80
C ILE C 324 -1.68 -13.37 23.46
N ILE C 325 -1.03 -14.53 23.36
CA ILE C 325 -0.38 -14.95 22.12
C ILE C 325 -1.39 -15.06 20.97
N ARG C 326 -2.69 -15.14 21.29
CA ARG C 326 -3.72 -15.29 20.27
C ARG C 326 -4.12 -13.96 19.62
N SER C 327 -4.13 -12.87 20.39
CA SER C 327 -4.50 -11.59 19.81
C SER C 327 -3.45 -11.02 18.88
N GLN C 328 -2.30 -11.66 18.77
CA GLN C 328 -1.27 -11.26 17.82
C GLN C 328 -1.39 -12.05 16.49
N GLY C 348 -11.68 -24.68 27.65
CA GLY C 348 -10.40 -24.36 28.25
C GLY C 348 -9.23 -25.02 27.54
N LEU C 349 -8.26 -25.55 28.30
CA LEU C 349 -7.23 -26.42 27.77
C LEU C 349 -7.51 -27.86 28.18
N CYS C 350 -7.18 -28.79 27.28
CA CYS C 350 -7.46 -30.21 27.45
C CYS C 350 -7.16 -30.71 28.85
N SER C 351 -7.97 -31.68 29.31
CA SER C 351 -7.76 -32.21 30.65
C SER C 351 -6.48 -33.04 30.73
N ALA C 352 -6.20 -33.85 29.72
CA ALA C 352 -5.03 -34.72 29.81
C ALA C 352 -3.74 -34.00 29.45
N LEU C 353 -3.83 -32.87 28.78
CA LEU C 353 -2.62 -32.11 28.45
C LEU C 353 -2.18 -31.23 29.62
N THR C 354 -3.12 -30.56 30.29
CA THR C 354 -2.77 -29.84 31.50
C THR C 354 -2.01 -30.73 32.46
N THR C 355 -2.37 -32.02 32.50
CA THR C 355 -1.63 -32.96 33.32
C THR C 355 -0.19 -33.09 32.84
N TYR C 356 -0.01 -33.12 31.52
CA TYR C 356 1.32 -33.30 30.96
C TYR C 356 2.28 -32.22 31.40
N PHE C 357 1.78 -31.01 31.64
CA PHE C 357 2.58 -29.83 31.91
C PHE C 357 2.66 -29.46 33.39
N PHE C 358 1.54 -29.54 34.08
CA PHE C 358 1.37 -28.99 35.42
C PHE C 358 1.29 -30.05 36.50
N GLY C 359 1.65 -31.28 36.20
CA GLY C 359 1.73 -32.32 37.20
C GLY C 359 0.41 -33.00 37.47
N ALA C 360 0.49 -34.09 38.25
CA ALA C 360 -0.71 -34.82 38.62
C ALA C 360 -1.62 -34.00 39.51
N ASP C 361 -1.03 -33.31 40.48
CA ASP C 361 -1.79 -32.44 41.38
C ASP C 361 -2.47 -31.29 40.63
N LEU C 362 -1.87 -30.87 39.51
CA LEU C 362 -2.15 -29.62 38.79
C LEU C 362 -1.61 -28.38 39.49
N LYS C 363 -0.65 -28.56 40.41
CA LYS C 363 -0.07 -27.48 41.18
C LYS C 363 1.36 -27.18 40.80
N GLY C 364 1.92 -27.85 39.81
CA GLY C 364 3.26 -27.57 39.34
C GLY C 364 3.26 -26.50 38.27
N LYS C 365 4.44 -26.22 37.73
CA LYS C 365 4.63 -25.14 36.79
C LYS C 365 5.37 -25.64 35.55
N LEU C 366 4.98 -25.13 34.39
CA LEU C 366 5.62 -25.49 33.14
C LEU C 366 6.72 -24.47 32.84
N THR C 367 7.83 -24.96 32.32
CA THR C 367 9.03 -24.16 32.10
C THR C 367 9.23 -23.81 30.63
N ILE C 368 9.84 -22.65 30.37
CA ILE C 368 10.02 -22.23 28.98
C ILE C 368 10.89 -23.21 28.20
N LYS C 369 11.88 -23.82 28.84
CA LYS C 369 12.69 -24.80 28.12
C LYS C 369 11.82 -25.95 27.66
N ASN C 370 11.01 -26.48 28.55
CA ASN C 370 10.26 -27.66 28.19
C ASN C 370 9.11 -27.32 27.27
N PHE C 371 8.50 -26.15 27.39
CA PHE C 371 7.44 -25.81 26.46
C PHE C 371 7.97 -25.53 25.07
N LEU C 372 9.06 -24.79 24.97
CA LEU C 372 9.62 -24.51 23.66
C LEU C 372 9.94 -25.79 22.89
N GLU C 373 10.44 -26.82 23.58
CA GLU C 373 10.70 -28.10 22.92
C GLU C 373 9.41 -28.75 22.45
N PHE C 374 8.36 -28.71 23.26
CA PHE C 374 7.08 -29.27 22.85
C PHE C 374 6.57 -28.59 21.60
N GLN C 375 6.72 -27.28 21.50
CA GLN C 375 6.39 -26.65 20.23
C GLN C 375 7.24 -27.22 19.12
N ARG C 376 8.50 -27.50 19.41
CA ARG C 376 9.42 -28.00 18.40
C ARG C 376 9.04 -29.39 17.92
N LYS C 377 8.72 -30.32 18.83
CA LYS C 377 8.20 -31.61 18.41
C LYS C 377 6.95 -31.42 17.53
N LEU C 378 5.99 -30.64 18.02
CA LEU C 378 4.73 -30.47 17.30
C LEU C 378 4.93 -29.97 15.88
N GLN C 379 5.95 -29.13 15.66
CA GLN C 379 6.22 -28.61 14.33
C GLN C 379 6.88 -29.63 13.43
N HIS C 380 7.65 -30.54 14.01
CA HIS C 380 8.22 -31.63 13.23
C HIS C 380 7.14 -32.65 12.88
N ASP C 381 6.50 -33.23 13.90
CA ASP C 381 5.38 -34.14 13.72
C ASP C 381 4.41 -33.67 12.64
N VAL C 382 4.10 -32.37 12.64
CA VAL C 382 3.12 -31.83 11.69
C VAL C 382 3.71 -31.70 10.32
N LEU C 383 4.98 -31.32 10.22
CA LEU C 383 5.60 -31.27 8.91
C LEU C 383 5.69 -32.67 8.31
N LYS C 384 6.00 -33.68 9.12
CA LYS C 384 6.01 -35.04 8.57
C LYS C 384 4.64 -35.44 8.07
N LEU C 385 3.56 -35.02 8.73
CA LEU C 385 2.25 -35.31 8.20
C LEU C 385 2.01 -34.62 6.87
N GLU C 386 2.59 -33.43 6.68
CA GLU C 386 2.42 -32.76 5.40
C GLU C 386 3.05 -33.60 4.31
N PHE C 387 4.31 -33.97 4.53
CA PHE C 387 5.03 -34.81 3.59
C PHE C 387 4.16 -35.95 3.17
N GLU C 388 3.57 -36.62 4.14
CA GLU C 388 2.94 -37.90 3.88
C GLU C 388 1.60 -37.72 3.18
N ARG C 389 1.04 -36.50 3.25
CA ARG C 389 -0.17 -36.13 2.54
C ARG C 389 0.08 -36.00 1.05
N HIS C 390 1.33 -35.96 0.63
CA HIS C 390 1.65 -35.78 -0.78
C HIS C 390 2.08 -37.09 -1.44
N ASP C 391 1.67 -38.22 -0.87
CA ASP C 391 1.81 -39.57 -1.42
C ASP C 391 3.25 -39.89 -1.79
N PRO C 392 4.13 -40.02 -0.80
CA PRO C 392 5.51 -40.31 -1.12
C PRO C 392 5.61 -41.74 -1.59
N VAL C 393 6.57 -41.96 -2.49
CA VAL C 393 6.83 -43.27 -3.05
C VAL C 393 8.25 -43.63 -2.62
N ASP C 394 8.37 -44.55 -1.68
CA ASP C 394 9.66 -45.05 -1.20
C ASP C 394 10.46 -43.99 -0.46
N GLY C 395 9.77 -43.11 0.25
CA GLY C 395 10.44 -42.14 1.09
C GLY C 395 10.81 -40.85 0.40
N ARG C 396 10.63 -40.77 -0.90
CA ARG C 396 10.96 -39.59 -1.69
C ARG C 396 9.68 -39.09 -2.30
N ILE C 397 9.59 -37.79 -2.55
CA ILE C 397 8.34 -37.20 -2.97
C ILE C 397 8.64 -36.43 -4.26
N THR C 398 7.60 -36.10 -4.99
CA THR C 398 7.96 -35.60 -6.30
C THR C 398 8.37 -34.13 -6.19
N GLU C 399 9.05 -33.65 -7.24
CA GLU C 399 9.51 -32.28 -7.26
C GLU C 399 8.34 -31.32 -7.39
N ARG C 400 7.26 -31.75 -8.03
CA ARG C 400 6.13 -30.85 -8.22
C ARG C 400 5.33 -30.71 -6.94
N GLN C 401 5.26 -31.76 -6.14
CA GLN C 401 4.56 -31.67 -4.87
C GLN C 401 5.34 -30.86 -3.85
N PHE C 402 6.65 -31.13 -3.71
CA PHE C 402 7.52 -30.20 -3.00
C PHE C 402 7.32 -28.78 -3.51
N GLY C 403 7.18 -28.62 -4.82
CA GLY C 403 6.95 -27.29 -5.36
C GLY C 403 5.70 -26.64 -4.83
N GLY C 404 4.57 -27.36 -4.84
CA GLY C 404 3.37 -26.83 -4.24
C GLY C 404 3.48 -26.72 -2.73
N MET C 405 4.27 -27.59 -2.12
CA MET C 405 4.49 -27.52 -0.68
C MET C 405 4.96 -26.14 -0.28
N LEU C 406 6.00 -25.64 -0.94
CA LEU C 406 6.51 -24.30 -0.69
C LEU C 406 5.46 -23.23 -0.99
N LEU C 407 4.75 -23.38 -2.09
CA LEU C 407 3.80 -22.38 -2.52
C LEU C 407 2.46 -22.52 -1.85
N ALA C 408 2.34 -23.43 -0.88
CA ALA C 408 1.03 -23.75 -0.34
C ALA C 408 0.41 -22.55 0.37
N TYR C 409 1.21 -21.75 1.04
CA TYR C 409 0.66 -20.68 1.86
C TYR C 409 0.68 -19.33 1.17
N SER C 410 0.97 -19.30 -0.12
CA SER C 410 1.23 -18.06 -0.84
C SER C 410 0.18 -17.78 -1.91
N GLY C 411 -1.06 -18.24 -1.70
CA GLY C 411 -2.16 -17.95 -2.62
C GLY C 411 -2.06 -18.73 -3.93
N VAL C 412 -2.67 -18.15 -4.97
CA VAL C 412 -2.63 -18.73 -6.31
C VAL C 412 -1.29 -18.42 -6.94
N GLN C 413 -0.55 -19.46 -7.29
CA GLN C 413 0.72 -19.34 -7.99
C GLN C 413 0.74 -20.27 -9.18
N SER C 414 -0.34 -20.24 -9.96
CA SER C 414 -0.49 -21.16 -11.08
C SER C 414 0.56 -20.90 -12.15
N LYS C 415 0.69 -19.65 -12.59
CA LYS C 415 1.73 -19.32 -13.55
C LYS C 415 3.12 -19.73 -13.04
N LYS C 416 3.48 -19.24 -11.86
CA LYS C 416 4.70 -19.71 -11.21
C LYS C 416 4.75 -21.23 -11.10
N LEU C 417 3.66 -21.83 -10.63
CA LEU C 417 3.74 -23.31 -10.42
C LEU C 417 3.63 -24.02 -11.76
N THR C 418 2.86 -23.45 -12.68
CA THR C 418 2.61 -24.14 -13.96
C THR C 418 3.70 -23.78 -14.96
N ALA C 419 4.93 -23.77 -14.48
CA ALA C 419 6.13 -23.54 -15.30
C ALA C 419 7.04 -24.69 -14.91
N MET C 420 7.78 -24.47 -13.82
CA MET C 420 8.76 -25.38 -13.16
C MET C 420 9.13 -26.53 -14.09
N GLN C 421 8.11 -27.11 -14.71
CA GLN C 421 8.39 -28.10 -15.77
C GLN C 421 8.78 -27.23 -16.96
N ARG C 422 9.97 -27.37 -17.46
CA ARG C 422 10.41 -26.47 -18.54
C ARG C 422 11.86 -26.26 -18.16
N GLN C 423 12.07 -25.76 -16.97
CA GLN C 423 13.44 -25.68 -16.42
C GLN C 423 13.90 -27.06 -15.95
N LEU C 424 13.16 -27.71 -15.05
CA LEU C 424 13.61 -29.06 -14.66
C LEU C 424 13.12 -30.08 -15.70
N LYS C 425 12.10 -29.69 -16.43
CA LYS C 425 11.51 -30.47 -17.54
C LYS C 425 12.56 -30.58 -18.65
N LYS C 426 13.50 -29.63 -18.69
CA LYS C 426 14.62 -29.52 -19.65
C LYS C 426 15.47 -30.78 -19.50
N HIS C 427 15.63 -31.30 -18.29
CA HIS C 427 16.35 -32.59 -18.13
C HIS C 427 15.38 -33.68 -17.68
N GLU C 430 11.72 -34.54 -15.02
CA GLU C 430 11.55 -34.84 -13.61
C GLU C 430 12.86 -34.67 -12.83
N GLY C 431 13.33 -35.74 -12.21
CA GLY C 431 14.47 -35.67 -11.32
C GLY C 431 14.46 -36.85 -10.36
N LYS C 432 15.26 -36.72 -9.30
CA LYS C 432 15.45 -37.87 -8.42
C LYS C 432 14.36 -37.97 -7.34
N GLY C 433 13.81 -36.86 -6.87
CA GLY C 433 12.81 -36.89 -5.83
C GLY C 433 13.39 -36.49 -4.48
N LEU C 434 12.51 -35.98 -3.61
CA LEU C 434 12.92 -35.33 -2.37
C LEU C 434 12.56 -36.16 -1.16
N THR C 435 13.57 -36.55 -0.39
CA THR C 435 13.35 -37.26 0.87
C THR C 435 12.70 -36.35 1.90
N PHE C 436 12.21 -36.94 2.99
CA PHE C 436 11.79 -36.11 4.12
C PHE C 436 12.98 -35.39 4.73
N GLN C 437 14.13 -36.07 4.84
CA GLN C 437 15.31 -35.37 5.31
C GLN C 437 15.55 -34.13 4.47
N GLU C 438 15.46 -34.27 3.15
CA GLU C 438 15.67 -33.10 2.29
C GLU C 438 14.71 -31.98 2.62
N VAL C 439 13.43 -32.30 2.85
CA VAL C 439 12.44 -31.25 3.04
C VAL C 439 12.65 -30.54 4.37
N GLU C 440 12.58 -31.27 5.49
CA GLU C 440 12.74 -30.61 6.79
C GLU C 440 14.13 -29.99 6.93
N ASN C 441 15.11 -30.52 6.20
CA ASN C 441 16.40 -29.87 6.11
C ASN C 441 16.24 -28.48 5.51
N PHE C 442 15.39 -28.37 4.49
CA PHE C 442 15.12 -27.08 3.86
C PHE C 442 14.37 -26.13 4.80
N PHE C 443 13.46 -26.66 5.61
CA PHE C 443 12.71 -25.79 6.49
C PHE C 443 13.59 -25.27 7.62
N THR C 444 14.48 -26.12 8.11
CA THR C 444 15.50 -25.69 9.07
C THR C 444 16.23 -24.47 8.54
N PHE C 445 16.43 -24.42 7.23
CA PHE C 445 17.06 -23.26 6.61
C PHE C 445 16.15 -22.05 6.68
N LEU C 446 14.84 -22.23 6.44
CA LEU C 446 13.86 -21.15 6.52
C LEU C 446 13.68 -20.59 7.91
N LYS C 447 14.24 -21.21 8.94
CA LYS C 447 14.16 -20.64 10.27
C LYS C 447 14.89 -19.30 10.32
N ASN C 448 15.95 -19.17 9.54
CA ASN C 448 16.61 -17.88 9.35
C ASN C 448 16.17 -17.25 8.04
N ILE C 449 14.87 -17.19 7.77
CA ILE C 449 14.46 -16.50 6.55
C ILE C 449 14.88 -15.05 6.61
N ASN C 450 14.91 -14.47 7.80
CA ASN C 450 15.27 -13.07 7.91
C ASN C 450 16.72 -12.86 7.48
N ASP C 451 17.65 -13.52 8.18
CA ASP C 451 19.06 -13.35 7.87
C ASP C 451 19.42 -13.86 6.47
N VAL C 452 18.54 -14.63 5.83
CA VAL C 452 18.80 -14.94 4.43
C VAL C 452 18.33 -13.79 3.53
N ASP C 453 17.29 -13.05 3.94
CA ASP C 453 16.84 -11.91 3.13
C ASP C 453 17.94 -10.88 3.01
N THR C 454 18.55 -10.52 4.13
CA THR C 454 19.72 -9.65 4.15
C THR C 454 20.82 -10.21 3.27
N ALA C 455 21.32 -11.39 3.63
CA ALA C 455 22.49 -11.99 2.99
C ALA C 455 22.35 -12.05 1.47
N LEU C 456 21.19 -12.48 0.98
CA LEU C 456 20.97 -12.49 -0.45
C LEU C 456 21.02 -11.08 -1.02
N SER C 457 20.29 -10.15 -0.42
CA SER C 457 20.24 -8.81 -0.96
C SER C 457 21.62 -8.16 -0.99
N PHE C 458 22.46 -8.49 0.01
CA PHE C 458 23.83 -7.99 0.03
C PHE C 458 24.61 -8.43 -1.20
N TYR C 459 24.69 -9.73 -1.44
CA TYR C 459 25.35 -10.25 -2.64
C TYR C 459 24.92 -9.49 -3.88
N HIS C 460 23.70 -8.97 -3.89
CA HIS C 460 23.22 -8.22 -5.04
C HIS C 460 23.86 -6.84 -5.09
N MET C 461 23.86 -6.13 -3.97
CA MET C 461 24.47 -4.80 -3.96
C MET C 461 25.99 -4.89 -4.11
N ALA C 462 26.59 -5.98 -3.65
CA ALA C 462 27.96 -6.27 -4.00
C ALA C 462 28.12 -6.65 -5.47
N GLY C 463 27.05 -6.59 -6.25
CA GLY C 463 27.10 -6.95 -7.66
C GLY C 463 27.26 -8.43 -7.93
N ALA C 464 27.54 -9.23 -6.92
CA ALA C 464 27.61 -10.68 -7.11
C ALA C 464 26.27 -11.21 -7.58
N SER C 465 26.31 -12.25 -8.39
CA SER C 465 25.10 -12.87 -8.89
C SER C 465 24.62 -13.92 -7.90
N LEU C 466 23.29 -13.94 -7.66
CA LEU C 466 22.69 -14.93 -6.76
C LEU C 466 22.38 -16.25 -7.47
N ASP C 467 23.34 -16.79 -8.20
CA ASP C 467 23.09 -18.05 -8.88
C ASP C 467 23.07 -19.18 -7.85
N LYS C 468 22.89 -20.41 -8.33
CA LYS C 468 22.78 -21.56 -7.44
C LYS C 468 23.99 -21.62 -6.50
N VAL C 469 25.19 -21.44 -7.04
CA VAL C 469 26.41 -21.48 -6.24
C VAL C 469 26.41 -20.39 -5.17
N THR C 470 25.76 -19.25 -5.44
CA THR C 470 25.64 -18.21 -4.42
C THR C 470 24.74 -18.66 -3.28
N MET C 471 23.62 -19.33 -3.62
CA MET C 471 22.63 -19.66 -2.60
C MET C 471 23.12 -20.73 -1.64
N GLN C 472 23.79 -21.79 -2.15
CA GLN C 472 24.29 -22.81 -1.23
C GLN C 472 25.21 -22.18 -0.20
N GLN C 473 26.17 -21.36 -0.68
CA GLN C 473 27.03 -20.62 0.24
C GLN C 473 26.23 -19.85 1.26
N VAL C 474 25.26 -19.04 0.79
CA VAL C 474 24.39 -18.31 1.70
C VAL C 474 23.76 -19.25 2.70
N ALA C 475 23.14 -20.32 2.22
CA ALA C 475 22.56 -21.31 3.11
C ALA C 475 23.60 -21.87 4.05
N ARG C 476 24.77 -22.19 3.51
CA ARG C 476 25.81 -22.85 4.29
C ARG C 476 26.34 -21.96 5.41
N THR C 477 26.39 -20.65 5.19
CA THR C 477 27.12 -19.76 6.09
C THR C 477 26.22 -18.93 7.00
N VAL C 478 24.92 -18.95 6.78
CA VAL C 478 24.02 -18.06 7.50
C VAL C 478 22.92 -18.86 8.17
N ALA C 479 22.57 -19.98 7.57
CA ALA C 479 21.52 -20.84 8.11
C ALA C 479 22.04 -22.12 8.73
N LYS C 480 23.34 -22.36 8.72
CA LYS C 480 23.92 -23.59 9.24
C LYS C 480 23.21 -24.80 8.62
N VAL C 481 23.15 -24.80 7.29
CA VAL C 481 22.39 -25.81 6.58
C VAL C 481 23.01 -25.94 5.19
N GLU C 482 23.15 -27.17 4.72
CA GLU C 482 23.66 -27.38 3.38
C GLU C 482 22.55 -27.88 2.49
N LEU C 483 22.57 -27.52 1.21
CA LEU C 483 21.43 -27.75 0.35
C LEU C 483 21.78 -28.75 -0.75
N SER C 484 21.06 -29.87 -0.74
CA SER C 484 21.15 -30.87 -1.80
C SER C 484 20.93 -30.22 -3.16
N ASP C 485 21.89 -30.42 -4.07
CA ASP C 485 21.84 -29.77 -5.38
C ASP C 485 20.47 -29.92 -6.02
N HIS C 486 19.83 -31.08 -5.85
CA HIS C 486 18.49 -31.23 -6.42
C HIS C 486 17.55 -30.15 -5.89
N VAL C 487 17.54 -29.94 -4.57
CA VAL C 487 16.64 -28.96 -3.97
C VAL C 487 16.82 -27.61 -4.66
N CYS C 488 18.08 -27.23 -4.89
CA CYS C 488 18.35 -25.93 -5.46
C CYS C 488 17.82 -25.83 -6.89
N ASP C 489 17.93 -26.92 -7.67
CA ASP C 489 17.26 -26.96 -8.97
C ASP C 489 15.79 -26.61 -8.84
N VAL C 490 15.13 -27.22 -7.86
CA VAL C 490 13.71 -26.98 -7.65
C VAL C 490 13.45 -25.52 -7.33
N VAL C 491 14.12 -25.02 -6.28
CA VAL C 491 13.82 -23.69 -5.76
C VAL C 491 13.92 -22.64 -6.84
N PHE C 492 14.94 -22.72 -7.68
CA PHE C 492 15.16 -21.66 -8.66
C PHE C 492 14.01 -21.59 -9.66
N ALA C 493 13.74 -22.68 -10.37
CA ALA C 493 12.70 -22.67 -11.41
C ALA C 493 11.44 -21.93 -10.96
N LEU C 494 11.09 -22.03 -9.69
CA LEU C 494 9.89 -21.38 -9.17
C LEU C 494 10.02 -19.87 -9.18
N PHE C 495 11.17 -19.35 -8.77
CA PHE C 495 11.44 -17.92 -8.70
C PHE C 495 12.67 -17.70 -9.56
N ASP C 496 12.54 -17.86 -10.85
CA ASP C 496 13.68 -17.63 -11.69
C ASP C 496 13.02 -17.18 -12.97
N ASP C 498 12.54 -13.21 -15.65
CA ASP C 498 13.30 -14.38 -15.23
C ASP C 498 14.70 -14.36 -15.87
N GLY C 499 15.72 -14.71 -15.08
CA GLY C 499 17.12 -14.71 -15.55
C GLY C 499 17.74 -16.09 -15.62
N ASN C 500 16.92 -17.12 -15.45
CA ASN C 500 17.33 -18.55 -15.49
C ASN C 500 18.67 -18.80 -14.79
N GLY C 501 18.80 -18.33 -13.54
CA GLY C 501 20.03 -18.50 -12.73
C GLY C 501 20.08 -17.43 -11.65
N GLU C 502 19.06 -16.59 -11.65
CA GLU C 502 18.94 -15.42 -10.73
C GLU C 502 17.52 -15.30 -10.16
N LEU C 503 17.25 -15.98 -9.06
CA LEU C 503 15.88 -15.95 -8.51
C LEU C 503 15.49 -14.50 -8.21
N SER C 504 14.21 -14.24 -8.06
CA SER C 504 13.77 -12.89 -7.64
C SER C 504 13.79 -12.94 -6.11
N ASN C 505 14.98 -12.78 -5.53
CA ASN C 505 15.19 -12.88 -4.06
C ASN C 505 14.11 -12.13 -3.31
N LYS C 506 13.54 -11.08 -3.90
CA LYS C 506 12.60 -10.33 -3.08
C LYS C 506 11.23 -11.00 -3.06
N GLU C 507 10.79 -11.56 -4.19
CA GLU C 507 9.58 -12.36 -4.17
C GLU C 507 9.83 -13.70 -3.51
N PHE C 508 11.04 -14.24 -3.67
CA PHE C 508 11.40 -15.49 -3.00
C PHE C 508 11.37 -15.34 -1.48
N VAL C 509 11.88 -14.23 -0.96
CA VAL C 509 11.80 -14.05 0.48
C VAL C 509 10.36 -13.86 0.92
N SER C 510 9.54 -13.20 0.09
CA SER C 510 8.19 -12.85 0.53
C SER C 510 7.33 -14.09 0.74
N ILE C 511 7.50 -15.13 -0.05
CA ILE C 511 6.63 -16.29 0.12
C ILE C 511 7.26 -17.36 1.01
N MET C 512 8.58 -17.54 0.99
CA MET C 512 9.21 -18.38 1.99
C MET C 512 8.80 -17.93 3.38
N LYS C 513 8.70 -16.61 3.58
CA LYS C 513 8.21 -16.06 4.84
C LYS C 513 6.77 -16.45 5.10
N GLN C 514 5.95 -16.57 4.05
CA GLN C 514 4.61 -17.11 4.19
C GLN C 514 4.64 -18.61 4.45
N ARG C 515 5.55 -19.32 3.78
CA ARG C 515 5.65 -20.76 4.01
C ARG C 515 6.01 -21.05 5.45
N LEU C 516 6.94 -20.27 6.01
CA LEU C 516 7.48 -20.60 7.31
C LEU C 516 6.45 -20.42 8.41
N MET C 517 5.71 -19.30 8.40
CA MET C 517 4.78 -19.00 9.48
C MET C 517 3.35 -19.42 9.17
N ARG C 518 3.13 -20.07 8.04
CA ARG C 518 1.81 -20.56 7.64
C ARG C 518 0.76 -19.45 7.63
N GLY C 519 1.19 -18.21 7.49
CA GLY C 519 0.33 -17.05 7.52
C GLY C 519 0.62 -16.12 6.37
N GLY C 520 0.17 -14.87 6.46
CA GLY C 520 0.10 -13.99 5.32
C GLY C 520 1.22 -12.99 5.26
N SER C 521 1.22 -12.21 4.17
CA SER C 521 2.17 -11.12 3.90
C SER C 521 3.63 -11.60 3.89
N GLY D 7 17.11 10.69 5.80
CA GLY D 7 17.94 10.31 4.69
C GLY D 7 18.71 11.47 4.08
N SER D 8 17.98 12.53 3.75
CA SER D 8 18.55 13.82 3.37
C SER D 8 18.82 14.70 4.58
N LEU D 9 18.26 14.34 5.73
CA LEU D 9 18.69 14.88 7.01
C LEU D 9 20.14 14.51 7.31
N ARG D 10 20.61 13.39 6.78
CA ARG D 10 21.98 12.98 7.04
C ARG D 10 22.99 13.84 6.27
N LYS D 11 22.69 14.24 5.04
CA LYS D 11 23.64 15.07 4.32
C LYS D 11 23.68 16.49 4.87
N GLN D 12 22.58 16.99 5.44
CA GLN D 12 22.61 18.30 6.07
C GLN D 12 23.44 18.31 7.34
N ARG D 13 23.35 17.24 8.14
CA ARG D 13 24.14 17.13 9.36
C ARG D 13 25.62 17.19 9.04
N PHE D 14 26.06 16.34 8.10
CA PHE D 14 27.47 16.27 7.74
C PHE D 14 27.98 17.61 7.26
N MET D 15 27.22 18.31 6.43
CA MET D 15 27.68 19.60 5.96
C MET D 15 27.68 20.60 7.10
N GLN D 16 26.74 20.45 8.02
CA GLN D 16 26.64 21.38 9.14
C GLN D 16 27.88 21.34 10.02
N PHE D 17 28.41 20.15 10.27
CA PHE D 17 29.55 19.98 11.18
C PHE D 17 30.89 19.71 10.50
N SER D 18 30.95 19.45 9.20
CA SER D 18 32.23 19.21 8.56
C SER D 18 33.14 20.45 8.57
N SER D 19 34.39 20.27 8.99
CA SER D 19 35.33 21.38 9.12
C SER D 19 36.50 21.36 8.14
N LEU D 20 36.67 20.31 7.35
CA LEU D 20 37.80 20.29 6.44
C LEU D 20 37.30 20.10 5.02
N GLU D 21 38.16 20.46 4.07
CA GLU D 21 37.91 20.22 2.65
C GLU D 21 39.22 19.91 1.97
N HIS D 22 39.19 18.99 1.01
CA HIS D 22 40.36 18.65 0.20
C HIS D 22 39.90 18.41 -1.23
N GLU D 23 40.27 19.32 -2.14
CA GLU D 23 39.92 19.18 -3.54
C GLU D 23 38.41 19.04 -3.71
N GLY D 24 37.68 20.04 -3.23
CA GLY D 24 36.24 20.11 -3.38
C GLY D 24 35.45 19.11 -2.56
N GLU D 25 36.11 18.22 -1.83
CA GLU D 25 35.45 17.22 -1.01
C GLU D 25 35.50 17.65 0.44
N TYR D 26 34.37 17.57 1.12
CA TYR D 26 34.37 17.89 2.52
C TYR D 26 34.56 16.62 3.34
N TYR D 27 35.32 16.75 4.42
CA TYR D 27 35.60 15.66 5.32
C TYR D 27 35.35 16.14 6.76
N MET D 28 35.40 15.20 7.70
CA MET D 28 35.07 15.43 9.10
C MET D 28 36.22 14.95 9.97
N THR D 29 36.61 15.73 10.97
CA THR D 29 37.55 15.26 11.97
C THR D 29 36.82 14.48 13.05
N PRO D 30 37.49 13.60 13.77
CA PRO D 30 36.79 12.85 14.82
C PRO D 30 36.09 13.74 15.81
N ARG D 31 36.60 14.92 16.08
CA ARG D 31 35.87 15.80 16.98
C ARG D 31 34.58 16.28 16.34
N ASP D 32 34.59 16.52 15.03
CA ASP D 32 33.39 16.91 14.30
C ASP D 32 32.34 15.82 14.38
N PHE D 33 32.72 14.60 14.02
CA PHE D 33 31.77 13.50 14.07
C PHE D 33 31.12 13.42 15.43
N LEU D 34 31.90 13.63 16.50
CA LEU D 34 31.37 13.47 17.84
C LEU D 34 30.28 14.49 18.11
N PHE D 35 30.51 15.74 17.76
CA PHE D 35 29.51 16.77 18.01
C PHE D 35 28.26 16.50 17.19
N SER D 36 28.41 16.04 15.97
CA SER D 36 27.26 15.86 15.12
C SER D 36 26.38 14.74 15.63
N VAL D 37 26.89 13.88 16.49
CA VAL D 37 26.07 12.80 17.00
C VAL D 37 25.36 13.23 18.28
N MET D 38 25.80 14.30 18.90
CA MET D 38 25.17 14.82 20.10
C MET D 38 24.25 16.00 19.84
N PHE D 39 24.55 16.86 18.88
CA PHE D 39 23.76 18.06 18.70
C PHE D 39 23.17 18.10 17.29
N GLU D 40 22.06 18.81 17.15
CA GLU D 40 21.47 19.04 15.83
C GLU D 40 22.14 20.20 15.13
N GLN D 41 22.73 21.11 15.90
CA GLN D 41 23.20 22.39 15.40
C GLN D 41 24.09 23.04 16.43
N MET D 42 25.37 23.14 16.13
CA MET D 42 26.30 24.01 16.84
C MET D 42 26.67 25.13 15.89
N GLU D 43 26.86 26.34 16.44
CA GLU D 43 26.99 27.51 15.57
C GLU D 43 28.26 28.32 15.83
N ARG D 44 29.23 27.79 16.57
CA ARG D 44 30.56 28.38 16.45
C ARG D 44 31.00 28.32 14.99
N LYS D 45 30.97 27.12 14.42
CA LYS D 45 31.01 26.90 12.98
C LYS D 45 32.13 27.69 12.32
N THR D 46 33.34 27.55 12.85
CA THR D 46 34.49 28.09 12.15
C THR D 46 34.57 27.40 10.79
N SER D 47 34.94 28.17 9.77
CA SER D 47 34.68 27.70 8.43
C SER D 47 35.57 26.52 8.10
N VAL D 48 35.31 25.97 6.92
CA VAL D 48 36.08 24.86 6.42
C VAL D 48 37.55 25.24 6.39
N LYS D 49 38.40 24.32 6.79
CA LYS D 49 39.82 24.41 6.56
C LYS D 49 40.18 23.79 5.22
N LYS D 50 40.92 24.53 4.40
CA LYS D 50 41.47 23.99 3.19
C LYS D 50 42.70 23.15 3.51
N LEU D 51 42.81 22.00 2.84
CA LEU D 51 43.78 20.98 3.23
C LEU D 51 44.63 20.56 2.04
N THR D 52 45.93 20.38 2.29
CA THR D 52 46.85 19.94 1.26
C THR D 52 47.12 18.46 1.45
N LYS D 53 47.83 17.89 0.49
CA LYS D 53 48.08 16.46 0.58
C LYS D 53 48.94 16.17 1.79
N LYS D 54 49.96 16.99 2.03
CA LYS D 54 50.81 16.77 3.19
C LYS D 54 50.05 17.00 4.48
N ASP D 55 49.08 17.91 4.46
CA ASP D 55 48.30 18.18 5.66
C ASP D 55 47.39 17.04 6.04
N ILE D 56 46.93 16.28 5.05
CA ILE D 56 46.24 15.02 5.37
C ILE D 56 47.20 14.09 6.11
N GLU D 57 48.33 13.75 5.49
CA GLU D 57 49.22 12.76 6.06
C GLU D 57 49.56 13.09 7.50
N ASP D 58 50.00 14.33 7.73
CA ASP D 58 50.34 14.72 9.10
C ASP D 58 49.17 14.54 10.04
N THR D 59 47.94 14.73 9.58
CA THR D 59 46.82 14.56 10.48
C THR D 59 46.64 13.10 10.87
N LEU D 60 46.84 12.17 9.93
CA LEU D 60 46.68 10.77 10.31
C LEU D 60 47.93 10.14 10.93
N SER D 61 48.89 10.88 11.47
CA SER D 61 50.12 10.21 11.85
C SER D 61 50.03 9.50 13.20
N GLY D 62 49.53 10.15 14.24
CA GLY D 62 49.64 9.50 15.53
C GLY D 62 48.60 8.45 15.84
N ILE D 63 48.20 7.64 14.86
CA ILE D 63 47.07 6.77 15.11
C ILE D 63 47.42 5.78 16.20
N GLN D 64 48.62 5.25 16.18
CA GLN D 64 49.05 4.17 17.04
C GLN D 64 49.10 4.55 18.50
N THR D 65 48.89 5.82 18.84
CA THR D 65 48.97 6.29 20.21
C THR D 65 47.64 6.71 20.83
N ALA D 66 46.58 6.68 20.08
CA ALA D 66 45.24 7.04 20.59
C ALA D 66 44.66 5.85 21.35
N GLY D 67 43.64 6.01 22.14
CA GLY D 67 43.09 4.87 22.88
C GLY D 67 42.40 3.90 21.96
N CYS D 68 42.38 2.63 22.30
CA CYS D 68 41.72 1.62 21.45
C CYS D 68 40.32 1.33 22.00
N GLY D 69 39.90 2.09 22.98
CA GLY D 69 38.60 1.83 23.60
C GLY D 69 37.63 2.96 23.39
N SER D 70 36.87 3.23 24.42
CA SER D 70 35.84 4.25 24.46
C SER D 70 36.40 5.65 24.49
N THR D 71 37.69 5.84 24.19
CA THR D 71 38.30 7.15 24.06
C THR D 71 38.98 7.35 22.73
N PHE D 72 38.80 6.48 21.76
CA PHE D 72 39.52 6.62 20.50
C PHE D 72 39.18 7.91 19.82
N PHE D 73 37.90 8.26 19.77
CA PHE D 73 37.51 9.48 19.10
C PHE D 73 37.83 10.70 19.93
N ARG D 74 37.70 10.62 21.24
CA ARG D 74 37.96 11.80 22.01
C ARG D 74 39.46 12.08 22.08
N ASP D 75 40.29 11.07 21.87
CA ASP D 75 41.73 11.26 21.92
C ASP D 75 42.30 11.72 20.60
N LEU D 76 41.71 11.31 19.48
CA LEU D 76 42.11 11.88 18.20
C LEU D 76 41.68 13.34 18.09
N GLY D 77 40.45 13.66 18.45
CA GLY D 77 40.11 15.06 18.52
C GLY D 77 40.08 15.66 17.14
N ASP D 78 40.76 16.77 16.94
CA ASP D 78 40.84 17.39 15.62
C ASP D 78 41.74 16.68 14.67
N LYS D 79 42.35 15.59 15.12
CA LYS D 79 43.51 14.98 14.49
C LYS D 79 43.11 13.74 13.69
N GLY D 80 42.21 13.90 12.76
CA GLY D 80 41.79 12.73 12.01
C GLY D 80 40.98 13.17 10.83
N LEU D 81 40.37 12.19 10.17
CA LEU D 81 39.69 12.47 8.92
C LEU D 81 38.68 11.37 8.66
N ILE D 82 37.41 11.77 8.58
CA ILE D 82 36.27 10.88 8.40
C ILE D 82 35.50 11.39 7.21
N SER D 83 35.27 10.53 6.22
CA SER D 83 34.69 10.92 4.95
C SER D 83 33.18 10.74 4.96
N TYR D 84 32.50 11.37 3.98
CA TYR D 84 31.03 11.37 3.97
C TYR D 84 30.46 9.95 3.96
N THR D 85 30.90 9.13 3.01
CA THR D 85 30.55 7.72 3.06
C THR D 85 30.82 7.12 4.42
N GLU D 86 32.03 7.33 4.93
CA GLU D 86 32.44 6.79 6.24
C GLU D 86 31.56 7.30 7.35
N TYR D 87 30.99 8.47 7.18
CA TYR D 87 30.15 9.03 8.22
C TYR D 87 28.82 8.28 8.30
N LEU D 88 28.17 8.05 7.16
CA LEU D 88 26.93 7.31 7.16
C LEU D 88 27.12 5.88 7.67
N PHE D 89 28.36 5.42 7.72
CA PHE D 89 28.59 4.07 8.22
C PHE D 89 28.65 4.09 9.75
N LEU D 90 29.25 5.13 10.32
CA LEU D 90 29.28 5.25 11.76
C LEU D 90 27.90 5.55 12.32
N LEU D 91 27.11 6.38 11.65
CA LEU D 91 25.73 6.56 12.10
C LEU D 91 24.93 5.27 12.05
N THR D 92 25.23 4.41 11.09
CA THR D 92 24.48 3.17 11.00
C THR D 92 24.89 2.22 12.12
N ILE D 93 26.08 2.38 12.67
CA ILE D 93 26.45 1.65 13.87
C ILE D 93 25.67 2.16 15.07
N LEU D 94 25.44 3.47 15.14
CA LEU D 94 24.98 4.18 16.33
C LEU D 94 23.47 4.29 16.44
N THR D 95 22.78 4.47 15.32
CA THR D 95 21.33 4.64 15.32
C THR D 95 20.58 3.37 14.92
N LYS D 96 21.21 2.44 14.22
CA LYS D 96 20.64 1.14 13.90
C LYS D 96 21.66 0.06 14.20
N PRO D 97 21.97 -0.18 15.48
CA PRO D 97 23.04 -1.12 15.82
C PRO D 97 22.84 -2.51 15.29
N HIS D 98 21.60 -2.91 14.96
CA HIS D 98 21.30 -4.27 14.54
C HIS D 98 21.03 -4.33 13.04
N SER D 99 21.99 -3.83 12.27
CA SER D 99 21.96 -3.91 10.83
C SER D 99 22.65 -5.16 10.32
N GLY D 100 22.86 -6.14 11.20
CA GLY D 100 23.54 -7.38 10.85
C GLY D 100 24.92 -7.17 10.24
N PHE D 101 25.82 -6.54 10.99
CA PHE D 101 27.15 -6.33 10.46
C PHE D 101 27.86 -7.65 10.28
N HIS D 102 27.60 -8.58 11.19
CA HIS D 102 28.22 -9.89 11.10
C HIS D 102 27.92 -10.54 9.76
N VAL D 103 26.71 -10.33 9.24
CA VAL D 103 26.34 -10.97 7.99
C VAL D 103 27.31 -10.58 6.91
N ALA D 104 27.65 -9.29 6.84
CA ALA D 104 28.53 -8.81 5.77
C ALA D 104 29.95 -9.36 5.92
N PHE D 105 30.42 -9.60 7.15
CA PHE D 105 31.75 -10.16 7.32
C PHE D 105 31.78 -11.62 6.91
N LYS D 106 30.64 -12.30 6.98
CA LYS D 106 30.51 -13.65 6.45
C LYS D 106 30.37 -13.68 4.96
N MET D 107 30.22 -12.51 4.32
CA MET D 107 29.96 -12.41 2.90
C MET D 107 31.12 -11.82 2.13
N LEU D 108 32.07 -11.17 2.81
CA LEU D 108 33.22 -10.58 2.17
C LEU D 108 34.52 -11.22 2.61
N ASP D 109 34.38 -12.17 3.50
CA ASP D 109 35.52 -12.93 4.07
C ASP D 109 36.17 -13.69 2.93
N THR D 110 37.47 -13.86 2.96
CA THR D 110 38.04 -14.61 1.83
C THR D 110 38.00 -16.08 2.22
N ASP D 111 37.08 -16.83 1.66
CA ASP D 111 36.93 -18.29 1.92
C ASP D 111 36.70 -18.68 3.39
N GLY D 112 35.79 -18.07 4.14
CA GLY D 112 35.38 -18.57 5.48
C GLY D 112 36.03 -17.96 6.71
N ASN D 113 37.16 -17.31 6.60
CA ASN D 113 37.84 -16.60 7.66
C ASN D 113 37.19 -15.23 7.88
N GLU D 114 36.57 -15.03 9.03
CA GLU D 114 35.90 -13.75 9.21
C GLU D 114 36.93 -12.61 9.28
N MET D 115 37.35 -12.13 8.11
CA MET D 115 38.27 -11.01 7.93
C MET D 115 37.98 -10.37 6.59
N ILE D 116 38.25 -9.07 6.49
CA ILE D 116 38.10 -8.33 5.25
C ILE D 116 39.29 -7.40 5.08
N GLU D 117 39.39 -6.77 3.91
CA GLU D 117 40.54 -5.93 3.58
C GLU D 117 40.11 -4.66 2.87
N LYS D 118 41.04 -3.70 2.84
CA LYS D 118 40.80 -2.36 2.33
C LYS D 118 39.91 -2.32 1.10
N ARG D 119 40.18 -3.15 0.11
CA ARG D 119 39.38 -3.13 -1.12
C ARG D 119 37.91 -3.33 -0.80
N GLU D 120 37.61 -4.20 0.15
CA GLU D 120 36.23 -4.52 0.49
C GLU D 120 35.63 -3.55 1.49
N PHE D 121 36.40 -2.63 2.06
CA PHE D 121 35.82 -1.66 2.96
C PHE D 121 34.82 -0.79 2.24
N PHE D 122 35.11 -0.39 1.02
CA PHE D 122 34.14 0.43 0.32
C PHE D 122 32.88 -0.36 0.01
N LYS D 123 33.02 -1.67 -0.23
CA LYS D 123 31.85 -2.49 -0.48
C LYS D 123 30.97 -2.58 0.76
N LEU D 124 31.58 -2.92 1.90
CA LEU D 124 30.82 -3.08 3.14
C LEU D 124 30.08 -1.80 3.48
N GLN D 125 30.71 -0.65 3.30
CA GLN D 125 30.07 0.60 3.67
C GLN D 125 28.75 0.79 2.94
N LYS D 126 28.80 0.88 1.60
CA LYS D 126 27.57 1.06 0.84
C LYS D 126 26.56 0.01 1.24
N ILE D 127 26.99 -1.25 1.16
CA ILE D 127 26.11 -2.38 1.41
C ILE D 127 25.40 -2.24 2.75
N ILE D 128 26.09 -1.79 3.79
CA ILE D 128 25.45 -1.73 5.10
C ILE D 128 24.69 -0.43 5.36
N SER D 129 25.04 0.66 4.68
CA SER D 129 24.29 1.89 4.88
C SER D 129 23.32 2.21 3.75
N LYS D 130 23.45 1.53 2.61
CA LYS D 130 22.53 1.75 1.49
C LYS D 130 21.09 1.46 1.87
N GLN D 131 20.23 2.47 1.71
CA GLN D 131 18.81 2.46 2.07
C GLN D 131 17.91 1.90 0.95
N GLU D 146 29.44 19.57 -3.42
CA GLU D 146 29.94 18.27 -3.01
C GLU D 146 28.92 17.16 -3.26
N ALA D 147 28.44 16.52 -2.19
CA ALA D 147 27.36 15.54 -2.24
C ALA D 147 27.72 14.29 -3.05
N ILE D 148 28.86 13.68 -2.71
CA ILE D 148 29.42 12.61 -3.52
C ILE D 148 29.83 11.45 -2.62
N VAL D 149 29.48 10.23 -3.05
CA VAL D 149 29.83 8.96 -2.40
C VAL D 149 30.70 8.14 -3.36
N LYS D 150 31.43 8.82 -4.23
CA LYS D 150 32.27 8.16 -5.23
C LYS D 150 33.49 7.49 -4.57
N GLU D 151 34.24 6.76 -5.39
CA GLU D 151 35.23 5.80 -4.92
C GLU D 151 36.37 6.48 -4.16
N PRO D 152 37.03 5.74 -3.20
CA PRO D 152 37.82 6.41 -2.15
C PRO D 152 39.28 6.62 -2.50
N GLU D 153 39.67 7.83 -2.88
CA GLU D 153 41.07 8.04 -3.23
C GLU D 153 41.95 8.13 -1.98
N ILE D 154 41.59 9.00 -1.04
CA ILE D 154 42.51 9.42 0.01
C ILE D 154 42.32 8.59 1.27
N ASN D 155 43.39 8.52 2.05
CA ASN D 155 43.40 7.79 3.30
C ASN D 155 42.54 8.51 4.33
N THR D 156 42.00 7.77 5.28
CA THR D 156 41.20 8.33 6.36
C THR D 156 41.51 7.59 7.64
N THR D 157 41.01 8.14 8.77
CA THR D 157 41.33 7.57 10.08
C THR D 157 40.86 6.13 10.22
N LEU D 158 39.64 5.81 9.78
CA LEU D 158 39.18 4.43 9.87
C LEU D 158 40.02 3.52 8.99
N GLN D 159 40.19 3.87 7.71
CA GLN D 159 41.06 3.09 6.84
C GLN D 159 42.38 2.81 7.52
N MET D 160 42.91 3.79 8.24
CA MET D 160 44.24 3.67 8.82
C MET D 160 44.25 2.66 9.96
N ARG D 161 43.37 2.81 10.94
CA ARG D 161 43.45 1.98 12.11
C ARG D 161 43.17 0.53 11.77
N PHE D 162 42.21 0.31 10.88
CA PHE D 162 41.66 -1.02 10.61
C PHE D 162 42.54 -1.82 9.65
N PHE D 163 43.24 -1.14 8.74
CA PHE D 163 44.00 -1.80 7.69
C PHE D 163 45.43 -1.32 7.53
N GLY D 164 45.79 -0.17 8.07
CA GLY D 164 47.16 0.29 7.99
C GLY D 164 47.34 1.31 6.88
N LYS D 165 48.38 2.14 7.05
CA LYS D 165 48.69 3.18 6.07
C LYS D 165 48.76 2.61 4.66
N ARG D 166 49.43 1.47 4.50
CA ARG D 166 49.47 0.78 3.21
C ARG D 166 48.30 -0.15 3.05
N GLY D 167 47.52 -0.36 4.09
CA GLY D 167 46.44 -1.31 3.99
C GLY D 167 46.91 -2.73 3.98
N GLN D 168 48.07 -2.99 4.54
CA GLN D 168 48.54 -4.36 4.53
C GLN D 168 47.91 -5.21 5.61
N ARG D 169 47.04 -4.64 6.43
CA ARG D 169 46.41 -5.40 7.48
C ARG D 169 45.00 -5.81 7.08
N LYS D 170 44.45 -6.75 7.83
CA LYS D 170 43.12 -7.30 7.63
C LYS D 170 42.29 -7.07 8.88
N LEU D 171 40.98 -6.96 8.72
CA LEU D 171 40.07 -6.60 9.81
C LEU D 171 39.25 -7.80 10.24
N HIS D 172 39.62 -8.43 11.35
CA HIS D 172 38.78 -9.50 11.86
C HIS D 172 37.44 -8.95 12.33
N TYR D 173 36.38 -9.77 12.22
CA TYR D 173 35.08 -9.30 12.67
C TYR D 173 35.07 -9.08 14.17
N LYS D 174 35.60 -10.03 14.92
CA LYS D 174 35.61 -9.89 16.37
C LYS D 174 36.18 -8.54 16.81
N GLU D 175 37.17 -8.01 16.08
CA GLU D 175 37.73 -6.72 16.42
C GLU D 175 36.97 -5.59 15.79
N PHE D 176 36.17 -5.84 14.77
CA PHE D 176 35.14 -4.86 14.41
C PHE D 176 34.09 -4.77 15.50
N ARG D 177 33.61 -5.92 15.97
CA ARG D 177 32.58 -5.90 16.99
C ARG D 177 33.06 -5.21 18.25
N ARG D 178 34.35 -5.26 18.54
CA ARG D 178 34.82 -4.48 19.67
C ARG D 178 34.69 -2.99 19.37
N PHE D 179 34.95 -2.58 18.12
CA PHE D 179 34.93 -1.17 17.77
C PHE D 179 33.53 -0.60 17.92
N MET D 180 32.53 -1.24 17.31
CA MET D 180 31.16 -0.78 17.47
C MET D 180 30.78 -0.64 18.94
N GLU D 181 31.22 -1.57 19.78
CA GLU D 181 30.86 -1.53 21.19
C GLU D 181 31.49 -0.35 21.90
N ASN D 182 32.73 -0.01 21.55
CA ASN D 182 33.36 1.10 22.22
C ASN D 182 32.94 2.43 21.64
N LEU D 183 32.63 2.50 20.34
CA LEU D 183 32.03 3.72 19.82
C LEU D 183 30.74 4.01 20.53
N GLN D 184 29.93 2.99 20.74
CA GLN D 184 28.66 3.16 21.44
C GLN D 184 28.91 3.64 22.86
N THR D 185 29.88 3.03 23.53
CA THR D 185 30.23 3.39 24.89
C THR D 185 30.81 4.79 24.97
N GLU D 186 31.42 5.26 23.89
CA GLU D 186 32.05 6.57 23.95
C GLU D 186 30.99 7.66 23.87
N ILE D 187 29.96 7.45 23.06
CA ILE D 187 28.90 8.43 23.00
C ILE D 187 28.17 8.49 24.32
N GLN D 188 28.01 7.35 24.99
CA GLN D 188 27.40 7.35 26.32
C GLN D 188 28.24 8.14 27.29
N GLU D 189 29.52 7.82 27.38
CA GLU D 189 30.38 8.46 28.37
C GLU D 189 30.42 9.94 28.13
N MET D 190 30.38 10.35 26.88
CA MET D 190 30.60 11.73 26.51
C MET D 190 29.32 12.51 26.63
N GLU D 191 28.18 11.91 26.27
CA GLU D 191 26.89 12.55 26.45
C GLU D 191 26.60 12.72 27.92
N PHE D 192 26.86 11.68 28.72
CA PHE D 192 26.68 11.73 30.16
C PHE D 192 27.38 12.92 30.76
N LEU D 193 28.60 13.17 30.33
CA LEU D 193 29.32 14.27 30.93
C LEU D 193 28.86 15.60 30.37
N GLN D 194 28.43 15.62 29.11
CA GLN D 194 27.86 16.83 28.56
C GLN D 194 26.69 17.31 29.38
N PHE D 195 25.71 16.43 29.58
CA PHE D 195 24.47 16.81 30.24
C PHE D 195 24.58 16.88 31.76
N SER D 196 25.55 16.23 32.36
CA SER D 196 25.74 16.44 33.78
C SER D 196 26.56 17.69 34.06
N LYS D 197 26.95 18.42 33.03
CA LYS D 197 27.71 19.66 33.14
C LYS D 197 29.02 19.46 33.88
N GLY D 198 29.58 18.26 33.81
CA GLY D 198 30.89 17.99 34.34
C GLY D 198 30.92 17.24 35.66
N LEU D 199 29.86 17.33 36.45
CA LEU D 199 29.85 16.64 37.74
C LEU D 199 29.88 15.13 37.54
N SER D 200 30.25 14.43 38.62
CA SER D 200 30.42 13.00 38.59
C SER D 200 29.11 12.23 38.54
N PHE D 201 27.99 12.91 38.68
CA PHE D 201 26.70 12.26 38.75
C PHE D 201 25.65 13.11 38.09
N MET D 202 24.84 12.50 37.25
CA MET D 202 23.74 13.16 36.57
C MET D 202 22.56 13.39 37.49
N ARG D 203 22.14 14.62 37.65
CA ARG D 203 20.94 14.86 38.44
C ARG D 203 19.76 14.21 37.77
N LYS D 204 18.76 13.81 38.56
CA LYS D 204 17.57 13.23 37.94
C LYS D 204 17.10 14.12 36.80
N GLU D 205 17.20 15.41 37.00
CA GLU D 205 16.74 16.38 36.02
C GLU D 205 17.62 16.39 34.79
N ASP D 206 18.93 16.16 34.95
CA ASP D 206 19.86 16.18 33.82
C ASP D 206 19.59 15.01 32.89
N PHE D 207 19.23 13.87 33.47
CA PHE D 207 18.83 12.71 32.70
C PHE D 207 17.60 13.02 31.84
N ALA D 208 16.62 13.70 32.41
CA ALA D 208 15.48 14.10 31.62
C ALA D 208 15.87 15.04 30.51
N GLU D 209 16.88 15.86 30.73
CA GLU D 209 17.34 16.77 29.71
C GLU D 209 17.99 16.01 28.56
N TRP D 210 18.67 14.89 28.86
CA TRP D 210 19.27 14.08 27.81
C TRP D 210 18.23 13.30 27.05
N LEU D 211 17.29 12.70 27.78
CA LEU D 211 16.28 11.84 27.17
C LEU D 211 15.40 12.61 26.22
N LEU D 212 15.05 13.83 26.57
CA LEU D 212 14.13 14.63 25.77
C LEU D 212 14.85 15.59 24.85
N PHE D 213 16.16 15.43 24.68
CA PHE D 213 16.92 16.37 23.87
C PHE D 213 16.49 16.33 22.41
N PHE D 214 16.05 15.18 21.90
CA PHE D 214 15.71 15.09 20.49
C PHE D 214 14.23 15.03 20.24
N THR D 215 13.42 15.22 21.28
CA THR D 215 11.98 15.10 21.21
C THR D 215 11.32 16.46 21.04
N ASN D 216 10.55 16.59 19.97
CA ASN D 216 9.81 17.79 19.63
C ASN D 216 8.51 17.36 18.99
N THR D 217 7.77 16.49 19.68
CA THR D 217 6.46 16.02 19.27
C THR D 217 5.39 16.76 20.04
N GLU D 218 4.13 16.33 19.91
CA GLU D 218 3.01 17.16 20.33
C GLU D 218 2.97 17.36 21.82
N ASN D 219 3.58 16.50 22.61
CA ASN D 219 3.37 16.56 24.05
C ASN D 219 4.55 17.17 24.79
N LYS D 220 5.59 17.60 24.08
CA LYS D 220 6.81 18.08 24.74
C LYS D 220 6.48 19.07 25.84
N ASP D 221 5.47 19.91 25.65
CA ASP D 221 5.07 20.80 26.74
C ASP D 221 4.73 19.97 27.99
N ILE D 222 4.00 18.87 27.82
CA ILE D 222 3.52 18.13 28.99
C ILE D 222 4.68 17.46 29.72
N TYR D 223 5.64 16.90 28.97
CA TYR D 223 6.76 16.20 29.58
C TYR D 223 7.60 17.14 30.45
N TRP D 224 7.92 18.32 29.95
CA TRP D 224 8.70 19.25 30.76
C TRP D 224 7.90 19.81 31.94
N LYS D 225 6.58 19.94 31.81
CA LYS D 225 5.78 20.28 32.99
C LYS D 225 6.05 19.31 34.12
N ASN D 226 6.21 18.02 33.80
CA ASN D 226 6.53 17.01 34.80
C ASN D 226 7.98 17.10 35.25
N VAL D 227 8.89 17.33 34.31
CA VAL D 227 10.30 17.53 34.69
C VAL D 227 10.42 18.65 35.70
N ARG D 228 9.87 19.83 35.38
CA ARG D 228 9.95 20.96 36.29
C ARG D 228 9.20 20.69 37.59
N GLU D 229 8.04 20.03 37.51
CA GLU D 229 7.17 19.95 38.68
C GLU D 229 7.47 18.77 39.60
N LYS D 230 7.85 17.62 39.07
CA LYS D 230 7.94 16.40 39.87
C LYS D 230 9.36 15.83 40.01
N LEU D 231 10.31 16.45 39.34
CA LEU D 231 11.74 16.09 39.47
C LEU D 231 12.36 17.28 40.21
N SER D 232 12.58 17.16 41.48
CA SER D 232 13.16 18.31 42.21
C SER D 232 14.41 17.79 42.93
N ALA D 233 14.30 16.63 43.52
CA ALA D 233 15.44 16.03 44.24
C ALA D 233 15.24 14.53 44.41
N GLY D 234 16.34 13.88 44.71
CA GLY D 234 16.43 12.44 44.93
C GLY D 234 17.88 12.02 44.86
N GLU D 235 18.19 10.76 44.76
CA GLU D 235 19.60 10.45 44.63
C GLU D 235 20.09 10.91 43.25
N SER D 236 21.24 10.45 42.83
CA SER D 236 21.83 10.88 41.59
C SER D 236 22.12 9.68 40.72
N ILE D 237 22.11 9.89 39.41
CA ILE D 237 22.33 8.82 38.44
C ILE D 237 23.81 8.78 38.06
N SER D 238 24.43 7.63 38.19
CA SER D 238 25.86 7.54 38.01
C SER D 238 26.16 7.25 36.56
N LEU D 239 27.42 7.00 36.23
CA LEU D 239 27.71 6.71 34.84
C LEU D 239 27.35 5.28 34.48
N ASP D 240 27.48 4.36 35.41
CA ASP D 240 27.11 3.00 35.02
C ASP D 240 25.61 2.79 35.08
N GLU D 241 24.90 3.58 35.88
CA GLU D 241 23.45 3.57 35.85
C GLU D 241 22.93 4.10 34.52
N PHE D 242 23.49 5.22 34.06
CA PHE D 242 23.13 5.79 32.77
C PHE D 242 23.37 4.79 31.66
N LYS D 243 24.60 4.30 31.54
CA LYS D 243 24.93 3.33 30.50
C LYS D 243 23.95 2.18 30.47
N SER D 244 23.56 1.70 31.64
CA SER D 244 22.61 0.60 31.70
C SER D 244 21.26 0.98 31.17
N PHE D 245 20.92 2.27 31.19
CA PHE D 245 19.72 2.74 30.51
C PHE D 245 19.96 2.94 29.03
N CYS D 246 21.18 3.22 28.63
CA CYS D 246 21.43 3.33 27.19
C CYS D 246 21.37 1.96 26.55
N HIS D 247 22.02 0.95 27.15
CA HIS D 247 21.97 -0.41 26.61
C HIS D 247 20.54 -0.86 26.45
N PHE D 248 19.66 -0.39 27.32
CA PHE D 248 18.24 -0.70 27.23
C PHE D 248 17.60 -0.03 26.03
N THR D 249 18.06 1.17 25.66
CA THR D 249 17.49 1.82 24.48
C THR D 249 17.83 1.06 23.21
N THR D 250 18.91 0.31 23.20
CA THR D 250 19.25 -0.53 22.07
C THR D 250 18.17 -1.58 21.81
N HIS D 251 17.72 -2.24 22.88
CA HIS D 251 16.71 -3.30 22.88
C HIS D 251 15.30 -2.77 22.99
N LEU D 252 14.92 -1.71 22.27
CA LEU D 252 13.52 -1.31 22.25
C LEU D 252 12.64 -2.45 21.82
N GLU D 253 13.02 -3.14 20.74
CA GLU D 253 12.09 -4.00 20.02
C GLU D 253 11.49 -5.06 20.93
N ASP D 254 12.27 -5.61 21.85
CA ASP D 254 11.70 -6.58 22.77
C ASP D 254 10.83 -5.91 23.83
N PHE D 255 11.20 -4.71 24.26
CA PHE D 255 10.34 -3.99 25.20
C PHE D 255 9.03 -3.66 24.53
N ALA D 256 9.08 -3.33 23.24
CA ALA D 256 7.88 -3.02 22.49
C ALA D 256 6.90 -4.19 22.51
N ILE D 257 7.37 -5.40 22.21
CA ILE D 257 6.53 -6.58 22.37
C ILE D 257 5.95 -6.59 23.78
N ALA D 258 6.84 -6.52 24.77
CA ALA D 258 6.42 -6.69 26.14
C ALA D 258 5.32 -5.73 26.51
N MET D 259 5.46 -4.46 26.11
CA MET D 259 4.41 -3.49 26.38
C MET D 259 3.16 -3.84 25.62
N GLN D 260 3.31 -4.38 24.41
CA GLN D 260 2.13 -4.74 23.63
C GLN D 260 1.33 -5.83 24.31
N MET D 261 1.99 -6.73 25.03
CA MET D 261 1.29 -7.82 25.67
C MET D 261 0.57 -7.36 26.92
N PHE D 262 1.06 -6.31 27.56
CA PHE D 262 0.36 -5.82 28.73
C PHE D 262 -0.92 -5.09 28.34
N SER D 263 -0.91 -4.39 27.21
CA SER D 263 -2.12 -3.69 26.81
C SER D 263 -3.19 -4.69 26.43
N LEU D 264 -2.83 -5.73 25.64
CA LEU D 264 -3.79 -6.77 25.30
C LEU D 264 -4.43 -7.35 26.56
N ALA D 265 -3.62 -7.67 27.56
CA ALA D 265 -4.10 -8.27 28.80
C ALA D 265 -4.60 -7.24 29.80
N HIS D 266 -4.93 -6.03 29.34
CA HIS D 266 -5.52 -4.97 30.15
C HIS D 266 -4.92 -4.88 31.55
N ARG D 267 -3.60 -5.00 31.65
CA ARG D 267 -2.83 -4.71 32.85
C ARG D 267 -2.26 -3.31 32.75
N PRO D 268 -2.59 -2.40 33.64
CA PRO D 268 -1.85 -1.14 33.68
C PRO D 268 -0.39 -1.43 33.93
N VAL D 269 0.47 -0.71 33.22
CA VAL D 269 1.91 -0.87 33.38
C VAL D 269 2.30 -0.01 34.56
N ARG D 270 2.25 -0.59 35.75
CA ARG D 270 2.71 0.05 36.95
C ARG D 270 4.21 -0.15 37.08
N LEU D 271 4.79 0.43 38.12
CA LEU D 271 6.23 0.39 38.31
C LEU D 271 6.74 -1.05 38.34
N ALA D 272 6.07 -1.89 39.11
CA ALA D 272 6.44 -3.30 39.19
C ALA D 272 6.40 -3.96 37.82
N GLU D 273 5.35 -3.70 37.05
CA GLU D 273 5.20 -4.23 35.70
C GLU D 273 6.38 -3.77 34.84
N PHE D 274 6.79 -2.52 35.03
CA PHE D 274 7.79 -1.85 34.20
C PHE D 274 9.17 -2.41 34.41
N LYS D 275 9.52 -2.75 35.66
CA LYS D 275 10.82 -3.35 35.89
C LYS D 275 10.92 -4.70 35.24
N ARG D 276 9.80 -5.41 35.15
CA ARG D 276 9.80 -6.75 34.55
C ARG D 276 10.04 -6.70 33.05
N ALA D 277 9.43 -5.74 32.34
CA ALA D 277 9.63 -5.67 30.90
C ALA D 277 11.07 -5.37 30.56
N VAL D 278 11.70 -4.48 31.33
CA VAL D 278 13.11 -4.22 31.13
C VAL D 278 13.94 -5.44 31.47
N LYS D 279 13.53 -6.23 32.47
CA LYS D 279 14.34 -7.38 32.85
C LYS D 279 14.34 -8.42 31.73
N VAL D 280 13.18 -8.63 31.11
CA VAL D 280 13.11 -9.63 30.06
C VAL D 280 13.56 -9.05 28.72
N ALA D 281 13.33 -7.76 28.47
CA ALA D 281 13.75 -7.20 27.20
C ALA D 281 15.26 -7.09 27.07
N THR D 282 15.98 -6.91 28.18
CA THR D 282 17.42 -6.73 28.10
C THR D 282 18.20 -7.53 29.13
N GLY D 283 17.55 -8.30 29.99
CA GLY D 283 18.29 -9.00 31.02
C GLY D 283 18.87 -8.11 32.09
N GLN D 284 18.69 -6.81 31.97
CA GLN D 284 19.23 -5.84 32.91
C GLN D 284 18.24 -5.51 34.01
N GLU D 285 18.73 -4.80 35.01
CA GLU D 285 17.92 -4.13 35.99
C GLU D 285 18.23 -2.66 35.85
N LEU D 286 17.29 -1.81 36.23
CA LEU D 286 17.54 -0.39 36.13
C LEU D 286 17.54 0.19 37.53
N SER D 287 18.28 1.26 37.71
CA SER D 287 18.33 1.86 39.03
C SER D 287 17.04 2.62 39.31
N ASN D 288 16.78 2.83 40.60
CA ASN D 288 15.48 3.33 40.99
C ASN D 288 15.32 4.80 40.71
N ASN D 289 16.41 5.54 40.66
CA ASN D 289 16.32 6.94 40.24
C ASN D 289 16.16 7.09 38.73
N ILE D 290 16.53 6.08 37.95
CA ILE D 290 16.13 6.07 36.55
C ILE D 290 14.70 5.60 36.42
N LEU D 291 14.34 4.55 37.14
CA LEU D 291 12.96 4.05 37.12
C LEU D 291 11.99 5.11 37.60
N ASP D 292 12.30 5.78 38.71
CA ASP D 292 11.42 6.81 39.24
C ASP D 292 11.29 7.97 38.26
N THR D 293 12.41 8.37 37.64
CA THR D 293 12.37 9.50 36.72
C THR D 293 11.57 9.18 35.48
N VAL D 294 11.65 7.95 34.98
CA VAL D 294 10.88 7.60 33.80
C VAL D 294 9.39 7.65 34.09
N PHE D 295 8.99 7.25 35.28
CA PHE D 295 7.58 7.34 35.62
C PHE D 295 7.19 8.78 35.87
N LYS D 296 7.89 9.48 36.76
CA LYS D 296 7.51 10.84 37.10
C LYS D 296 7.20 11.69 35.87
N ILE D 297 8.01 11.53 34.81
CA ILE D 297 7.82 12.30 33.59
C ILE D 297 6.72 11.71 32.74
N PHE D 298 6.68 10.39 32.61
CA PHE D 298 5.81 9.77 31.62
C PHE D 298 4.50 9.26 32.19
N ASP D 299 4.29 9.38 33.51
CA ASP D 299 2.99 9.24 34.15
C ASP D 299 2.10 10.41 33.73
N LEU D 300 1.57 10.30 32.52
CA LEU D 300 0.83 11.41 31.93
C LEU D 300 -0.49 11.63 32.66
N ASP D 301 -1.15 10.57 33.10
CA ASP D 301 -2.46 10.67 33.71
C ASP D 301 -2.42 10.73 35.22
N GLY D 302 -1.29 11.08 35.82
CA GLY D 302 -1.22 11.12 37.27
C GLY D 302 -1.71 9.87 37.97
N ASP D 303 -1.77 8.74 37.27
CA ASP D 303 -2.38 7.52 37.77
C ASP D 303 -1.37 6.50 38.24
N GLU D 304 -0.11 6.89 38.43
CA GLU D 304 0.93 5.99 38.88
C GLU D 304 1.19 4.85 37.90
N CYS D 305 0.71 4.99 36.67
CA CYS D 305 0.96 4.06 35.58
C CYS D 305 1.88 4.71 34.56
N LEU D 306 2.36 3.93 33.62
CA LEU D 306 3.23 4.47 32.59
C LEU D 306 2.46 4.64 31.30
N SER D 307 2.77 5.72 30.59
CA SER D 307 2.19 5.98 29.28
C SER D 307 3.17 5.45 28.24
N HIS D 308 3.19 4.11 28.11
CA HIS D 308 4.31 3.47 27.44
C HIS D 308 4.43 3.84 25.98
N GLU D 309 3.32 4.06 25.28
CA GLU D 309 3.46 4.41 23.87
C GLU D 309 4.02 5.81 23.69
N GLU D 310 3.68 6.74 24.58
CA GLU D 310 4.34 8.04 24.59
C GLU D 310 5.83 7.91 24.95
N PHE D 311 6.15 7.11 25.96
CA PHE D 311 7.53 6.83 26.34
C PHE D 311 8.29 6.12 25.23
N LEU D 312 7.72 5.06 24.66
CA LEU D 312 8.43 4.33 23.63
C LEU D 312 8.75 5.22 22.44
N GLY D 313 7.85 6.12 22.10
CA GLY D 313 8.14 7.01 21.01
C GLY D 313 9.27 7.95 21.31
N VAL D 314 9.47 8.27 22.58
CA VAL D 314 10.56 9.13 22.98
C VAL D 314 11.88 8.38 22.94
N LEU D 315 11.88 7.11 23.33
CA LEU D 315 13.06 6.30 23.09
C LEU D 315 13.44 6.31 21.61
N LYS D 316 12.48 6.12 20.71
CA LYS D 316 12.80 6.12 19.28
C LYS D 316 13.24 7.49 18.76
N ASN D 317 12.86 8.57 19.43
CA ASN D 317 13.47 9.86 19.12
C ASN D 317 14.94 9.83 19.48
N ARG D 318 15.26 9.18 20.58
CA ARG D 318 16.55 9.36 21.19
C ARG D 318 17.56 8.56 20.38
N MET D 319 17.12 7.44 19.81
CA MET D 319 17.99 6.63 18.95
C MET D 319 18.16 7.27 17.57
N HIS D 320 17.14 7.93 17.06
CA HIS D 320 17.22 8.46 15.71
C HIS D 320 18.07 9.71 15.62
N ARG D 321 18.31 10.37 16.76
CA ARG D 321 19.18 11.55 16.86
C ARG D 321 18.81 12.61 15.84
N GLY D 322 17.53 12.73 15.52
CA GLY D 322 17.09 13.81 14.64
C GLY D 322 17.48 13.66 13.19
N LEU D 323 17.71 12.42 12.73
CA LEU D 323 18.08 12.12 11.34
C LEU D 323 17.00 11.31 10.58
#